data_2H53
#
_entry.id   2H53
#
_cell.length_a   1.0
_cell.length_b   1.0
_cell.length_c   1.0
_cell.angle_alpha   90.0
_cell.angle_beta   90.0
_cell.angle_gamma   90.0
#
_symmetry.space_group_name_H-M   'P 1'
#
_entity_poly.entity_id   1
_entity_poly.type   'polypeptide(L)'
_entity_poly.pdbx_seq_one_letter_code
;ARMDWKETPEAHVFKADLPGVKKEEVKVEVEDGNVLVVSGERTKEKEDKNDKWHRVERSSGKFVRRFRLLEDAKVEEVKA
GLENGVLTVTVPK
;
_entity_poly.pdbx_strand_id   A,B,C,D,E,F,G,H,I,J,K,L,M,N,O,P,Q,R,S,T,U,V,W,X
#
# COMPACT_ATOMS: atom_id res chain seq x y z
N ALA A 1 -65.47 10.92 4.16
CA ALA A 1 -66.84 10.57 3.79
C ALA A 1 -66.94 9.32 2.92
N ARG A 2 -66.61 8.17 3.49
CA ARG A 2 -66.72 6.91 2.77
C ARG A 2 -68.18 6.77 2.37
N MET A 3 -68.44 6.51 1.10
CA MET A 3 -69.82 6.40 0.63
C MET A 3 -70.14 5.18 -0.20
N ASP A 4 -71.40 4.74 -0.09
CA ASP A 4 -71.90 3.60 -0.87
C ASP A 4 -73.01 4.11 -1.75
N TRP A 5 -73.18 3.46 -2.90
CA TRP A 5 -74.22 3.83 -3.83
C TRP A 5 -74.89 2.55 -4.28
N LYS A 6 -76.14 2.39 -3.89
CA LYS A 6 -76.91 1.22 -4.24
C LYS A 6 -78.09 1.61 -5.13
N GLU A 7 -78.41 0.76 -6.10
CA GLU A 7 -79.53 1.05 -6.98
C GLU A 7 -80.59 -0.03 -6.88
N THR A 8 -81.58 0.20 -6.04
CA THR A 8 -82.68 -0.74 -5.90
C THR A 8 -83.57 -0.38 -7.08
N PRO A 9 -84.51 -1.26 -7.44
CA PRO A 9 -85.39 -0.93 -8.57
C PRO A 9 -86.16 0.38 -8.36
N GLU A 10 -86.49 0.68 -7.11
CA GLU A 10 -87.26 1.86 -6.75
C GLU A 10 -86.50 3.19 -6.67
N ALA A 11 -85.23 3.14 -6.29
CA ALA A 11 -84.46 4.37 -6.18
C ALA A 11 -82.96 4.18 -6.00
N HIS A 12 -82.22 5.28 -6.05
CA HIS A 12 -80.78 5.26 -5.85
C HIS A 12 -80.55 5.62 -4.39
N VAL A 13 -79.84 4.79 -3.65
CA VAL A 13 -79.59 5.05 -2.23
C VAL A 13 -78.11 5.23 -1.94
N PHE A 14 -77.75 6.42 -1.43
CA PHE A 14 -76.37 6.72 -1.09
C PHE A 14 -76.21 6.75 0.42
N LYS A 15 -75.09 6.23 0.90
CA LYS A 15 -74.80 6.22 2.32
C LYS A 15 -73.45 6.90 2.52
N ALA A 16 -73.32 7.65 3.60
CA ALA A 16 -72.07 8.32 3.87
C ALA A 16 -71.77 8.29 5.36
N ASP A 17 -70.60 7.77 5.71
CA ASP A 17 -70.24 7.73 7.11
C ASP A 17 -69.75 9.10 7.51
N LEU A 18 -70.56 9.78 8.31
CA LEU A 18 -70.24 11.11 8.79
C LEU A 18 -70.44 11.15 10.29
N PRO A 19 -69.69 10.33 11.02
CA PRO A 19 -69.81 10.28 12.49
C PRO A 19 -69.57 11.62 13.18
N GLY A 20 -70.42 11.92 14.16
CA GLY A 20 -70.30 13.15 14.92
C GLY A 20 -70.55 14.44 14.16
N VAL A 21 -71.19 14.33 13.00
CA VAL A 21 -71.47 15.50 12.19
C VAL A 21 -72.91 15.96 12.38
N LYS A 22 -73.10 17.28 12.44
CA LYS A 22 -74.44 17.84 12.61
C LYS A 22 -74.93 18.34 11.26
N LYS A 23 -76.22 18.21 11.01
CA LYS A 23 -76.83 18.64 9.75
C LYS A 23 -76.42 20.03 9.27
N GLU A 24 -76.12 20.93 10.21
CA GLU A 24 -75.71 22.28 9.82
C GLU A 24 -74.30 22.28 9.24
N GLU A 25 -73.66 21.11 9.26
CA GLU A 25 -72.30 20.96 8.76
C GLU A 25 -72.21 20.14 7.48
N VAL A 26 -73.33 19.56 7.04
CA VAL A 26 -73.39 18.76 5.84
C VAL A 26 -74.30 19.39 4.79
N LYS A 27 -74.04 19.14 3.54
CA LYS A 27 -74.85 19.73 2.49
C LYS A 27 -75.09 18.77 1.34
N VAL A 28 -76.35 18.58 0.99
CA VAL A 28 -76.73 17.70 -0.11
C VAL A 28 -77.42 18.56 -1.16
N GLU A 29 -76.78 18.71 -2.32
CA GLU A 29 -77.34 19.53 -3.38
C GLU A 29 -77.43 18.74 -4.68
N VAL A 30 -78.05 19.34 -5.68
CA VAL A 30 -78.18 18.71 -6.98
C VAL A 30 -77.75 19.76 -8.01
N GLU A 31 -76.84 19.38 -8.90
CA GLU A 31 -76.33 20.30 -9.90
C GLU A 31 -76.58 19.79 -11.31
N ASP A 32 -76.75 20.74 -12.23
CA ASP A 32 -76.98 20.42 -13.62
C ASP A 32 -77.91 19.24 -13.85
N GLY A 33 -79.02 19.24 -13.10
CA GLY A 33 -80.01 18.18 -13.24
C GLY A 33 -79.71 16.75 -12.82
N ASN A 34 -78.48 16.28 -13.05
CA ASN A 34 -78.17 14.90 -12.68
C ASN A 34 -76.90 14.67 -11.87
N VAL A 35 -76.50 15.63 -11.05
CA VAL A 35 -75.29 15.46 -10.25
C VAL A 35 -75.51 15.66 -8.77
N LEU A 36 -75.51 14.55 -8.02
CA LEU A 36 -75.70 14.62 -6.59
C LEU A 36 -74.39 15.13 -6.01
N VAL A 37 -74.49 16.05 -5.06
CA VAL A 37 -73.30 16.61 -4.44
C VAL A 37 -73.40 16.55 -2.92
N VAL A 38 -72.40 15.95 -2.30
CA VAL A 38 -72.36 15.85 -0.84
C VAL A 38 -71.07 16.50 -0.35
N SER A 39 -71.21 17.47 0.55
CA SER A 39 -70.05 18.18 1.09
C SER A 39 -70.28 18.61 2.54
N GLY A 40 -69.21 19.05 3.19
CA GLY A 40 -69.33 19.48 4.57
C GLY A 40 -68.01 19.61 5.29
N GLU A 41 -68.08 19.67 6.61
CA GLU A 41 -66.89 19.78 7.45
C GLU A 41 -67.28 19.68 8.92
N ARG A 42 -66.86 18.61 9.58
CA ARG A 42 -67.16 18.41 10.99
C ARG A 42 -66.56 19.55 11.79
N THR A 43 -67.38 20.20 12.60
CA THR A 43 -66.95 21.33 13.42
C THR A 43 -66.00 20.90 14.52
N LYS A 44 -65.27 21.88 15.06
CA LYS A 44 -64.35 21.63 16.15
C LYS A 44 -65.18 21.32 17.37
N GLU A 45 -64.81 20.28 18.09
CA GLU A 45 -65.53 19.90 19.30
C GLU A 45 -65.25 20.99 20.33
N LYS A 46 -66.27 21.78 20.64
CA LYS A 46 -66.15 22.86 21.61
C LYS A 46 -65.97 22.27 23.00
N GLU A 47 -65.09 21.27 23.08
CA GLU A 47 -64.82 20.59 24.34
C GLU A 47 -63.70 21.28 25.11
N ASP A 48 -63.73 21.09 26.42
CA ASP A 48 -62.79 21.67 27.36
C ASP A 48 -61.47 22.14 26.78
N LYS A 49 -61.32 23.45 26.63
CA LYS A 49 -60.08 24.03 26.11
C LYS A 49 -59.12 23.81 27.29
N ASN A 50 -57.99 23.16 27.03
CA ASN A 50 -56.95 22.85 28.01
C ASN A 50 -56.77 21.35 28.22
N ASP A 51 -57.70 20.55 27.70
CA ASP A 51 -57.62 19.11 27.86
C ASP A 51 -56.32 18.55 27.31
N LYS A 52 -55.89 17.41 27.83
CA LYS A 52 -54.68 16.78 27.36
C LYS A 52 -55.04 15.74 26.32
N TRP A 53 -54.44 15.84 25.13
CA TRP A 53 -54.71 14.90 24.06
C TRP A 53 -53.68 13.78 24.03
N HIS A 54 -54.03 12.63 24.58
CA HIS A 54 -53.14 11.47 24.59
C HIS A 54 -53.03 10.86 23.20
N ARG A 55 -54.18 10.64 22.55
CA ARG A 55 -54.20 10.04 21.24
C ARG A 55 -55.36 10.60 20.41
N VAL A 56 -55.07 10.94 19.16
CA VAL A 56 -56.09 11.50 18.27
C VAL A 56 -56.07 10.83 16.91
N GLU A 57 -57.05 9.97 16.65
CA GLU A 57 -57.14 9.30 15.36
C GLU A 57 -58.24 9.95 14.54
N ARG A 58 -59.35 10.28 15.20
CA ARG A 58 -60.48 10.90 14.54
C ARG A 58 -60.02 12.29 14.11
N SER A 59 -59.75 12.43 12.81
CA SER A 59 -59.29 13.71 12.30
C SER A 59 -59.97 13.99 10.96
N SER A 60 -61.17 14.55 11.01
CA SER A 60 -61.95 14.85 9.81
C SER A 60 -61.81 16.30 9.35
N GLY A 61 -62.02 16.53 8.05
CA GLY A 61 -61.92 17.87 7.50
C GLY A 61 -62.93 18.14 6.41
N LYS A 62 -62.72 19.21 5.65
CA LYS A 62 -63.61 19.59 4.56
C LYS A 62 -63.56 18.56 3.45
N PHE A 63 -64.64 18.47 2.66
CA PHE A 63 -64.72 17.51 1.57
C PHE A 63 -65.93 17.74 0.68
N VAL A 64 -65.83 17.37 -0.59
CA VAL A 64 -66.94 17.48 -1.53
C VAL A 64 -66.94 16.26 -2.46
N ARG A 65 -68.12 15.67 -2.63
CA ARG A 65 -68.28 14.49 -3.47
C ARG A 65 -69.42 14.65 -4.47
N ARG A 66 -69.23 14.10 -5.67
CA ARG A 66 -70.25 14.18 -6.70
C ARG A 66 -70.47 12.88 -7.43
N PHE A 67 -71.73 12.59 -7.75
CA PHE A 67 -72.10 11.37 -8.48
C PHE A 67 -72.99 11.72 -9.67
N ARG A 68 -72.77 11.05 -10.79
CA ARG A 68 -73.59 11.32 -11.95
C ARG A 68 -74.77 10.36 -11.98
N LEU A 69 -75.96 10.89 -11.71
CA LEU A 69 -77.18 10.11 -11.71
C LEU A 69 -77.45 9.62 -13.13
N LEU A 70 -78.12 8.48 -13.25
CA LEU A 70 -78.43 7.92 -14.56
C LEU A 70 -79.54 8.70 -15.23
N GLU A 71 -80.36 9.37 -14.43
CA GLU A 71 -81.48 10.16 -14.94
C GLU A 71 -81.65 11.44 -14.11
N ASP A 72 -82.08 12.51 -14.75
CA ASP A 72 -82.32 13.75 -14.05
C ASP A 72 -83.26 13.47 -12.89
N ALA A 73 -82.89 13.93 -11.70
CA ALA A 73 -83.69 13.68 -10.51
C ALA A 73 -84.73 14.77 -10.25
N LYS A 74 -85.86 14.36 -9.67
CA LYS A 74 -86.91 15.29 -9.31
C LYS A 74 -86.56 15.78 -7.92
N VAL A 75 -85.73 16.82 -7.88
CA VAL A 75 -85.25 17.39 -6.65
C VAL A 75 -86.22 17.49 -5.46
N GLU A 76 -87.51 17.64 -5.72
CA GLU A 76 -88.45 17.75 -4.62
C GLU A 76 -88.78 16.39 -4.02
N GLU A 77 -88.34 15.33 -4.69
CA GLU A 77 -88.59 13.97 -4.24
C GLU A 77 -87.38 13.35 -3.54
N VAL A 78 -86.24 14.02 -3.62
CA VAL A 78 -85.01 13.54 -2.99
C VAL A 78 -85.09 13.70 -1.47
N LYS A 79 -84.89 12.60 -0.75
CA LYS A 79 -84.92 12.60 0.71
C LYS A 79 -83.51 12.44 1.28
N ALA A 80 -83.21 13.17 2.35
CA ALA A 80 -81.90 13.11 2.98
C ALA A 80 -82.03 13.11 4.50
N GLY A 81 -81.51 12.06 5.15
CA GLY A 81 -81.60 11.97 6.58
C GLY A 81 -80.27 11.65 7.23
N LEU A 82 -80.05 12.20 8.41
CA LEU A 82 -78.82 11.97 9.15
C LEU A 82 -79.17 11.24 10.43
N GLU A 83 -78.54 10.09 10.65
CA GLU A 83 -78.82 9.31 11.84
C GLU A 83 -77.69 8.36 12.22
N ASN A 84 -77.32 8.36 13.50
CA ASN A 84 -76.23 7.51 14.00
C ASN A 84 -74.98 7.64 13.16
N GLY A 85 -74.64 8.89 12.82
CA GLY A 85 -73.44 9.17 12.04
C GLY A 85 -73.49 8.80 10.58
N VAL A 86 -74.64 8.34 10.10
CA VAL A 86 -74.79 7.94 8.70
C VAL A 86 -75.75 8.79 7.91
N LEU A 87 -75.24 9.44 6.86
CA LEU A 87 -76.07 10.26 6.00
C LEU A 87 -76.68 9.34 4.95
N THR A 88 -77.95 9.55 4.66
CA THR A 88 -78.63 8.72 3.67
C THR A 88 -79.38 9.59 2.68
N VAL A 89 -79.07 9.42 1.40
CA VAL A 89 -79.72 10.21 0.37
C VAL A 89 -80.45 9.26 -0.58
N THR A 90 -81.77 9.35 -0.60
CA THR A 90 -82.56 8.49 -1.47
C THR A 90 -83.07 9.29 -2.67
N VAL A 91 -82.83 8.78 -3.87
CA VAL A 91 -83.26 9.44 -5.09
C VAL A 91 -84.23 8.55 -5.85
N PRO A 92 -85.54 8.87 -5.80
CA PRO A 92 -86.60 8.12 -6.47
C PRO A 92 -86.43 8.09 -7.99
N LYS A 93 -86.47 6.90 -8.57
CA LYS A 93 -86.37 6.78 -10.02
C LYS A 93 -87.77 6.75 -10.60
N ALA B 1 -62.18 1.03 14.06
CA ALA B 1 -62.93 2.06 14.76
C ALA B 1 -61.93 3.11 15.25
N ARG B 2 -62.04 4.33 14.73
CA ARG B 2 -61.13 5.41 15.12
C ARG B 2 -61.48 5.95 16.49
N MET B 3 -60.48 6.04 17.35
CA MET B 3 -60.68 6.51 18.71
C MET B 3 -59.70 7.56 19.19
N ASP B 4 -60.21 8.52 19.95
CA ASP B 4 -59.41 9.58 20.54
C ASP B 4 -59.31 9.27 22.02
N TRP B 5 -58.23 9.72 22.64
CA TRP B 5 -58.01 9.53 24.06
C TRP B 5 -57.54 10.86 24.65
N LYS B 6 -58.47 11.54 25.32
CA LYS B 6 -58.20 12.81 25.97
C LYS B 6 -58.29 12.68 27.48
N GLU B 7 -57.62 13.58 28.19
CA GLU B 7 -57.64 13.55 29.64
C GLU B 7 -58.09 14.87 30.22
N THR B 8 -59.09 14.80 31.10
CA THR B 8 -59.61 15.99 31.76
C THR B 8 -59.12 15.91 33.20
N PRO B 9 -59.23 17.02 33.94
CA PRO B 9 -58.77 16.96 35.33
C PRO B 9 -59.53 15.88 36.11
N GLU B 10 -60.76 15.63 35.68
CA GLU B 10 -61.63 14.65 36.34
C GLU B 10 -61.56 13.22 35.80
N ALA B 11 -61.31 13.07 34.50
CA ALA B 11 -61.27 11.72 33.93
C ALA B 11 -60.64 11.60 32.55
N HIS B 12 -60.36 10.36 32.17
CA HIS B 12 -59.80 10.07 30.85
C HIS B 12 -61.03 9.80 29.99
N VAL B 13 -61.12 10.51 28.87
CA VAL B 13 -62.26 10.36 27.97
C VAL B 13 -61.87 9.76 26.64
N PHE B 14 -62.61 8.73 26.24
CA PHE B 14 -62.35 8.05 24.98
C PHE B 14 -63.51 8.28 24.01
N LYS B 15 -63.18 8.53 22.75
CA LYS B 15 -64.19 8.75 21.71
C LYS B 15 -63.98 7.72 20.61
N ALA B 16 -65.07 7.26 19.98
CA ALA B 16 -64.94 6.27 18.92
C ALA B 16 -65.96 6.52 17.83
N ASP B 17 -65.51 6.58 16.58
CA ASP B 17 -66.42 6.78 15.46
C ASP B 17 -67.05 5.42 15.19
N LEU B 18 -68.37 5.33 15.33
CA LEU B 18 -69.08 4.09 15.09
C LEU B 18 -70.35 4.37 14.30
N PRO B 19 -70.20 5.01 13.13
CA PRO B 19 -71.40 5.30 12.33
C PRO B 19 -72.19 4.04 12.00
N GLY B 20 -73.51 4.16 12.01
CA GLY B 20 -74.38 3.04 11.68
C GLY B 20 -74.40 1.88 12.66
N VAL B 21 -74.02 2.14 13.91
CA VAL B 21 -74.01 1.08 14.91
C VAL B 21 -75.01 1.40 16.03
N LYS B 22 -75.94 0.49 16.26
CA LYS B 22 -76.93 0.69 17.32
C LYS B 22 -76.31 0.25 18.65
N LYS B 23 -76.71 0.88 19.74
CA LYS B 23 -76.17 0.55 21.05
C LYS B 23 -76.29 -0.91 21.44
N GLU B 24 -77.09 -1.68 20.70
CA GLU B 24 -77.26 -3.10 20.99
C GLU B 24 -76.16 -3.91 20.33
N GLU B 25 -75.37 -3.26 19.48
CA GLU B 25 -74.28 -3.91 18.76
C GLU B 25 -72.91 -3.54 19.32
N VAL B 26 -72.89 -2.66 20.31
CA VAL B 26 -71.65 -2.21 20.93
C VAL B 26 -71.54 -2.74 22.36
N LYS B 27 -70.34 -3.09 22.76
CA LYS B 27 -70.10 -3.59 24.11
C LYS B 27 -68.93 -2.81 24.73
N VAL B 28 -69.13 -2.32 25.94
CA VAL B 28 -68.08 -1.58 26.64
C VAL B 28 -67.75 -2.31 27.94
N GLU B 29 -66.52 -2.79 28.07
CA GLU B 29 -66.14 -3.50 29.27
C GLU B 29 -64.75 -3.16 29.80
N VAL B 30 -64.44 -3.77 30.93
CA VAL B 30 -63.15 -3.61 31.60
C VAL B 30 -62.67 -5.03 31.91
N GLU B 31 -61.66 -5.47 31.17
CA GLU B 31 -61.09 -6.80 31.35
C GLU B 31 -59.87 -6.73 32.25
N ASP B 32 -59.44 -7.89 32.73
CA ASP B 32 -58.27 -8.01 33.59
C ASP B 32 -58.15 -6.92 34.65
N GLY B 33 -59.28 -6.34 35.03
CA GLY B 33 -59.28 -5.31 36.05
C GLY B 33 -58.97 -3.90 35.60
N ASN B 34 -58.15 -3.75 34.56
CA ASN B 34 -57.81 -2.40 34.11
C ASN B 34 -57.64 -2.20 32.61
N VAL B 35 -58.31 -3.02 31.81
CA VAL B 35 -58.22 -2.88 30.36
C VAL B 35 -59.59 -2.57 29.76
N LEU B 36 -59.74 -1.36 29.26
CA LEU B 36 -60.99 -0.93 28.64
C LEU B 36 -61.13 -1.64 27.28
N VAL B 37 -62.26 -2.32 27.08
CA VAL B 37 -62.48 -3.02 25.82
C VAL B 37 -63.76 -2.55 25.13
N VAL B 38 -63.59 -1.94 23.97
CA VAL B 38 -64.71 -1.46 23.18
C VAL B 38 -64.80 -2.36 21.95
N SER B 39 -65.91 -3.07 21.81
CA SER B 39 -66.06 -3.96 20.68
C SER B 39 -67.52 -4.05 20.24
N GLY B 40 -67.71 -4.57 19.04
CA GLY B 40 -69.05 -4.71 18.50
C GLY B 40 -68.97 -5.05 17.02
N GLU B 41 -70.08 -4.92 16.32
CA GLU B 41 -70.10 -5.24 14.90
C GLU B 41 -70.88 -4.21 14.09
N ARG B 42 -70.37 -3.91 12.91
CA ARG B 42 -71.01 -2.96 12.02
C ARG B 42 -71.65 -3.86 10.96
N THR B 43 -72.86 -4.33 11.27
CA THR B 43 -73.59 -5.24 10.41
C THR B 43 -73.70 -4.85 8.94
N LYS B 44 -73.38 -5.79 8.07
CA LYS B 44 -73.46 -5.59 6.63
C LYS B 44 -74.90 -5.79 6.18
N GLU B 45 -75.42 -4.83 5.44
CA GLU B 45 -76.79 -4.88 4.95
C GLU B 45 -76.87 -5.64 3.64
N LYS B 46 -76.59 -6.95 3.70
CA LYS B 46 -76.60 -7.80 2.51
C LYS B 46 -77.73 -7.60 1.50
N GLU B 47 -78.97 -7.50 1.98
CA GLU B 47 -80.12 -7.28 1.12
C GLU B 47 -80.44 -8.36 0.07
N ASP B 48 -81.06 -7.94 -1.03
CA ASP B 48 -81.46 -8.82 -2.10
C ASP B 48 -80.69 -8.63 -3.41
N LYS B 49 -80.82 -9.62 -4.30
CA LYS B 49 -80.14 -9.61 -5.60
C LYS B 49 -80.79 -8.65 -6.60
N ASN B 50 -81.96 -8.13 -6.25
CA ASN B 50 -82.64 -7.18 -7.12
C ASN B 50 -81.79 -5.91 -7.17
N ASP B 51 -81.05 -5.68 -6.09
CA ASP B 51 -80.20 -4.50 -5.96
C ASP B 51 -78.97 -4.54 -6.83
N LYS B 52 -78.35 -3.37 -7.00
CA LYS B 52 -77.16 -3.23 -7.83
C LYS B 52 -76.22 -2.24 -7.14
N TRP B 53 -74.97 -2.63 -6.95
CA TRP B 53 -74.02 -1.74 -6.29
C TRP B 53 -73.08 -1.01 -7.24
N HIS B 54 -73.13 0.32 -7.20
CA HIS B 54 -72.29 1.14 -8.07
C HIS B 54 -71.04 1.61 -7.36
N ARG B 55 -71.07 1.63 -6.04
CA ARG B 55 -69.92 2.06 -5.27
C ARG B 55 -70.01 1.52 -3.85
N VAL B 56 -68.89 1.08 -3.32
CA VAL B 56 -68.85 0.54 -1.97
C VAL B 56 -67.53 0.94 -1.33
N GLU B 57 -67.60 1.83 -0.34
CA GLU B 57 -66.40 2.30 0.36
C GLU B 57 -66.52 2.10 1.86
N ARG B 58 -67.75 1.95 2.32
CA ARG B 58 -67.96 1.78 3.74
C ARG B 58 -67.65 0.37 4.21
N SER B 59 -66.98 0.26 5.35
CA SER B 59 -66.62 -1.05 5.89
C SER B 59 -67.71 -1.61 6.79
N SER B 60 -67.61 -2.91 7.07
CA SER B 60 -68.55 -3.59 7.93
C SER B 60 -67.81 -4.72 8.62
N GLY B 61 -68.44 -5.31 9.63
CA GLY B 61 -67.81 -6.40 10.34
C GLY B 61 -67.53 -6.08 11.80
N LYS B 62 -66.64 -6.87 12.38
CA LYS B 62 -66.29 -6.71 13.79
C LYS B 62 -65.19 -5.69 14.01
N PHE B 63 -65.22 -5.04 15.18
CA PHE B 63 -64.21 -4.08 15.57
C PHE B 63 -63.86 -4.32 17.04
N VAL B 64 -62.60 -4.11 17.40
CA VAL B 64 -62.13 -4.32 18.76
C VAL B 64 -61.10 -3.26 19.15
N ARG B 65 -61.32 -2.60 20.29
CA ARG B 65 -60.37 -1.60 20.75
C ARG B 65 -60.07 -1.73 22.23
N ARG B 66 -58.79 -1.72 22.57
CA ARG B 66 -58.36 -1.87 23.95
C ARG B 66 -57.39 -0.80 24.45
N PHE B 67 -57.68 -0.24 25.62
CA PHE B 67 -56.82 0.76 26.22
C PHE B 67 -56.55 0.31 27.64
N ARG B 68 -55.33 0.52 28.12
CA ARG B 68 -55.01 0.12 29.49
C ARG B 68 -55.22 1.31 30.42
N LEU B 69 -56.21 1.17 31.31
CA LEU B 69 -56.53 2.22 32.27
C LEU B 69 -55.52 2.16 33.43
N LEU B 70 -55.61 3.13 34.33
CA LEU B 70 -54.72 3.17 35.49
C LEU B 70 -55.12 2.12 36.52
N GLU B 71 -54.11 1.55 37.19
CA GLU B 71 -54.35 0.55 38.23
C GLU B 71 -55.25 1.13 39.32
N ASP B 72 -55.43 2.44 39.29
CA ASP B 72 -56.28 3.14 40.26
C ASP B 72 -57.27 4.06 39.54
N ALA B 73 -58.22 3.45 38.85
CA ALA B 73 -59.23 4.21 38.12
C ALA B 73 -60.60 3.75 38.59
N LYS B 74 -61.55 4.67 38.62
CA LYS B 74 -62.91 4.37 39.05
C LYS B 74 -63.58 3.38 38.09
N VAL B 75 -63.06 2.17 38.04
CA VAL B 75 -63.58 1.11 37.17
C VAL B 75 -65.09 0.90 37.31
N GLU B 76 -65.64 1.18 38.49
CA GLU B 76 -67.08 1.02 38.71
C GLU B 76 -67.84 2.27 38.31
N GLU B 77 -67.12 3.33 37.97
CA GLU B 77 -67.76 4.58 37.59
C GLU B 77 -67.60 4.97 36.13
N VAL B 78 -67.23 4.01 35.29
CA VAL B 78 -67.06 4.27 33.86
C VAL B 78 -68.41 4.40 33.17
N LYS B 79 -68.59 5.49 32.44
CA LYS B 79 -69.85 5.71 31.73
C LYS B 79 -69.59 5.53 30.24
N ALA B 80 -70.64 5.25 29.48
CA ALA B 80 -70.51 5.06 28.05
C ALA B 80 -71.75 5.61 27.36
N GLY B 81 -71.55 6.59 26.50
CA GLY B 81 -72.65 7.18 25.77
C GLY B 81 -72.47 7.03 24.29
N LEU B 82 -73.57 6.92 23.55
CA LEU B 82 -73.53 6.77 22.11
C LEU B 82 -74.50 7.71 21.44
N GLU B 83 -73.99 8.63 20.64
CA GLU B 83 -74.84 9.60 19.96
C GLU B 83 -74.22 10.08 18.65
N ASN B 84 -75.05 10.17 17.62
CA ASN B 84 -74.60 10.62 16.30
C ASN B 84 -73.37 9.85 15.78
N GLY B 85 -73.41 8.53 15.93
CA GLY B 85 -72.32 7.70 15.46
C GLY B 85 -71.02 7.83 16.22
N VAL B 86 -71.03 8.50 17.37
CA VAL B 86 -69.82 8.64 18.16
C VAL B 86 -70.02 8.10 19.58
N LEU B 87 -69.14 7.19 19.98
CA LEU B 87 -69.19 6.58 21.30
C LEU B 87 -68.25 7.34 22.24
N THR B 88 -68.72 7.60 23.45
CA THR B 88 -67.89 8.32 24.43
C THR B 88 -67.83 7.53 25.73
N VAL B 89 -66.62 7.24 26.19
CA VAL B 89 -66.43 6.51 27.42
C VAL B 89 -65.70 7.41 28.41
N THR B 90 -66.27 7.56 29.60
CA THR B 90 -65.67 8.42 30.62
C THR B 90 -65.14 7.60 31.79
N VAL B 91 -63.82 7.56 31.91
CA VAL B 91 -63.20 6.82 33.00
C VAL B 91 -62.72 7.77 34.08
N PRO B 92 -63.49 7.91 35.17
CA PRO B 92 -63.16 8.79 36.30
C PRO B 92 -61.78 8.50 36.90
N LYS B 93 -61.07 9.56 37.25
CA LYS B 93 -59.74 9.41 37.84
C LYS B 93 -59.84 9.35 39.35
N ALA C 1 53.30 1.79 -39.74
CA ALA C 1 54.27 2.55 -40.52
C ALA C 1 54.12 4.07 -40.38
N ARG C 2 54.39 4.59 -39.20
CA ARG C 2 54.33 6.02 -38.96
C ARG C 2 55.33 6.65 -39.94
N MET C 3 54.90 7.64 -40.70
CA MET C 3 55.77 8.27 -41.68
C MET C 3 55.82 9.78 -41.66
N ASP C 4 56.98 10.31 -42.03
CA ASP C 4 57.19 11.76 -42.12
C ASP C 4 57.50 12.08 -43.56
N TRP C 5 57.14 13.28 -43.98
CA TRP C 5 57.40 13.73 -45.33
C TRP C 5 57.94 15.14 -45.23
N LYS C 6 59.21 15.29 -45.59
CA LYS C 6 59.87 16.58 -45.56
C LYS C 6 60.26 17.01 -46.97
N GLU C 7 60.15 18.30 -47.25
CA GLU C 7 60.53 18.79 -48.56
C GLU C 7 61.65 19.80 -48.46
N THR C 8 62.88 19.33 -48.64
CA THR C 8 64.03 20.22 -48.61
C THR C 8 64.03 20.78 -50.02
N PRO C 9 64.77 21.87 -50.26
CA PRO C 9 64.80 22.43 -51.61
C PRO C 9 65.28 21.43 -52.66
N GLU C 10 66.18 20.53 -52.25
CA GLU C 10 66.77 19.54 -53.14
C GLU C 10 65.93 18.29 -53.43
N ALA C 11 65.12 17.85 -52.48
CA ALA C 11 64.32 16.66 -52.69
C ALA C 11 63.23 16.42 -51.65
N HIS C 12 62.39 15.43 -51.90
CA HIS C 12 61.33 15.05 -50.98
C HIS C 12 61.88 13.88 -50.18
N VAL C 13 61.88 13.97 -48.86
CA VAL C 13 62.40 12.90 -48.01
C VAL C 13 61.32 12.30 -47.12
N PHE C 14 61.08 10.99 -47.30
CA PHE C 14 60.08 10.29 -46.50
C PHE C 14 60.78 9.36 -45.52
N LYS C 15 60.23 9.28 -44.32
CA LYS C 15 60.78 8.41 -43.29
C LYS C 15 59.66 7.50 -42.82
N ALA C 16 60.00 6.25 -42.52
CA ALA C 16 59.00 5.32 -42.05
C ALA C 16 59.59 4.43 -40.96
N ASP C 17 58.93 4.41 -39.81
CA ASP C 17 59.42 3.57 -38.74
C ASP C 17 58.97 2.16 -39.01
N LEU C 18 59.93 1.32 -39.36
CA LEU C 18 59.68 -0.08 -39.66
C LEU C 18 60.66 -0.94 -38.88
N PRO C 19 60.61 -0.85 -37.55
CA PRO C 19 61.52 -1.63 -36.71
C PRO C 19 61.44 -3.14 -36.93
N GLY C 20 62.62 -3.77 -36.96
CA GLY C 20 62.69 -5.21 -37.15
C GLY C 20 62.23 -5.75 -38.49
N VAL C 21 62.13 -4.87 -39.48
CA VAL C 21 61.68 -5.28 -40.80
C VAL C 21 62.87 -5.47 -41.74
N LYS C 22 62.80 -6.52 -42.56
CA LYS C 22 63.86 -6.80 -43.51
C LYS C 22 63.42 -6.32 -44.89
N LYS C 23 64.36 -5.82 -45.68
CA LYS C 23 64.08 -5.32 -47.02
C LYS C 23 63.21 -6.23 -47.89
N GLU C 24 63.30 -7.54 -47.67
CA GLU C 24 62.50 -8.47 -48.45
C GLU C 24 61.03 -8.42 -48.03
N GLU C 25 60.75 -7.63 -47.00
CA GLU C 25 59.40 -7.49 -46.46
C GLU C 25 58.78 -6.12 -46.72
N VAL C 26 59.57 -5.19 -47.27
CA VAL C 26 59.11 -3.85 -47.57
C VAL C 26 59.15 -3.57 -49.07
N LYS C 27 58.30 -2.70 -49.54
CA LYS C 27 58.27 -2.41 -50.97
C LYS C 27 58.01 -0.94 -51.25
N VAL C 28 58.89 -0.34 -52.04
CA VAL C 28 58.76 1.07 -52.41
C VAL C 28 58.57 1.12 -53.93
N GLU C 29 57.39 1.54 -54.36
CA GLU C 29 57.10 1.61 -55.78
C GLU C 29 56.61 3.00 -56.16
N VAL C 30 56.45 3.22 -57.46
CA VAL C 30 55.96 4.49 -57.96
C VAL C 30 54.84 4.16 -58.95
N GLU C 31 53.69 4.80 -58.77
CA GLU C 31 52.54 4.54 -59.63
C GLU C 31 52.07 5.80 -60.33
N ASP C 32 51.51 5.61 -61.52
CA ASP C 32 51.00 6.71 -62.31
C ASP C 32 51.86 7.96 -62.28
N GLY C 33 53.17 7.75 -62.44
CA GLY C 33 54.11 8.87 -62.46
C GLY C 33 54.37 9.70 -61.22
N ASN C 34 53.34 9.97 -60.41
CA ASN C 34 53.56 10.79 -59.22
C ASN C 34 53.03 10.26 -57.90
N VAL C 35 52.96 8.94 -57.74
CA VAL C 35 52.45 8.39 -56.49
C VAL C 35 53.41 7.42 -55.82
N LEU C 36 54.03 7.87 -54.74
CA LEU C 36 54.97 7.03 -54.00
C LEU C 36 54.12 6.04 -53.23
N VAL C 37 54.54 4.78 -53.24
CA VAL C 37 53.80 3.75 -52.53
C VAL C 37 54.73 2.94 -51.63
N VAL C 38 54.38 2.86 -50.35
CA VAL C 38 55.18 2.10 -49.39
C VAL C 38 54.27 1.04 -48.75
N SER C 39 54.68 -0.22 -48.84
CA SER C 39 53.90 -1.31 -48.29
C SER C 39 54.79 -2.43 -47.78
N GLY C 40 54.20 -3.37 -47.05
CA GLY C 40 54.97 -4.49 -46.53
C GLY C 40 54.27 -5.26 -45.44
N GLU C 41 55.04 -6.06 -44.71
CA GLU C 41 54.52 -6.86 -43.61
C GLU C 41 55.66 -7.55 -42.88
N ARG C 42 55.89 -7.16 -41.63
CA ARG C 42 56.95 -7.75 -40.82
C ARG C 42 56.68 -9.23 -40.66
N THR C 43 57.67 -10.05 -41.00
CA THR C 43 57.55 -11.50 -40.92
C THR C 43 57.46 -11.99 -39.48
N LYS C 44 56.97 -13.22 -39.31
CA LYS C 44 56.88 -13.82 -38.00
C LYS C 44 58.28 -14.12 -37.54
N GLU C 45 58.58 -13.77 -36.29
CA GLU C 45 59.91 -14.03 -35.74
C GLU C 45 60.03 -15.54 -35.59
N LYS C 46 60.87 -16.15 -36.41
CA LYS C 46 61.10 -17.58 -36.38
C LYS C 46 61.83 -17.95 -35.10
N GLU C 47 61.36 -17.37 -34.00
CA GLU C 47 61.96 -17.60 -32.69
C GLU C 47 61.34 -18.82 -32.01
N ASP C 48 62.12 -19.42 -31.12
CA ASP C 48 61.76 -20.60 -30.37
C ASP C 48 60.28 -20.89 -30.26
N LYS C 49 59.82 -21.88 -31.02
CA LYS C 49 58.41 -22.29 -30.98
C LYS C 49 58.32 -22.98 -29.62
N ASN C 50 57.39 -22.54 -28.78
CA ASN C 50 57.15 -23.06 -27.44
C ASN C 50 57.41 -22.02 -26.35
N ASP C 51 58.04 -20.90 -26.71
CA ASP C 51 58.34 -19.86 -25.74
C ASP C 51 57.09 -19.36 -25.05
N LYS C 52 57.26 -18.84 -23.84
CA LYS C 52 56.14 -18.30 -23.09
C LYS C 52 56.06 -16.81 -23.33
N TRP C 53 54.90 -16.33 -23.77
CA TRP C 53 54.72 -14.91 -24.03
C TRP C 53 54.09 -14.20 -22.84
N HIS C 54 54.90 -13.53 -22.04
CA HIS C 54 54.41 -12.80 -20.88
C HIS C 54 53.68 -11.53 -21.32
N ARG C 55 54.29 -10.77 -22.21
CA ARG C 55 53.71 -9.53 -22.67
C ARG C 55 54.08 -9.27 -24.14
N VAL C 56 53.10 -8.89 -24.94
CA VAL C 56 53.33 -8.61 -26.36
C VAL C 56 52.69 -7.31 -26.79
N GLU C 57 53.51 -6.28 -26.99
CA GLU C 57 53.01 -4.99 -27.43
C GLU C 57 53.32 -4.81 -28.91
N ARG C 58 54.52 -5.24 -29.31
CA ARG C 58 54.96 -5.13 -30.69
C ARG C 58 54.07 -6.08 -31.49
N SER C 59 53.11 -5.50 -32.21
CA SER C 59 52.21 -6.31 -33.00
C SER C 59 51.97 -5.63 -34.35
N SER C 60 52.86 -5.87 -35.30
CA SER C 60 52.77 -5.27 -36.63
C SER C 60 52.12 -6.18 -37.67
N GLY C 61 51.53 -5.58 -38.70
CA GLY C 61 50.88 -6.34 -39.75
C GLY C 61 51.05 -5.74 -41.13
N LYS C 62 50.26 -6.20 -42.08
CA LYS C 62 50.30 -5.70 -43.45
C LYS C 62 49.86 -4.25 -43.50
N PHE C 63 50.32 -3.51 -44.52
CA PHE C 63 49.96 -2.10 -44.68
C PHE C 63 50.42 -1.54 -46.02
N VAL C 64 49.71 -0.53 -46.52
CA VAL C 64 50.07 0.13 -47.77
C VAL C 64 49.80 1.63 -47.63
N ARG C 65 50.78 2.43 -48.05
CA ARG C 65 50.68 3.89 -47.96
C ARG C 65 51.02 4.56 -49.29
N ARG C 66 50.32 5.64 -49.60
CA ARG C 66 50.56 6.37 -50.83
C ARG C 66 50.60 7.88 -50.65
N PHE C 67 51.50 8.54 -51.37
CA PHE C 67 51.64 9.99 -51.31
C PHE C 67 51.64 10.57 -52.72
N ARG C 68 50.98 11.71 -52.90
CA ARG C 68 50.95 12.32 -54.21
C ARG C 68 52.08 13.34 -54.32
N LEU C 69 53.09 12.99 -55.12
CA LEU C 69 54.24 13.85 -55.34
C LEU C 69 53.77 15.10 -56.07
N LEU C 70 54.47 16.21 -55.85
CA LEU C 70 54.11 17.47 -56.50
C LEU C 70 54.50 17.45 -57.97
N GLU C 71 55.47 16.62 -58.32
CA GLU C 71 55.94 16.50 -59.69
C GLU C 71 56.29 15.05 -60.02
N ASP C 72 56.08 14.65 -61.26
CA ASP C 72 56.41 13.30 -61.68
C ASP C 72 57.86 13.04 -61.33
N ALA C 73 58.12 11.93 -60.67
CA ALA C 73 59.48 11.60 -60.24
C ALA C 73 60.25 10.79 -61.28
N LYS C 74 61.57 11.00 -61.32
CA LYS C 74 62.44 10.27 -62.21
C LYS C 74 62.82 9.01 -61.45
N VAL C 75 61.96 8.00 -61.57
CA VAL C 75 62.14 6.74 -60.88
C VAL C 75 63.56 6.17 -60.76
N GLU C 76 64.43 6.46 -61.71
CA GLU C 76 65.79 5.92 -61.62
C GLU C 76 66.65 6.72 -60.66
N GLU C 77 66.13 7.86 -60.22
CA GLU C 77 66.85 8.73 -59.29
C GLU C 77 66.37 8.59 -57.85
N VAL C 78 65.27 7.87 -57.65
CA VAL C 78 64.71 7.66 -56.32
C VAL C 78 65.58 6.67 -55.54
N LYS C 79 66.03 7.09 -54.36
CA LYS C 79 66.86 6.26 -53.49
C LYS C 79 66.06 5.79 -52.28
N ALA C 80 66.27 4.53 -51.88
CA ALA C 80 65.56 3.95 -50.74
C ALA C 80 66.50 3.11 -49.89
N GLY C 81 66.64 3.47 -48.62
CA GLY C 81 67.51 2.73 -47.74
C GLY C 81 66.86 2.36 -46.43
N LEU C 82 67.22 1.20 -45.91
CA LEU C 82 66.67 0.71 -44.66
C LEU C 82 67.80 0.63 -43.65
N GLU C 83 67.64 1.29 -42.51
CA GLU C 83 68.68 1.28 -41.49
C GLU C 83 68.15 1.60 -40.10
N ASN C 84 68.55 0.79 -39.12
CA ASN C 84 68.11 0.97 -37.73
C ASN C 84 66.60 1.10 -37.62
N GLY C 85 65.90 0.24 -38.36
CA GLY C 85 64.45 0.22 -38.34
C GLY C 85 63.75 1.37 -39.04
N VAL C 86 64.52 2.23 -39.70
CA VAL C 86 63.94 3.39 -40.39
C VAL C 86 64.12 3.35 -41.90
N LEU C 87 63.01 3.34 -42.62
CA LEU C 87 63.04 3.34 -44.07
C LEU C 87 63.14 4.79 -44.52
N THR C 88 63.97 5.05 -45.51
CA THR C 88 64.14 6.41 -46.01
C THR C 88 64.04 6.43 -47.52
N VAL C 89 63.12 7.24 -48.03
CA VAL C 89 62.92 7.33 -49.47
C VAL C 89 63.17 8.78 -49.90
N THR C 90 64.22 8.98 -50.69
CA THR C 90 64.55 10.31 -51.16
C THR C 90 64.15 10.46 -52.62
N VAL C 91 63.40 11.52 -52.92
CA VAL C 91 62.95 11.77 -54.28
C VAL C 91 63.49 13.11 -54.77
N PRO C 92 64.52 13.08 -55.64
CA PRO C 92 65.15 14.28 -56.20
C PRO C 92 64.19 15.13 -57.01
N LYS C 93 64.13 16.42 -56.70
CA LYS C 93 63.28 17.33 -57.45
C LYS C 93 64.10 17.96 -58.56
N ALA D 1 58.01 3.33 -26.25
CA ALA D 1 58.80 2.25 -26.82
C ALA D 1 58.06 0.94 -26.58
N ARG D 2 57.61 0.29 -27.65
CA ARG D 2 56.88 -0.97 -27.54
C ARG D 2 57.81 -2.12 -27.21
N MET D 3 57.45 -2.88 -26.19
CA MET D 3 58.27 -4.00 -25.74
C MET D 3 57.53 -5.30 -25.52
N ASP D 4 58.18 -6.40 -25.89
CA ASP D 4 57.64 -7.74 -25.70
C ASP D 4 58.44 -8.36 -24.57
N TRP D 5 57.81 -9.29 -23.86
CA TRP D 5 58.45 -9.99 -22.76
C TRP D 5 58.14 -11.48 -22.91
N LYS D 6 59.12 -12.23 -23.41
CA LYS D 6 59.01 -13.66 -23.60
C LYS D 6 59.94 -14.40 -22.65
N GLU D 7 59.61 -15.66 -22.37
CA GLU D 7 60.43 -16.46 -21.48
C GLU D 7 60.86 -17.76 -22.14
N THR D 8 62.16 -18.01 -22.11
CA THR D 8 62.71 -19.23 -22.69
C THR D 8 63.13 -20.10 -21.49
N PRO D 9 63.40 -21.38 -21.74
CA PRO D 9 63.80 -22.22 -20.61
C PRO D 9 65.06 -21.66 -19.94
N GLU D 10 65.88 -20.97 -20.73
CA GLU D 10 67.13 -20.40 -20.24
C GLU D 10 67.07 -18.97 -19.72
N ALA D 11 66.18 -18.15 -20.27
CA ALA D 11 66.10 -16.76 -19.83
C ALA D 11 64.85 -16.00 -20.25
N HIS D 12 64.66 -14.85 -19.62
CA HIS D 12 63.54 -13.97 -19.94
C HIS D 12 64.11 -13.02 -20.98
N VAL D 13 63.43 -12.92 -22.12
CA VAL D 13 63.89 -12.07 -23.20
C VAL D 13 62.96 -10.90 -23.45
N PHE D 14 63.54 -9.70 -23.51
CA PHE D 14 62.77 -8.49 -23.74
C PHE D 14 63.13 -7.89 -25.10
N LYS D 15 62.13 -7.43 -25.83
CA LYS D 15 62.33 -6.81 -27.14
C LYS D 15 61.76 -5.40 -27.10
N ALA D 16 62.39 -4.46 -27.82
CA ALA D 16 61.89 -3.09 -27.83
C ALA D 16 62.07 -2.45 -29.19
N ASP D 17 61.01 -1.88 -29.74
CA ASP D 17 61.10 -1.22 -31.02
C ASP D 17 61.72 0.13 -30.75
N LEU D 18 62.89 0.39 -31.35
CA LEU D 18 63.58 1.65 -31.17
C LEU D 18 64.12 2.14 -32.51
N PRO D 19 63.23 2.27 -33.51
CA PRO D 19 63.70 2.73 -34.81
C PRO D 19 64.41 4.08 -34.73
N GLY D 20 65.47 4.24 -35.51
CA GLY D 20 66.21 5.49 -35.54
C GLY D 20 67.00 5.85 -34.30
N VAL D 21 67.32 4.86 -33.48
CA VAL D 21 68.08 5.12 -32.26
C VAL D 21 69.43 4.42 -32.32
N LYS D 22 70.50 5.19 -32.16
CA LYS D 22 71.85 4.62 -32.18
C LYS D 22 72.15 4.09 -30.78
N LYS D 23 72.96 3.04 -30.71
CA LYS D 23 73.31 2.44 -29.42
C LYS D 23 73.90 3.41 -28.41
N GLU D 24 74.30 4.59 -28.86
CA GLU D 24 74.87 5.59 -27.96
C GLU D 24 73.78 6.40 -27.29
N GLU D 25 72.54 6.21 -27.75
CA GLU D 25 71.39 6.93 -27.21
C GLU D 25 70.51 6.04 -26.33
N VAL D 26 70.87 4.77 -26.22
CA VAL D 26 70.11 3.82 -25.42
C VAL D 26 70.91 3.39 -24.19
N LYS D 27 70.23 3.21 -23.08
CA LYS D 27 70.87 2.78 -21.85
C LYS D 27 70.11 1.58 -21.28
N VAL D 28 70.84 0.53 -20.94
CA VAL D 28 70.23 -0.67 -20.36
C VAL D 28 70.82 -0.89 -18.97
N GLU D 29 69.98 -0.83 -17.94
CA GLU D 29 70.48 -1.02 -16.59
C GLU D 29 69.57 -1.87 -15.71
N VAL D 30 70.07 -2.10 -14.50
CA VAL D 30 69.36 -2.86 -13.47
C VAL D 30 69.41 -2.01 -12.20
N GLU D 31 68.27 -1.43 -11.84
CA GLU D 31 68.17 -0.59 -10.66
C GLU D 31 67.66 -1.41 -9.48
N ASP D 32 67.80 -0.84 -8.29
CA ASP D 32 67.35 -1.47 -7.06
C ASP D 32 67.62 -2.97 -6.97
N GLY D 33 68.64 -3.43 -7.70
CA GLY D 33 68.99 -4.83 -7.67
C GLY D 33 68.21 -5.76 -8.58
N ASN D 34 66.95 -5.44 -8.85
CA ASN D 34 66.16 -6.32 -9.71
C ASN D 34 65.16 -5.65 -10.64
N VAL D 35 65.43 -4.41 -11.02
CA VAL D 35 64.53 -3.70 -11.93
C VAL D 35 65.24 -3.33 -13.23
N LEU D 36 64.85 -3.99 -14.31
CA LEU D 36 65.44 -3.72 -15.62
C LEU D 36 64.96 -2.35 -16.12
N VAL D 37 65.89 -1.48 -16.47
CA VAL D 37 65.52 -0.15 -16.95
C VAL D 37 66.08 0.12 -18.34
N VAL D 38 65.18 0.27 -19.31
CA VAL D 38 65.57 0.56 -20.67
C VAL D 38 65.14 2.00 -20.95
N SER D 39 66.11 2.87 -21.24
CA SER D 39 65.78 4.25 -21.50
C SER D 39 66.74 4.87 -22.51
N GLY D 40 66.34 6.00 -23.05
CA GLY D 40 67.16 6.69 -24.04
C GLY D 40 66.34 7.79 -24.69
N GLU D 41 66.84 8.31 -25.80
CA GLU D 41 66.13 9.38 -26.49
C GLU D 41 66.12 9.18 -28.00
N ARG D 42 65.00 9.52 -28.61
CA ARG D 42 64.84 9.41 -30.05
C ARG D 42 64.96 10.84 -30.53
N THR D 43 66.20 11.29 -30.74
CA THR D 43 66.49 12.64 -31.13
C THR D 43 65.71 13.20 -32.31
N LYS D 44 65.15 14.39 -32.12
CA LYS D 44 64.38 15.07 -33.16
C LYS D 44 65.34 15.77 -34.11
N GLU D 45 65.17 15.53 -35.39
CA GLU D 45 66.03 16.11 -36.42
C GLU D 45 65.52 17.50 -36.82
N LYS D 46 65.58 18.45 -35.87
CA LYS D 46 65.10 19.80 -36.12
C LYS D 46 65.43 20.45 -37.46
N GLU D 47 66.67 20.34 -37.90
CA GLU D 47 67.09 20.88 -39.19
C GLU D 47 66.98 22.40 -39.38
N ASP D 48 66.80 22.82 -40.63
CA ASP D 48 66.71 24.22 -40.99
C ASP D 48 65.33 24.67 -41.48
N LYS D 49 65.14 25.99 -41.52
CA LYS D 49 63.87 26.59 -41.94
C LYS D 49 63.66 26.54 -43.45
N ASN D 50 64.70 26.14 -44.18
CA ASN D 50 64.58 26.03 -45.63
C ASN D 50 63.62 24.88 -45.92
N ASP D 51 63.56 23.93 -45.00
CA ASP D 51 62.72 22.76 -45.13
C ASP D 51 61.25 23.05 -44.95
N LYS D 52 60.43 22.09 -45.38
CA LYS D 52 58.97 22.22 -45.32
C LYS D 52 58.39 20.85 -44.95
N TRP D 53 57.56 20.80 -43.92
CA TRP D 53 56.98 19.53 -43.51
C TRP D 53 55.55 19.32 -43.99
N HIS D 54 55.35 18.24 -44.76
CA HIS D 54 54.03 17.93 -45.29
C HIS D 54 53.31 16.90 -44.45
N ARG D 55 54.06 16.13 -43.67
CA ARG D 55 53.46 15.12 -42.82
C ARG D 55 54.43 14.76 -41.70
N VAL D 56 53.89 14.58 -40.51
CA VAL D 56 54.71 14.22 -39.35
C VAL D 56 53.91 13.28 -38.47
N GLU D 57 54.33 12.02 -38.42
CA GLU D 57 53.65 11.01 -37.61
C GLU D 57 54.61 10.33 -36.65
N ARG D 58 55.90 10.43 -36.96
CA ARG D 58 56.88 9.79 -36.12
C ARG D 58 57.16 10.58 -34.85
N SER D 59 57.27 9.88 -33.73
CA SER D 59 57.53 10.54 -32.45
C SER D 59 59.02 10.68 -32.18
N SER D 60 59.34 11.54 -31.21
CA SER D 60 60.72 11.76 -30.82
C SER D 60 60.72 12.13 -29.34
N GLY D 61 61.90 12.13 -28.74
CA GLY D 61 61.99 12.48 -27.33
C GLY D 61 62.51 11.33 -26.48
N LYS D 62 62.26 11.44 -25.18
CA LYS D 62 62.72 10.44 -24.22
C LYS D 62 61.74 9.28 -24.07
N PHE D 63 62.29 8.10 -23.75
CA PHE D 63 61.49 6.92 -23.51
C PHE D 63 62.06 6.20 -22.29
N VAL D 64 61.20 5.58 -21.50
CA VAL D 64 61.60 4.87 -20.30
C VAL D 64 60.77 3.60 -20.10
N ARG D 65 61.45 2.47 -19.91
CA ARG D 65 60.73 1.22 -19.68
C ARG D 65 61.33 0.42 -18.54
N ARG D 66 60.47 -0.04 -17.64
CA ARG D 66 60.92 -0.80 -16.48
C ARG D 66 60.20 -2.13 -16.26
N PHE D 67 60.96 -3.18 -16.03
CA PHE D 67 60.39 -4.50 -15.77
C PHE D 67 61.05 -5.00 -14.50
N ARG D 68 60.28 -5.68 -13.65
CA ARG D 68 60.85 -6.22 -12.42
C ARG D 68 61.30 -7.65 -12.65
N LEU D 69 62.62 -7.86 -12.58
CA LEU D 69 63.20 -9.19 -12.77
C LEU D 69 63.03 -10.00 -11.48
N LEU D 70 63.41 -11.27 -11.54
CA LEU D 70 63.31 -12.15 -10.37
C LEU D 70 64.41 -11.82 -9.36
N GLU D 71 64.07 -11.95 -8.07
CA GLU D 71 65.04 -11.70 -7.00
C GLU D 71 66.25 -12.62 -7.16
N ASP D 72 66.13 -13.61 -8.04
CA ASP D 72 67.21 -14.55 -8.32
C ASP D 72 67.44 -14.68 -9.82
N ALA D 73 67.95 -13.61 -10.42
CA ALA D 73 68.22 -13.59 -11.86
C ALA D 73 69.68 -13.23 -12.06
N LYS D 74 70.28 -13.80 -13.09
CA LYS D 74 71.68 -13.54 -13.40
C LYS D 74 71.90 -12.07 -13.78
N VAL D 75 71.68 -11.17 -12.83
CA VAL D 75 71.84 -9.74 -13.04
C VAL D 75 73.18 -9.35 -13.67
N GLU D 76 74.22 -10.14 -13.41
CA GLU D 76 75.54 -9.85 -13.97
C GLU D 76 75.69 -10.47 -15.35
N GLU D 77 74.71 -11.26 -15.78
CA GLU D 77 74.78 -11.91 -17.08
C GLU D 77 73.77 -11.42 -18.10
N VAL D 78 73.20 -10.24 -17.85
CA VAL D 78 72.22 -9.66 -18.77
C VAL D 78 72.92 -9.10 -20.01
N LYS D 79 72.45 -9.52 -21.18
CA LYS D 79 73.03 -9.03 -22.43
C LYS D 79 72.03 -8.09 -23.09
N ALA D 80 72.53 -7.22 -23.96
CA ALA D 80 71.68 -6.28 -24.65
C ALA D 80 72.19 -6.07 -26.07
N GLY D 81 71.36 -6.40 -27.04
CA GLY D 81 71.74 -6.24 -28.43
C GLY D 81 70.81 -5.29 -29.14
N LEU D 82 71.32 -4.57 -30.13
CA LEU D 82 70.52 -3.63 -30.89
C LEU D 82 70.76 -3.80 -32.38
N GLU D 83 69.72 -4.18 -33.11
CA GLU D 83 69.85 -4.39 -34.55
C GLU D 83 68.53 -4.13 -35.27
N ASN D 84 68.62 -3.46 -36.41
CA ASN D 84 67.44 -3.14 -37.22
C ASN D 84 66.31 -2.48 -36.42
N GLY D 85 66.68 -1.50 -35.59
CA GLY D 85 65.71 -0.79 -34.80
C GLY D 85 65.04 -1.59 -33.70
N VAL D 86 65.55 -2.77 -33.39
CA VAL D 86 64.97 -3.59 -32.33
C VAL D 86 66.02 -3.93 -31.27
N LEU D 87 65.70 -3.60 -30.01
CA LEU D 87 66.59 -3.87 -28.90
C LEU D 87 66.20 -5.20 -28.24
N THR D 88 67.19 -6.01 -27.91
CA THR D 88 66.92 -7.30 -27.28
C THR D 88 67.74 -7.44 -26.00
N VAL D 89 67.07 -7.70 -24.90
CA VAL D 89 67.73 -7.86 -23.62
C VAL D 89 67.50 -9.29 -23.14
N THR D 90 68.59 -9.98 -22.81
CA THR D 90 68.50 -11.37 -22.36
C THR D 90 68.87 -11.50 -20.89
N VAL D 91 67.88 -11.79 -20.06
CA VAL D 91 68.12 -11.95 -18.64
C VAL D 91 68.13 -13.42 -18.27
N PRO D 92 69.33 -14.01 -18.11
CA PRO D 92 69.51 -15.42 -17.75
C PRO D 92 68.78 -15.80 -16.46
N LYS D 93 68.18 -16.99 -16.46
CA LYS D 93 67.46 -17.47 -15.29
C LYS D 93 68.38 -18.27 -14.38
N ALA E 1 53.04 36.35 16.99
CA ALA E 1 54.47 36.45 17.25
C ALA E 1 55.24 35.17 16.98
N ARG E 2 55.32 34.77 15.72
CA ARG E 2 56.06 33.58 15.34
C ARG E 2 57.51 33.83 15.79
N MET E 3 58.08 32.89 16.52
CA MET E 3 59.44 33.06 17.02
C MET E 3 60.39 31.91 16.79
N ASP E 4 61.66 32.25 16.64
CA ASP E 4 62.73 31.26 16.46
C ASP E 4 63.67 31.39 17.63
N TRP E 5 64.31 30.28 17.99
CA TRP E 5 65.25 30.27 19.08
C TRP E 5 66.46 29.49 18.61
N LYS E 6 67.57 30.19 18.46
CA LYS E 6 68.81 29.59 18.02
C LYS E 6 69.86 29.67 19.12
N GLU E 7 70.67 28.63 19.25
CA GLU E 7 71.72 28.65 20.26
C GLU E 7 73.09 28.54 19.63
N THR E 8 73.73 29.67 19.40
CA THR E 8 75.07 29.68 18.85
C THR E 8 75.93 29.43 20.07
N PRO E 9 77.20 29.06 19.88
CA PRO E 9 78.06 28.82 21.04
C PRO E 9 78.16 30.03 21.96
N GLU E 10 78.10 31.23 21.37
CA GLU E 10 78.23 32.47 22.11
C GLU E 10 76.98 32.98 22.85
N ALA E 11 75.80 32.70 22.32
CA ALA E 11 74.59 33.17 22.97
C ALA E 11 73.30 32.55 22.43
N HIS E 12 72.19 32.85 23.11
CA HIS E 12 70.88 32.38 22.68
C HIS E 12 70.26 33.52 21.90
N VAL E 13 69.83 33.27 20.67
CA VAL E 13 69.24 34.32 19.85
C VAL E 13 67.79 34.02 19.50
N PHE E 14 66.88 34.91 19.91
CA PHE E 14 65.46 34.75 19.64
C PHE E 14 65.03 35.77 18.60
N LYS E 15 64.15 35.34 17.70
CA LYS E 15 63.64 36.22 16.66
C LYS E 15 62.12 36.19 16.75
N ALA E 16 61.49 37.33 16.52
CA ALA E 16 60.05 37.39 16.58
C ALA E 16 59.52 38.29 15.47
N ASP E 17 58.62 37.76 14.65
CA ASP E 17 58.06 38.57 13.60
C ASP E 17 56.98 39.44 14.20
N LEU E 18 57.27 40.73 14.28
CA LEU E 18 56.35 41.70 14.83
C LEU E 18 56.23 42.87 13.87
N PRO E 19 55.77 42.59 12.65
CA PRO E 19 55.63 43.65 11.64
C PRO E 19 54.73 44.81 12.07
N GLY E 20 55.18 46.03 11.76
CA GLY E 20 54.42 47.22 12.09
C GLY E 20 54.25 47.53 13.56
N VAL E 21 55.08 46.92 14.40
CA VAL E 21 54.99 47.13 15.83
C VAL E 21 56.06 48.13 16.29
N LYS E 22 55.67 49.01 17.21
CA LYS E 22 56.59 50.01 17.74
C LYS E 22 57.07 49.55 19.11
N LYS E 23 58.33 49.83 19.43
CA LYS E 23 58.92 49.44 20.70
C LYS E 23 58.07 49.74 21.93
N GLU E 24 57.26 50.79 21.87
CA GLU E 24 56.41 51.13 23.01
C GLU E 24 55.26 50.13 23.15
N GLU E 25 55.17 49.21 22.19
CA GLU E 25 54.11 48.21 22.17
C GLU E 25 54.60 46.79 22.46
N VAL E 26 55.92 46.62 22.56
CA VAL E 26 56.53 45.33 22.83
C VAL E 26 57.28 45.34 24.16
N LYS E 27 57.38 44.20 24.79
CA LYS E 27 58.05 44.14 26.08
C LYS E 27 58.88 42.87 26.23
N VAL E 28 60.15 43.04 26.57
CA VAL E 28 61.05 41.91 26.78
C VAL E 28 61.50 41.95 28.23
N GLU E 29 61.09 40.96 29.01
CA GLU E 29 61.44 40.92 30.41
C GLU E 29 62.09 39.58 30.76
N VAL E 30 62.58 39.48 31.99
CA VAL E 30 63.20 38.25 32.46
C VAL E 30 62.57 37.95 33.82
N GLU E 31 62.08 36.73 34.00
CA GLU E 31 61.43 36.34 35.24
C GLU E 31 62.13 35.17 35.89
N ASP E 32 62.06 35.13 37.22
CA ASP E 32 62.65 34.06 37.99
C ASP E 32 64.01 33.61 37.49
N GLY E 33 64.86 34.59 37.18
CA GLY E 33 66.21 34.30 36.71
C GLY E 33 66.45 33.64 35.36
N ASN E 34 65.60 32.70 34.96
CA ASN E 34 65.82 32.04 33.67
C ASN E 34 64.64 31.95 32.72
N VAL E 35 63.73 32.92 32.76
CA VAL E 35 62.58 32.88 31.87
C VAL E 35 62.41 34.13 31.04
N LEU E 36 62.73 34.02 29.75
CA LEU E 36 62.61 35.14 28.84
C LEU E 36 61.13 35.30 28.57
N VAL E 37 60.65 36.55 28.59
CA VAL E 37 59.25 36.81 28.34
C VAL E 37 59.08 37.89 27.27
N VAL E 38 58.32 37.57 26.24
CA VAL E 38 58.06 38.53 25.16
C VAL E 38 56.55 38.71 25.04
N SER E 39 56.10 39.96 25.14
CA SER E 39 54.68 40.27 25.05
C SER E 39 54.44 41.63 24.41
N GLY E 40 53.18 41.90 24.07
CA GLY E 40 52.86 43.17 23.46
C GLY E 40 51.49 43.20 22.81
N GLU E 41 51.28 44.20 21.96
CA GLU E 41 50.02 44.36 21.24
C GLU E 41 50.14 45.50 20.23
N ARG E 42 50.08 45.17 18.95
CA ARG E 42 50.17 46.18 17.90
C ARG E 42 49.01 47.15 18.05
N THR E 43 49.33 48.43 18.10
CA THR E 43 48.33 49.48 18.26
C THR E 43 47.45 49.63 17.03
N LYS E 44 46.30 50.26 17.21
CA LYS E 44 45.38 50.50 16.12
C LYS E 44 46.02 51.53 15.22
N GLU E 45 45.98 51.28 13.91
CA GLU E 45 46.56 52.22 12.96
C GLU E 45 45.66 53.46 12.97
N LYS E 46 46.19 54.55 13.51
CA LYS E 46 45.46 55.80 13.58
C LYS E 46 45.28 56.37 12.18
N GLU E 47 44.90 55.49 11.26
CA GLU E 47 44.71 55.87 9.86
C GLU E 47 43.28 56.35 9.62
N ASP E 48 43.14 57.18 8.59
CA ASP E 48 41.90 57.78 8.19
C ASP E 48 40.63 57.09 8.66
N LYS E 49 39.98 57.68 9.66
CA LYS E 49 38.73 57.14 10.20
C LYS E 49 37.75 57.44 9.06
N ASN E 50 37.06 56.42 8.57
CA ASN E 50 36.08 56.50 7.48
C ASN E 50 36.50 55.71 6.25
N ASP E 51 37.76 55.27 6.21
CA ASP E 51 38.25 54.51 5.07
C ASP E 51 37.43 53.27 4.82
N LYS E 52 37.43 52.80 3.57
CA LYS E 52 36.69 51.60 3.23
C LYS E 52 37.63 50.42 3.28
N TRP E 53 37.28 49.40 4.05
CA TRP E 53 38.11 48.21 4.16
C TRP E 53 37.67 47.11 3.21
N HIS E 54 38.35 46.99 2.08
CA HIS E 54 38.03 45.96 1.10
C HIS E 54 38.45 44.58 1.60
N ARG E 55 39.68 44.48 2.10
CA ARG E 55 40.19 43.21 2.58
C ARG E 55 41.14 43.43 3.76
N VAL E 56 40.98 42.63 4.80
CA VAL E 56 41.82 42.75 5.99
C VAL E 56 42.33 41.39 6.45
N GLU E 57 43.61 41.12 6.21
CA GLU E 57 44.21 39.86 6.62
C GLU E 57 45.08 40.11 7.86
N ARG E 58 45.80 41.22 7.84
CA ARG E 58 46.67 41.59 8.94
C ARG E 58 45.77 41.89 10.13
N SER E 59 45.71 40.95 11.06
CA SER E 59 44.87 41.13 12.23
C SER E 59 45.60 40.63 13.47
N SER E 60 46.43 41.49 14.06
CA SER E 60 47.22 41.14 15.23
C SER E 60 46.58 41.59 16.55
N GLY E 61 46.91 40.89 17.64
CA GLY E 61 46.37 41.23 18.94
C GLY E 61 47.37 41.04 20.07
N LYS E 62 46.87 41.04 21.30
CA LYS E 62 47.71 40.86 22.47
C LYS E 62 48.30 39.46 22.50
N PHE E 63 49.45 39.30 23.17
CA PHE E 63 50.12 38.00 23.26
C PHE E 63 51.27 38.02 24.26
N VAL E 64 51.57 36.87 24.85
CA VAL E 64 52.68 36.73 25.78
C VAL E 64 53.36 35.38 25.55
N ARG E 65 54.69 35.40 25.48
CA ARG E 65 55.47 34.19 25.24
C ARG E 65 56.61 34.05 26.26
N ARG E 66 56.89 32.82 26.66
CA ARG E 66 57.95 32.56 27.61
C ARG E 66 58.83 31.38 27.23
N PHE E 67 60.13 31.51 27.48
CA PHE E 67 61.10 30.45 27.18
C PHE E 67 61.97 30.18 28.41
N ARG E 68 62.26 28.91 28.67
CA ARG E 68 63.10 28.59 29.81
C ARG E 68 64.55 28.50 29.37
N LEU E 69 65.33 29.50 29.78
CA LEU E 69 66.75 29.55 29.45
C LEU E 69 67.45 28.39 30.13
N LEU E 70 68.55 27.92 29.53
CA LEU E 70 69.29 26.80 30.09
C LEU E 70 70.09 27.25 31.31
N GLU E 71 70.39 28.53 31.38
CA GLU E 71 71.15 29.09 32.49
C GLU E 71 70.63 30.48 32.86
N ASP E 72 70.69 30.83 34.13
CA ASP E 72 70.25 32.14 34.57
C ASP E 72 70.99 33.18 33.75
N ALA E 73 70.25 34.12 33.20
CA ALA E 73 70.85 35.15 32.36
C ALA E 73 71.27 36.39 33.13
N LYS E 74 72.34 37.03 32.66
CA LYS E 74 72.83 38.26 33.26
C LYS E 74 72.05 39.38 32.59
N VAL E 75 70.87 39.66 33.14
CA VAL E 75 69.98 40.66 32.61
C VAL E 75 70.59 41.95 32.05
N GLU E 76 71.72 42.39 32.58
CA GLU E 76 72.31 43.62 32.07
C GLU E 76 73.05 43.40 30.76
N GLU E 77 73.22 42.13 30.40
CA GLU E 77 73.92 41.77 29.17
C GLU E 77 72.98 41.40 28.03
N VAL E 78 71.70 41.26 28.34
CA VAL E 78 70.69 40.92 27.35
C VAL E 78 70.41 42.12 26.43
N LYS E 79 70.55 41.90 25.13
CA LYS E 79 70.31 42.95 24.13
C LYS E 79 69.01 42.67 23.37
N ALA E 80 68.25 43.73 23.10
CA ALA E 80 66.98 43.59 22.38
C ALA E 80 66.82 44.71 21.36
N GLY E 81 66.68 44.35 20.09
CA GLY E 81 66.52 45.35 19.06
C GLY E 81 65.35 45.07 18.14
N LEU E 82 64.71 46.13 17.68
CA LEU E 82 63.57 46.01 16.79
C LEU E 82 63.95 46.63 15.46
N GLU E 83 63.83 45.87 14.37
CA GLU E 83 64.18 46.38 13.06
C GLU E 83 63.49 45.62 11.93
N ASN E 84 62.92 46.37 10.98
CA ASN E 84 62.22 45.78 9.84
C ASN E 84 61.20 44.74 10.28
N GLY E 85 60.44 45.08 11.32
CA GLY E 85 59.40 44.21 11.84
C GLY E 85 59.87 42.98 12.59
N VAL E 86 61.18 42.86 12.80
CA VAL E 86 61.73 41.70 13.50
C VAL E 86 62.38 42.03 14.83
N LEU E 87 61.86 41.46 15.90
CA LEU E 87 62.41 41.66 17.23
C LEU E 87 63.53 40.65 17.41
N THR E 88 64.64 41.08 17.99
CA THR E 88 65.76 40.19 18.21
C THR E 88 66.25 40.31 19.64
N VAL E 89 66.29 39.18 20.34
CA VAL E 89 66.73 39.18 21.72
C VAL E 89 67.95 38.26 21.84
N THR E 90 69.09 38.85 22.16
CA THR E 90 70.31 38.07 22.30
C THR E 90 70.66 37.90 23.77
N VAL E 91 70.88 36.65 24.19
CA VAL E 91 71.22 36.36 25.57
C VAL E 91 72.59 35.71 25.65
N PRO E 92 73.61 36.47 26.08
CA PRO E 92 74.99 36.00 26.21
C PRO E 92 75.14 34.85 27.20
N LYS E 93 75.77 33.77 26.76
CA LYS E 93 76.00 32.63 27.65
C LYS E 93 77.37 32.79 28.28
N ALA F 1 52.37 36.27 2.63
CA ALA F 1 52.48 37.67 3.01
C ALA F 1 51.07 38.20 3.23
N ARG F 2 50.75 38.58 4.46
CA ARG F 2 49.42 39.10 4.79
C ARG F 2 49.26 40.53 4.30
N MET F 3 48.16 40.77 3.59
CA MET F 3 47.90 42.08 3.02
C MET F 3 46.50 42.62 3.26
N ASP F 4 46.42 43.92 3.50
CA ASP F 4 45.15 44.61 3.70
C ASP F 4 44.92 45.44 2.45
N TRP F 5 43.65 45.68 2.14
CA TRP F 5 43.27 46.48 1.00
C TRP F 5 42.20 47.48 1.44
N LYS F 6 42.62 48.73 1.63
CA LYS F 6 41.73 49.80 2.04
C LYS F 6 41.59 50.82 0.93
N GLU F 7 40.48 51.57 0.95
CA GLU F 7 40.24 52.58 -0.06
C GLU F 7 40.00 53.94 0.56
N THR F 8 40.74 54.93 0.09
CA THR F 8 40.60 56.29 0.58
C THR F 8 39.93 57.07 -0.56
N PRO F 9 39.43 58.27 -0.27
CA PRO F 9 38.78 59.02 -1.34
C PRO F 9 39.76 59.26 -2.49
N GLU F 10 41.05 59.33 -2.15
CA GLU F 10 42.10 59.59 -3.13
C GLU F 10 42.74 58.36 -3.78
N ALA F 11 42.81 57.25 -3.05
CA ALA F 11 43.45 56.06 -3.62
C ALA F 11 43.19 54.75 -2.87
N HIS F 12 43.53 53.65 -3.53
CA HIS F 12 43.39 52.33 -2.94
C HIS F 12 44.75 52.07 -2.32
N VAL F 13 44.75 51.73 -1.03
CA VAL F 13 45.99 51.49 -0.31
C VAL F 13 46.14 50.03 0.10
N PHE F 14 47.30 49.46 -0.21
CA PHE F 14 47.59 48.08 0.13
C PHE F 14 48.70 48.01 1.17
N LYS F 15 48.55 47.13 2.15
CA LYS F 15 49.54 46.94 3.20
C LYS F 15 49.99 45.49 3.19
N ALA F 16 51.26 45.23 3.50
CA ALA F 16 51.75 43.86 3.51
C ALA F 16 52.77 43.65 4.61
N ASP F 17 52.56 42.62 5.43
CA ASP F 17 53.51 42.33 6.50
C ASP F 17 54.67 41.62 5.85
N LEU F 18 55.87 42.21 5.94
CA LEU F 18 57.06 41.62 5.36
C LEU F 18 58.22 41.75 6.33
N PRO F 19 58.04 41.23 7.56
CA PRO F 19 59.13 41.33 8.53
C PRO F 19 60.42 40.70 8.01
N GLY F 20 61.55 41.33 8.33
CA GLY F 20 62.84 40.81 7.93
C GLY F 20 63.16 40.85 6.45
N VAL F 21 62.49 41.71 5.71
CA VAL F 21 62.73 41.81 4.27
C VAL F 21 63.28 43.19 3.92
N LYS F 22 64.44 43.22 3.29
CA LYS F 22 65.05 44.49 2.89
C LYS F 22 64.43 44.91 1.55
N LYS F 23 64.33 46.21 1.33
CA LYS F 23 63.74 46.72 0.10
C LYS F 23 64.38 46.20 -1.18
N GLU F 24 65.55 45.58 -1.07
CA GLU F 24 66.23 45.03 -2.23
C GLU F 24 65.71 43.64 -2.56
N GLU F 25 64.89 43.09 -1.66
CA GLU F 25 64.33 41.76 -1.83
C GLU F 25 62.84 41.80 -2.21
N VAL F 26 62.28 42.99 -2.27
CA VAL F 26 60.88 43.17 -2.61
C VAL F 26 60.73 43.83 -3.98
N LYS F 27 59.73 43.41 -4.73
CA LYS F 27 59.48 43.98 -6.04
C LYS F 27 58.00 44.38 -6.13
N VAL F 28 57.75 45.60 -6.58
CA VAL F 28 56.37 46.08 -6.73
C VAL F 28 56.15 46.44 -8.20
N GLU F 29 55.22 45.75 -8.85
CA GLU F 29 54.96 46.02 -10.25
C GLU F 29 53.48 46.02 -10.63
N VAL F 30 53.25 46.34 -11.89
CA VAL F 30 51.91 46.36 -12.48
C VAL F 30 52.01 45.56 -13.78
N GLU F 31 51.43 44.37 -13.77
CA GLU F 31 51.44 43.50 -14.93
C GLU F 31 50.15 43.67 -15.73
N ASP F 32 50.16 43.16 -16.95
CA ASP F 32 49.01 43.21 -17.84
C ASP F 32 48.26 44.54 -17.82
N GLY F 33 48.96 45.61 -17.47
CA GLY F 33 48.34 46.92 -17.44
C GLY F 33 47.56 47.28 -16.19
N ASN F 34 46.96 46.30 -15.52
CA ASN F 34 46.18 46.62 -14.33
C ASN F 34 46.23 45.61 -13.20
N VAL F 35 47.31 44.85 -13.11
CA VAL F 35 47.44 43.87 -12.03
C VAL F 35 48.64 44.19 -11.14
N LEU F 36 48.36 44.60 -9.92
CA LEU F 36 49.42 44.92 -8.96
C LEU F 36 50.09 43.62 -8.50
N VAL F 37 51.41 43.55 -8.63
CA VAL F 37 52.13 42.36 -8.23
C VAL F 37 53.21 42.67 -7.19
N VAL F 38 53.02 42.13 -5.99
CA VAL F 38 53.96 42.32 -4.90
C VAL F 38 54.65 40.97 -4.68
N SER F 39 55.95 40.92 -4.88
CA SER F 39 56.67 39.67 -4.70
C SER F 39 58.09 39.91 -4.20
N GLY F 40 58.69 38.85 -3.70
CA GLY F 40 60.05 38.94 -3.19
C GLY F 40 60.39 37.67 -2.43
N GLU F 41 61.46 37.71 -1.65
CA GLU F 41 61.87 36.54 -0.90
C GLU F 41 62.29 36.89 0.53
N ARG F 42 61.93 36.01 1.45
CA ARG F 42 62.27 36.19 2.85
C ARG F 42 63.41 35.20 3.05
N THR F 43 64.63 35.65 2.74
CA THR F 43 65.81 34.82 2.82
C THR F 43 66.02 34.05 4.12
N LYS F 44 66.29 32.76 4.00
CA LYS F 44 66.54 31.90 5.14
C LYS F 44 67.99 32.06 5.57
N GLU F 45 68.19 32.31 6.86
CA GLU F 45 69.52 32.50 7.40
C GLU F 45 70.16 31.17 7.78
N LYS F 46 70.43 30.35 6.77
CA LYS F 46 71.02 29.03 6.99
C LYS F 46 72.13 28.90 8.03
N GLU F 47 73.10 29.80 7.99
CA GLU F 47 74.20 29.80 8.96
C GLU F 47 75.12 28.57 8.97
N ASP F 48 75.70 28.30 10.14
CA ASP F 48 76.63 27.20 10.32
C ASP F 48 76.11 26.07 11.21
N LYS F 49 76.79 24.92 11.15
CA LYS F 49 76.42 23.74 11.92
C LYS F 49 76.79 23.85 13.40
N ASN F 50 77.55 24.89 13.74
CA ASN F 50 77.92 25.09 15.14
C ASN F 50 76.65 25.44 15.91
N ASP F 51 75.69 26.02 15.19
CA ASP F 51 74.43 26.44 15.78
C ASP F 51 73.51 25.29 16.12
N LYS F 52 72.50 25.60 16.94
CA LYS F 52 71.54 24.60 17.39
C LYS F 52 70.16 25.26 17.44
N TRP F 53 69.17 24.66 16.81
CA TRP F 53 67.83 25.24 16.80
C TRP F 53 66.88 24.60 17.79
N HIS F 54 66.36 25.42 18.72
CA HIS F 54 65.43 24.92 19.73
C HIS F 54 63.99 25.18 19.34
N ARG F 55 63.77 26.14 18.46
CA ARG F 55 62.42 26.45 18.03
C ARG F 55 62.47 27.17 16.68
N VAL F 56 61.55 26.83 15.81
CA VAL F 56 61.48 27.46 14.49
C VAL F 56 60.03 27.59 14.09
N GLU F 57 59.53 28.83 14.05
CA GLU F 57 58.14 29.09 13.68
C GLU F 57 58.05 30.08 12.54
N ARG F 58 59.13 30.84 12.34
CA ARG F 58 59.12 31.83 11.29
C ARG F 58 59.34 31.21 9.92
N SER F 59 58.58 31.68 8.93
CA SER F 59 58.70 31.16 7.58
C SER F 59 59.74 31.92 6.76
N SER F 60 60.13 31.33 5.65
CA SER F 60 61.10 31.94 4.75
C SER F 60 60.78 31.46 3.34
N GLY F 61 61.39 32.10 2.35
CA GLY F 61 61.15 31.71 0.98
C GLY F 61 60.51 32.80 0.15
N LYS F 62 59.93 32.39 -0.96
CA LYS F 62 59.29 33.32 -1.89
C LYS F 62 57.84 33.62 -1.52
N PHE F 63 57.39 34.83 -1.86
CA PHE F 63 56.01 35.23 -1.63
C PHE F 63 55.53 35.99 -2.87
N VAL F 64 54.26 35.84 -3.21
CA VAL F 64 53.67 36.48 -4.37
C VAL F 64 52.24 36.94 -4.09
N ARG F 65 51.95 38.21 -4.36
CA ARG F 65 50.60 38.72 -4.15
C ARG F 65 50.12 39.56 -5.31
N ARG F 66 48.91 39.28 -5.77
CA ARG F 66 48.33 39.99 -6.90
C ARG F 66 46.93 40.56 -6.67
N PHE F 67 46.74 41.82 -7.02
CA PHE F 67 45.45 42.46 -6.88
C PHE F 67 45.14 43.10 -8.22
N ARG F 68 43.88 43.05 -8.63
CA ARG F 68 43.49 43.65 -9.91
C ARG F 68 43.02 45.08 -9.67
N LEU F 69 43.79 46.03 -10.20
CA LEU F 69 43.47 47.45 -10.06
C LEU F 69 42.38 47.81 -11.07
N LEU F 70 41.89 49.05 -10.99
CA LEU F 70 40.86 49.52 -11.92
C LEU F 70 41.46 49.80 -13.29
N GLU F 71 40.68 49.53 -14.34
CA GLU F 71 41.11 49.78 -15.72
C GLU F 71 41.47 51.26 -15.89
N ASP F 72 41.10 52.07 -14.90
CA ASP F 72 41.38 53.51 -14.92
C ASP F 72 42.02 53.94 -13.60
N ALA F 73 43.24 53.50 -13.38
CA ALA F 73 43.97 53.84 -12.15
C ALA F 73 45.29 54.48 -12.54
N LYS F 74 45.74 55.42 -11.74
CA LYS F 74 47.00 56.11 -12.00
C LYS F 74 48.19 55.15 -11.91
N VAL F 75 48.24 54.19 -12.83
CA VAL F 75 49.30 53.19 -12.88
C VAL F 75 50.71 53.79 -12.85
N GLU F 76 50.86 55.01 -13.36
CA GLU F 76 52.17 55.67 -13.36
C GLU F 76 52.40 56.42 -12.06
N GLU F 77 51.39 56.50 -11.21
CA GLU F 77 51.51 57.21 -9.95
C GLU F 77 51.47 56.34 -8.70
N VAL F 78 51.70 55.05 -8.88
CA VAL F 78 51.70 54.12 -7.75
C VAL F 78 52.98 54.27 -6.93
N LYS F 79 52.83 54.46 -5.62
CA LYS F 79 53.99 54.60 -4.76
C LYS F 79 54.10 53.34 -3.91
N ALA F 80 55.30 53.08 -3.39
CA ALA F 80 55.53 51.91 -2.57
C ALA F 80 56.53 52.25 -1.48
N GLY F 81 56.10 52.12 -0.24
CA GLY F 81 56.98 52.41 0.88
C GLY F 81 57.16 51.20 1.76
N LEU F 82 58.32 51.08 2.39
CA LEU F 82 58.61 49.95 3.26
C LEU F 82 59.21 50.43 4.56
N GLU F 83 58.52 50.18 5.67
CA GLU F 83 59.00 50.61 6.98
C GLU F 83 58.49 49.71 8.09
N ASN F 84 59.38 49.37 9.01
CA ASN F 84 59.05 48.52 10.15
C ASN F 84 58.37 47.21 9.74
N GLY F 85 58.92 46.56 8.71
CA GLY F 85 58.38 45.31 8.25
C GLY F 85 57.02 45.37 7.58
N VAL F 86 56.55 46.57 7.26
CA VAL F 86 55.26 46.71 6.60
C VAL F 86 55.40 47.48 5.28
N LEU F 87 54.92 46.87 4.20
CA LEU F 87 54.97 47.47 2.88
C LEU F 87 53.65 48.19 2.60
N THR F 88 53.73 49.38 2.04
CA THR F 88 52.52 50.14 1.72
C THR F 88 52.55 50.59 0.26
N VAL F 89 51.51 50.24 -0.48
CA VAL F 89 51.41 50.60 -1.88
C VAL F 89 50.20 51.51 -2.05
N THR F 90 50.42 52.68 -2.66
CA THR F 90 49.35 53.65 -2.86
C THR F 90 49.00 53.78 -4.33
N VAL F 91 47.82 53.30 -4.69
CA VAL F 91 47.37 53.38 -6.07
C VAL F 91 46.34 54.49 -6.23
N PRO F 92 46.77 55.66 -6.74
CA PRO F 92 45.91 56.82 -6.95
C PRO F 92 44.68 56.51 -7.82
N LYS F 93 43.54 57.07 -7.45
CA LYS F 93 42.31 56.84 -8.20
C LYS F 93 42.14 57.92 -9.27
N ALA G 1 -40.86 -49.07 18.60
CA ALA G 1 -41.90 -49.58 19.48
C ALA G 1 -42.42 -48.55 20.48
N ARG G 2 -43.10 -47.53 19.99
CA ARG G 2 -43.68 -46.51 20.85
C ARG G 2 -44.65 -47.25 21.78
N MET G 3 -44.53 -47.04 23.08
CA MET G 3 -45.39 -47.73 24.03
C MET G 3 -46.07 -46.86 25.07
N ASP G 4 -47.25 -47.30 25.48
CA ASP G 4 -48.02 -46.62 26.53
C ASP G 4 -48.16 -47.58 27.68
N TRP G 5 -48.27 -47.03 28.89
CA TRP G 5 -48.43 -47.83 30.07
C TRP G 5 -49.52 -47.18 30.90
N LYS G 6 -50.64 -47.87 31.02
CA LYS G 6 -51.77 -47.38 31.78
C LYS G 6 -52.04 -48.29 32.97
N GLU G 7 -52.42 -47.70 34.10
CA GLU G 7 -52.72 -48.49 35.28
C GLU G 7 -54.15 -48.31 35.71
N THR G 8 -55.02 -49.21 35.27
CA THR G 8 -56.41 -49.16 35.67
C THR G 8 -56.39 -49.83 37.03
N PRO G 9 -57.46 -49.67 37.83
CA PRO G 9 -57.47 -50.32 39.14
C PRO G 9 -57.29 -51.84 39.06
N GLU G 10 -57.79 -52.43 37.98
CA GLU G 10 -57.74 -53.87 37.78
C GLU G 10 -56.42 -54.45 37.26
N ALA G 11 -55.69 -53.70 36.44
CA ALA G 11 -54.44 -54.21 35.90
C ALA G 11 -53.57 -53.15 35.22
N HIS G 12 -52.36 -53.56 34.85
CA HIS G 12 -51.43 -52.68 34.14
C HIS G 12 -51.58 -53.02 32.67
N VAL G 13 -51.87 -52.04 31.83
CA VAL G 13 -52.04 -52.28 30.40
C VAL G 13 -51.00 -51.55 29.57
N PHE G 14 -50.21 -52.32 28.81
CA PHE G 14 -49.18 -51.76 27.96
C PHE G 14 -49.60 -51.88 26.50
N LYS G 15 -49.30 -50.85 25.72
CA LYS G 15 -49.62 -50.86 24.30
C LYS G 15 -48.33 -50.59 23.54
N ALA G 16 -48.17 -51.24 22.40
CA ALA G 16 -46.98 -51.03 21.61
C ALA G 16 -47.34 -51.02 20.13
N ASP G 17 -46.96 -49.94 19.44
CA ASP G 17 -47.24 -49.87 18.03
C ASP G 17 -46.20 -50.69 17.30
N LEU G 18 -46.65 -51.82 16.77
CA LEU G 18 -45.79 -52.73 16.04
C LEU G 18 -46.45 -53.08 14.72
N PRO G 19 -46.69 -52.07 13.88
CA PRO G 19 -47.34 -52.31 12.58
C PRO G 19 -46.60 -53.30 11.68
N GLY G 20 -47.38 -54.17 11.05
CA GLY G 20 -46.81 -55.17 10.14
C GLY G 20 -45.93 -56.23 10.77
N VAL G 21 -46.02 -56.38 12.08
CA VAL G 21 -45.20 -57.35 12.78
C VAL G 21 -46.01 -58.62 13.07
N LYS G 22 -45.36 -59.77 12.91
CA LYS G 22 -46.02 -61.05 13.17
C LYS G 22 -45.56 -61.56 14.52
N LYS G 23 -46.46 -62.22 15.24
CA LYS G 23 -46.17 -62.76 16.57
C LYS G 23 -44.86 -63.54 16.68
N GLU G 24 -44.44 -64.18 15.59
CA GLU G 24 -43.19 -64.93 15.62
C GLU G 24 -41.98 -63.99 15.64
N GLU G 25 -42.25 -62.69 15.54
CA GLU G 25 -41.21 -61.68 15.53
C GLU G 25 -41.18 -60.81 16.78
N VAL G 26 -42.16 -60.99 17.67
CA VAL G 26 -42.25 -60.24 18.91
C VAL G 26 -42.13 -61.16 20.12
N LYS G 27 -41.64 -60.64 21.21
CA LYS G 27 -41.47 -61.46 22.40
C LYS G 27 -41.80 -60.70 23.68
N VAL G 28 -42.68 -61.28 24.48
CA VAL G 28 -43.08 -60.68 25.75
C VAL G 28 -42.65 -61.64 26.86
N GLU G 29 -41.70 -61.21 27.67
CA GLU G 29 -41.20 -62.05 28.74
C GLU G 29 -41.27 -61.32 30.08
N VAL G 30 -40.98 -62.04 31.15
CA VAL G 30 -40.98 -61.46 32.48
C VAL G 30 -39.66 -61.88 33.13
N GLU G 31 -38.93 -60.91 33.67
CA GLU G 31 -37.64 -61.19 34.29
C GLU G 31 -37.62 -60.76 35.74
N ASP G 32 -36.82 -61.48 36.53
CA ASP G 32 -36.67 -61.19 37.94
C ASP G 32 -37.96 -60.81 38.65
N GLY G 33 -39.02 -61.58 38.36
CA GLY G 33 -40.31 -61.34 38.99
C GLY G 33 -41.12 -60.10 38.67
N ASN G 34 -40.46 -58.95 38.50
CA ASN G 34 -41.22 -57.73 38.23
C ASN G 34 -40.77 -56.88 37.05
N VAL G 35 -40.19 -57.49 36.02
CA VAL G 35 -39.74 -56.72 34.87
C VAL G 35 -40.31 -57.21 33.55
N LEU G 36 -41.26 -56.44 33.01
CA LEU G 36 -41.88 -56.79 31.75
C LEU G 36 -40.86 -56.47 30.67
N VAL G 37 -40.71 -57.38 29.71
CA VAL G 37 -39.76 -57.16 28.63
C VAL G 37 -40.41 -57.38 27.28
N VAL G 38 -40.31 -56.38 26.41
CA VAL G 38 -40.87 -56.47 25.07
C VAL G 38 -39.75 -56.25 24.06
N SER G 39 -39.58 -57.21 23.16
CA SER G 39 -38.53 -57.13 22.15
C SER G 39 -38.96 -57.78 20.84
N GLY G 40 -38.17 -57.57 19.79
CA GLY G 40 -38.50 -58.16 18.51
C GLY G 40 -37.75 -57.55 17.35
N GLU G 41 -38.24 -57.81 16.14
CA GLU G 41 -37.65 -57.28 14.92
C GLU G 41 -38.52 -57.64 13.72
N ARG G 42 -39.11 -56.63 13.10
CA ARG G 42 -39.97 -56.84 11.93
C ARG G 42 -39.13 -57.46 10.83
N THR G 43 -39.62 -58.58 10.30
CA THR G 43 -38.92 -59.31 9.24
C THR G 43 -38.91 -58.54 7.93
N LYS G 44 -38.00 -58.93 7.04
CA LYS G 44 -37.90 -58.31 5.74
C LYS G 44 -39.12 -58.74 4.95
N GLU G 45 -39.76 -57.79 4.28
CA GLU G 45 -40.93 -58.10 3.48
C GLU G 45 -40.44 -58.91 2.28
N LYS G 46 -40.79 -60.19 2.27
CA LYS G 46 -40.41 -61.08 1.19
C LYS G 46 -41.14 -60.70 -0.08
N GLU G 47 -41.17 -59.39 -0.34
CA GLU G 47 -41.85 -58.85 -1.51
C GLU G 47 -40.92 -58.81 -2.72
N ASP G 48 -41.54 -58.86 -3.89
CA ASP G 48 -40.87 -58.86 -5.17
C ASP G 48 -39.44 -58.34 -5.18
N LYS G 49 -38.48 -59.25 -5.27
CA LYS G 49 -37.06 -58.88 -5.32
C LYS G 49 -36.95 -58.28 -6.73
N ASN G 50 -36.46 -57.05 -6.81
CA ASN G 50 -36.28 -56.30 -8.06
C ASN G 50 -37.14 -55.04 -8.12
N ASP G 51 -38.10 -54.92 -7.20
CA ASP G 51 -38.98 -53.76 -7.19
C ASP G 51 -38.20 -52.46 -7.08
N LYS G 52 -38.80 -51.38 -7.57
CA LYS G 52 -38.15 -50.08 -7.49
C LYS G 52 -38.66 -49.35 -6.27
N TRP G 53 -37.74 -48.91 -5.41
CA TRP G 53 -38.12 -48.20 -4.20
C TRP G 53 -38.07 -46.69 -4.39
N HIS G 54 -39.22 -46.08 -4.63
CA HIS G 54 -39.30 -44.63 -4.81
C HIS G 54 -39.09 -43.91 -3.48
N ARG G 55 -39.80 -44.36 -2.44
CA ARG G 55 -39.70 -43.73 -1.15
C ARG G 55 -39.87 -44.77 -0.03
N VAL G 56 -39.01 -44.70 0.97
CA VAL G 56 -39.06 -45.64 2.09
C VAL G 56 -38.95 -44.92 3.43
N GLU G 57 -40.08 -44.81 4.14
CA GLU G 57 -40.08 -44.17 5.44
C GLU G 57 -40.16 -45.25 6.52
N ARG G 58 -40.97 -46.26 6.27
CA ARG G 58 -41.15 -47.36 7.21
C ARG G 58 -39.82 -48.10 7.26
N SER G 59 -39.07 -47.88 8.33
CA SER G 59 -37.78 -48.53 8.47
C SER G 59 -37.60 -48.99 9.92
N SER G 60 -38.12 -50.17 10.23
CA SER G 60 -38.04 -50.72 11.58
C SER G 60 -36.89 -51.71 11.77
N GLY G 61 -36.42 -51.85 13.02
CA GLY G 61 -35.34 -52.75 13.31
C GLY G 61 -35.49 -53.45 14.66
N LYS G 62 -34.41 -54.05 15.13
CA LYS G 62 -34.41 -54.75 16.41
C LYS G 62 -34.60 -53.77 17.55
N PHE G 63 -35.13 -54.26 18.68
CA PHE G 63 -35.36 -53.41 19.85
C PHE G 63 -35.75 -54.22 21.08
N VAL G 64 -35.45 -53.70 22.26
CA VAL G 64 -35.81 -54.35 23.52
C VAL G 64 -36.22 -53.27 24.53
N ARG G 65 -37.35 -53.51 25.20
CA ARG G 65 -37.88 -52.57 26.19
C ARG G 65 -38.21 -53.26 27.51
N ARG G 66 -37.98 -52.56 28.61
CA ARG G 66 -38.27 -53.11 29.92
C ARG G 66 -38.96 -52.13 30.85
N PHE G 67 -39.90 -52.63 31.64
CA PHE G 67 -40.64 -51.81 32.60
C PHE G 67 -40.62 -52.47 33.98
N ARG G 68 -40.47 -51.67 35.03
CA ARG G 68 -40.46 -52.23 36.36
C ARG G 68 -41.86 -52.20 36.94
N LEU G 69 -42.47 -53.37 37.05
CA LEU G 69 -43.81 -53.51 37.60
C LEU G 69 -43.78 -53.11 39.07
N LEU G 70 -44.90 -52.61 39.58
CA LEU G 70 -44.98 -52.19 40.97
C LEU G 70 -45.04 -53.40 41.89
N GLU G 71 -45.50 -54.52 41.36
CA GLU G 71 -45.62 -55.75 42.13
C GLU G 71 -45.26 -56.96 41.27
N ASP G 72 -44.68 -57.98 41.88
CA ASP G 72 -44.34 -59.19 41.15
C ASP G 72 -45.59 -59.70 40.46
N ALA G 73 -45.48 -59.98 39.17
CA ALA G 73 -46.64 -60.44 38.40
C ALA G 73 -46.80 -61.95 38.39
N LYS G 74 -48.05 -62.40 38.33
CA LYS G 74 -48.36 -63.81 38.26
C LYS G 74 -48.31 -64.16 36.78
N VAL G 75 -47.11 -64.47 36.31
CA VAL G 75 -46.87 -64.79 34.92
C VAL G 75 -47.93 -65.61 34.17
N GLU G 76 -48.65 -66.48 34.86
CA GLU G 76 -49.65 -67.29 34.17
C GLU G 76 -50.92 -66.51 33.91
N GLU G 77 -51.01 -65.32 34.51
CA GLU G 77 -52.19 -64.47 34.36
C GLU G 77 -51.97 -63.34 33.36
N VAL G 78 -50.73 -63.15 32.93
CA VAL G 78 -50.39 -62.11 31.97
C VAL G 78 -50.90 -62.48 30.57
N LYS G 79 -51.70 -61.59 29.98
CA LYS G 79 -52.25 -61.81 28.64
C LYS G 79 -51.56 -60.89 27.63
N ALA G 80 -51.30 -61.42 26.43
CA ALA G 80 -50.64 -60.66 25.38
C ALA G 80 -51.29 -60.93 24.03
N GLY G 81 -51.80 -59.89 23.38
CA GLY G 81 -52.44 -60.06 22.10
C GLY G 81 -51.94 -59.08 21.06
N LEU G 82 -51.88 -59.53 19.82
CA LEU G 82 -51.42 -58.69 18.72
C LEU G 82 -52.58 -58.50 17.76
N GLU G 83 -52.93 -57.25 17.48
CA GLU G 83 -54.03 -56.97 16.59
C GLU G 83 -53.95 -55.58 15.95
N ASN G 84 -54.16 -55.52 14.63
CA ASN G 84 -54.09 -54.26 13.89
C ASN G 84 -52.82 -53.49 14.19
N GLY G 85 -51.70 -54.21 14.22
CA GLY G 85 -50.41 -53.60 14.46
C GLY G 85 -50.13 -53.15 15.88
N VAL G 86 -51.05 -53.43 16.80
CA VAL G 86 -50.89 -53.02 18.19
C VAL G 86 -50.75 -54.18 19.16
N LEU G 87 -49.62 -54.23 19.86
CA LEU G 87 -49.38 -55.27 20.85
C LEU G 87 -49.99 -54.78 22.15
N THR G 88 -50.66 -55.68 22.86
CA THR G 88 -51.28 -55.32 24.13
C THR G 88 -50.91 -56.33 25.20
N VAL G 89 -50.33 -55.84 26.29
CA VAL G 89 -49.93 -56.72 27.38
C VAL G 89 -50.67 -56.30 28.64
N THR G 90 -51.55 -57.17 29.13
CA THR G 90 -52.31 -56.88 30.33
C THR G 90 -51.74 -57.65 31.51
N VAL G 91 -51.45 -56.94 32.60
CA VAL G 91 -50.90 -57.57 33.80
C VAL G 91 -51.85 -57.37 34.98
N PRO G 92 -52.59 -58.42 35.36
CA PRO G 92 -53.55 -58.39 36.46
C PRO G 92 -52.90 -58.08 37.80
N LYS G 93 -53.44 -57.09 38.51
CA LYS G 93 -52.91 -56.74 39.83
C LYS G 93 -53.71 -57.50 40.88
N ALA H 1 -48.20 -40.62 9.56
CA ALA H 1 -48.35 -41.98 9.05
C ALA H 1 -47.19 -42.25 8.10
N ARG H 2 -46.33 -43.20 8.46
CA ARG H 2 -45.17 -43.54 7.63
C ARG H 2 -45.59 -44.36 6.42
N MET H 3 -45.14 -43.93 5.25
CA MET H 3 -45.49 -44.59 4.01
C MET H 3 -44.33 -44.88 3.07
N ASP H 4 -44.39 -46.04 2.43
CA ASP H 4 -43.39 -46.46 1.46
C ASP H 4 -44.05 -46.35 0.10
N TRP H 5 -43.24 -46.12 -0.93
CA TRP H 5 -43.72 -46.02 -2.29
C TRP H 5 -42.80 -46.85 -3.18
N LYS H 6 -43.27 -48.04 -3.55
CA LYS H 6 -42.54 -48.95 -4.41
C LYS H 6 -43.24 -49.10 -5.75
N GLU H 7 -42.48 -49.49 -6.77
CA GLU H 7 -43.03 -49.66 -8.10
C GLU H 7 -42.76 -51.05 -8.64
N THR H 8 -43.82 -51.72 -9.08
CA THR H 8 -43.70 -53.05 -9.65
C THR H 8 -43.93 -52.88 -11.15
N PRO H 9 -43.60 -53.91 -11.94
CA PRO H 9 -43.82 -53.76 -13.37
C PRO H 9 -45.30 -53.49 -13.68
N GLU H 10 -46.16 -53.98 -12.80
CA GLU H 10 -47.61 -53.84 -12.96
C GLU H 10 -48.24 -52.61 -12.30
N ALA H 11 -47.68 -52.17 -11.18
CA ALA H 11 -48.27 -51.02 -10.49
C ALA H 11 -47.39 -50.36 -9.43
N HIS H 12 -47.82 -49.17 -9.02
CA HIS H 12 -47.12 -48.43 -7.97
C HIS H 12 -47.84 -48.85 -6.70
N VAL H 13 -47.06 -49.32 -5.72
CA VAL H 13 -47.62 -49.78 -4.46
C VAL H 13 -47.24 -48.89 -3.29
N PHE H 14 -48.23 -48.49 -2.52
CA PHE H 14 -48.01 -47.64 -1.36
C PHE H 14 -48.33 -48.40 -0.08
N LYS H 15 -47.49 -48.23 0.94
CA LYS H 15 -47.68 -48.88 2.23
C LYS H 15 -47.76 -47.80 3.30
N ALA H 16 -48.58 -48.03 4.34
CA ALA H 16 -48.70 -47.04 5.40
C ALA H 16 -48.88 -47.71 6.75
N ASP H 17 -48.06 -47.33 7.72
CA ASP H 17 -48.18 -47.89 9.06
C ASP H 17 -49.35 -47.18 9.71
N LEU H 18 -50.38 -47.93 10.09
CA LEU H 18 -51.56 -47.37 10.72
C LEU H 18 -51.99 -48.26 11.88
N PRO H 19 -51.06 -48.51 12.82
CA PRO H 19 -51.44 -49.37 13.95
C PRO H 19 -52.64 -48.82 14.72
N GLY H 20 -53.51 -49.72 15.17
CA GLY H 20 -54.68 -49.33 15.93
C GLY H 20 -55.76 -48.58 15.19
N VAL H 21 -55.79 -48.70 13.87
CA VAL H 21 -56.79 -48.01 13.08
C VAL H 21 -57.70 -49.01 12.37
N LYS H 22 -59.00 -48.90 12.61
CA LYS H 22 -59.96 -49.80 11.97
C LYS H 22 -60.28 -49.25 10.58
N LYS H 23 -60.57 -50.13 9.64
CA LYS H 23 -60.87 -49.71 8.28
C LYS H 23 -61.99 -48.69 8.15
N GLU H 24 -62.76 -48.49 9.22
CA GLU H 24 -63.85 -47.52 9.21
C GLU H 24 -63.33 -46.13 9.52
N GLU H 25 -62.06 -46.05 9.93
CA GLU H 25 -61.44 -44.78 10.28
C GLU H 25 -60.45 -44.30 9.22
N VAL H 26 -60.26 -45.11 8.18
CA VAL H 26 -59.34 -44.78 7.11
C VAL H 26 -60.10 -44.49 5.81
N LYS H 27 -59.62 -43.53 5.05
CA LYS H 27 -60.25 -43.17 3.78
C LYS H 27 -59.18 -43.15 2.69
N VAL H 28 -59.46 -43.81 1.58
CA VAL H 28 -58.52 -43.84 0.46
C VAL H 28 -59.21 -43.24 -0.77
N GLU H 29 -58.68 -42.13 -1.28
CA GLU H 29 -59.30 -41.49 -2.42
C GLU H 29 -58.30 -40.98 -3.46
N VAL H 30 -58.87 -40.47 -4.55
CA VAL H 30 -58.11 -39.89 -5.65
C VAL H 30 -58.75 -38.52 -5.92
N GLU H 31 -58.04 -37.47 -5.55
CA GLU H 31 -58.52 -36.10 -5.75
C GLU H 31 -57.94 -35.54 -7.04
N ASP H 32 -58.52 -34.43 -7.48
CA ASP H 32 -58.09 -33.73 -8.69
C ASP H 32 -57.73 -34.65 -9.85
N GLY H 33 -58.31 -35.84 -9.87
CA GLY H 33 -58.05 -36.78 -10.94
C GLY H 33 -56.80 -37.63 -10.82
N ASN H 34 -55.75 -37.11 -10.18
CA ASN H 34 -54.53 -37.90 -10.07
C ASN H 34 -53.75 -37.76 -8.78
N VAL H 35 -54.43 -37.42 -7.69
CA VAL H 35 -53.74 -37.29 -6.40
C VAL H 35 -54.30 -38.28 -5.39
N LEU H 36 -53.48 -39.26 -5.03
CA LEU H 36 -53.87 -40.27 -4.06
C LEU H 36 -53.91 -39.63 -2.66
N VAL H 37 -55.04 -39.76 -1.98
CA VAL H 37 -55.17 -39.19 -0.65
C VAL H 37 -55.53 -40.24 0.39
N VAL H 38 -54.61 -40.46 1.33
CA VAL H 38 -54.82 -41.42 2.40
C VAL H 38 -54.99 -40.61 3.68
N SER H 39 -56.15 -40.71 4.31
CA SER H 39 -56.39 -39.97 5.53
C SER H 39 -57.31 -40.73 6.47
N GLY H 40 -57.32 -40.28 7.72
CA GLY H 40 -58.16 -40.92 8.73
C GLY H 40 -57.76 -40.42 10.10
N GLU H 41 -58.21 -41.10 11.14
CA GLU H 41 -57.90 -40.68 12.50
C GLU H 41 -57.53 -41.86 13.39
N ARG H 42 -56.56 -41.62 14.25
CA ARG H 42 -56.10 -42.64 15.19
C ARG H 42 -56.72 -42.19 16.50
N THR H 43 -57.96 -42.60 16.73
CA THR H 43 -58.72 -42.22 17.90
C THR H 43 -58.03 -42.41 19.25
N LYS H 44 -58.06 -41.36 20.06
CA LYS H 44 -57.46 -41.38 21.39
C LYS H 44 -58.43 -42.04 22.35
N GLU H 45 -57.94 -43.01 23.10
CA GLU H 45 -58.76 -43.75 24.05
C GLU H 45 -58.81 -43.03 25.40
N LYS H 46 -59.42 -41.84 25.41
CA LYS H 46 -59.52 -41.04 26.62
C LYS H 46 -59.83 -41.75 27.93
N GLU H 47 -60.81 -42.64 27.93
CA GLU H 47 -61.17 -43.41 29.12
C GLU H 47 -61.67 -42.62 30.34
N ASP H 48 -61.45 -43.18 31.52
CA ASP H 48 -61.88 -42.60 32.77
C ASP H 48 -60.75 -42.10 33.68
N LYS H 49 -61.12 -41.30 34.67
CA LYS H 49 -60.15 -40.72 35.62
C LYS H 49 -59.67 -41.73 36.66
N ASN H 50 -60.29 -42.90 36.69
CA ASN H 50 -59.87 -43.94 37.62
C ASN H 50 -58.48 -44.41 37.19
N ASP H 51 -58.21 -44.28 35.90
CA ASP H 51 -56.95 -44.70 35.31
C ASP H 51 -55.79 -43.80 35.67
N LYS H 52 -54.58 -44.31 35.44
CA LYS H 52 -53.35 -43.59 35.76
C LYS H 52 -52.34 -43.88 34.65
N TRP H 53 -51.76 -42.83 34.07
CA TRP H 53 -50.79 -43.04 33.00
C TRP H 53 -49.35 -42.91 33.44
N HIS H 54 -48.58 -43.98 33.25
CA HIS H 54 -47.17 -43.99 33.64
C HIS H 54 -46.26 -43.69 32.46
N ARG H 55 -46.76 -43.90 31.25
CA ARG H 55 -45.96 -43.63 30.07
C ARG H 55 -46.88 -43.45 28.87
N VAL H 56 -46.55 -42.49 28.02
CA VAL H 56 -47.34 -42.22 26.83
C VAL H 56 -46.41 -41.81 25.71
N GLU H 57 -46.27 -42.68 24.70
CA GLU H 57 -45.40 -42.40 23.57
C GLU H 57 -46.15 -42.52 22.25
N ARG H 58 -47.28 -43.21 22.29
CA ARG H 58 -48.04 -43.39 21.08
C ARG H 58 -48.86 -42.16 20.72
N SER H 59 -48.87 -41.82 19.44
CA SER H 59 -49.61 -40.65 18.99
C SER H 59 -51.05 -40.99 18.62
N SER H 60 -51.87 -39.95 18.50
CA SER H 60 -53.26 -40.12 18.14
C SER H 60 -53.69 -38.86 17.38
N GLY H 61 -54.86 -38.92 16.76
CA GLY H 61 -55.34 -37.77 16.02
C GLY H 61 -55.48 -38.05 14.53
N LYS H 62 -55.55 -36.97 13.76
CA LYS H 62 -55.72 -37.05 12.32
C LYS H 62 -54.40 -37.21 11.58
N PHE H 63 -54.46 -37.89 10.43
CA PHE H 63 -53.29 -38.07 9.58
C PHE H 63 -53.73 -37.87 8.13
N VAL H 64 -52.85 -37.30 7.31
CA VAL H 64 -53.14 -37.03 5.91
C VAL H 64 -51.92 -37.28 5.04
N ARG H 65 -52.08 -38.08 3.98
CA ARG H 65 -50.97 -38.34 3.07
C ARG H 65 -51.38 -38.25 1.62
N ARG H 66 -50.59 -37.52 0.84
CA ARG H 66 -50.89 -37.32 -0.57
C ARG H 66 -49.74 -37.63 -1.53
N PHE H 67 -50.02 -38.39 -2.57
CA PHE H 67 -49.02 -38.73 -3.57
C PHE H 67 -49.63 -38.40 -4.92
N ARG H 68 -48.83 -37.88 -5.83
CA ARG H 68 -49.33 -37.56 -7.16
C ARG H 68 -49.10 -38.73 -8.09
N LEU H 69 -50.20 -39.34 -8.54
CA LEU H 69 -50.14 -40.48 -9.45
C LEU H 69 -49.89 -39.97 -10.87
N LEU H 70 -49.69 -40.90 -11.79
CA LEU H 70 -49.46 -40.54 -13.19
C LEU H 70 -50.76 -40.10 -13.86
N GLU H 71 -50.64 -39.12 -14.77
CA GLU H 71 -51.80 -38.63 -15.51
C GLU H 71 -52.47 -39.77 -16.27
N ASP H 72 -51.79 -40.91 -16.34
CA ASP H 72 -52.31 -42.09 -17.02
C ASP H 72 -52.19 -43.32 -16.12
N ALA H 73 -52.97 -43.34 -15.06
CA ALA H 73 -52.95 -44.46 -14.11
C ALA H 73 -54.37 -45.00 -13.99
N LYS H 74 -54.48 -46.30 -13.79
CA LYS H 74 -55.78 -46.95 -13.65
C LYS H 74 -56.50 -46.46 -12.40
N VAL H 75 -56.86 -45.18 -12.37
CA VAL H 75 -57.55 -44.57 -11.25
C VAL H 75 -58.80 -45.34 -10.80
N GLU H 76 -59.44 -46.05 -11.72
CA GLU H 76 -60.63 -46.83 -11.38
C GLU H 76 -60.26 -48.22 -10.90
N GLU H 77 -58.98 -48.57 -10.98
CA GLU H 77 -58.52 -49.89 -10.56
C GLU H 77 -57.64 -49.90 -9.33
N VAL H 78 -57.67 -48.82 -8.57
CA VAL H 78 -56.87 -48.72 -7.35
C VAL H 78 -57.48 -49.57 -6.23
N LYS H 79 -56.68 -50.43 -5.63
CA LYS H 79 -57.17 -51.27 -4.55
C LYS H 79 -56.55 -50.78 -3.25
N ALA H 80 -57.19 -51.10 -2.13
CA ALA H 80 -56.70 -50.69 -0.83
C ALA H 80 -56.97 -51.79 0.19
N GLY H 81 -55.92 -52.32 0.77
CA GLY H 81 -56.07 -53.36 1.77
C GLY H 81 -55.49 -52.93 3.10
N LEU H 82 -56.07 -53.43 4.19
CA LEU H 82 -55.60 -53.09 5.52
C LEU H 82 -55.47 -54.34 6.37
N GLU H 83 -54.25 -54.64 6.81
CA GLU H 83 -54.01 -55.83 7.62
C GLU H 83 -52.81 -55.64 8.53
N ASN H 84 -52.96 -56.09 9.77
CA ASN H 84 -51.89 -55.99 10.77
C ASN H 84 -51.31 -54.58 10.90
N GLY H 85 -52.19 -53.58 10.95
CA GLY H 85 -51.76 -52.22 11.09
C GLY H 85 -51.04 -51.62 9.90
N VAL H 86 -51.06 -52.30 8.76
CA VAL H 86 -50.41 -51.78 7.56
C VAL H 86 -51.40 -51.66 6.40
N LEU H 87 -51.48 -50.46 5.84
CA LEU H 87 -52.37 -50.19 4.72
C LEU H 87 -51.59 -50.33 3.41
N THR H 88 -52.20 -50.98 2.42
CA THR H 88 -51.54 -51.16 1.13
C THR H 88 -52.45 -50.68 0.01
N VAL H 89 -51.95 -49.78 -0.81
CA VAL H 89 -52.71 -49.25 -1.92
C VAL H 89 -52.01 -49.63 -3.22
N THR H 90 -52.75 -50.25 -4.13
CA THR H 90 -52.18 -50.69 -5.40
C THR H 90 -52.73 -49.89 -6.57
N VAL H 91 -51.87 -49.06 -7.16
CA VAL H 91 -52.28 -48.25 -8.29
C VAL H 91 -51.75 -48.84 -9.58
N PRO H 92 -52.61 -49.56 -10.33
CA PRO H 92 -52.25 -50.19 -11.60
C PRO H 92 -51.68 -49.20 -12.62
N LYS H 93 -50.66 -49.64 -13.34
CA LYS H 93 -50.03 -48.79 -14.35
C LYS H 93 -50.69 -49.00 -15.70
N ALA I 1 3.30 -66.24 4.91
CA ALA I 1 2.97 -67.56 4.40
C ALA I 1 2.24 -67.54 3.06
N ARG I 2 2.92 -67.11 2.01
CA ARG I 2 2.33 -67.09 0.68
C ARG I 2 1.95 -68.53 0.36
N MET I 3 0.71 -68.76 -0.05
CA MET I 3 0.26 -70.11 -0.34
C MET I 3 -0.44 -70.31 -1.67
N ASP I 4 -0.28 -71.52 -2.21
CA ASP I 4 -0.93 -71.91 -3.46
C ASP I 4 -1.86 -73.05 -3.15
N TRP I 5 -2.94 -73.16 -3.93
CA TRP I 5 -3.89 -74.22 -3.75
C TRP I 5 -4.21 -74.76 -5.13
N LYS I 6 -3.80 -75.99 -5.38
CA LYS I 6 -4.03 -76.65 -6.65
C LYS I 6 -4.95 -77.85 -6.46
N GLU I 7 -5.83 -78.08 -7.43
CA GLU I 7 -6.73 -79.22 -7.34
C GLU I 7 -6.51 -80.17 -8.50
N THR I 8 -5.70 -81.19 -8.28
CA THR I 8 -5.47 -82.19 -9.31
C THR I 8 -6.67 -83.10 -9.16
N PRO I 9 -6.94 -83.96 -10.15
CA PRO I 9 -8.09 -84.85 -10.02
C PRO I 9 -8.01 -85.75 -8.79
N GLU I 10 -6.79 -86.11 -8.39
CA GLU I 10 -6.55 -86.99 -7.26
C GLU I 10 -6.61 -86.36 -5.87
N ALA I 11 -6.23 -85.10 -5.75
CA ALA I 11 -6.24 -84.45 -4.44
C ALA I 11 -6.06 -82.94 -4.48
N HIS I 12 -6.22 -82.31 -3.31
CA HIS I 12 -6.02 -80.87 -3.18
C HIS I 12 -4.61 -80.69 -2.65
N VAL I 13 -3.79 -79.91 -3.34
CA VAL I 13 -2.41 -79.70 -2.90
C VAL I 13 -2.14 -78.24 -2.55
N PHE I 14 -1.75 -78.00 -1.30
CA PHE I 14 -1.45 -76.65 -0.83
C PHE I 14 0.04 -76.51 -0.63
N LYS I 15 0.57 -75.34 -0.99
CA LYS I 15 1.99 -75.06 -0.82
C LYS I 15 2.11 -73.79 -0.01
N ALA I 16 3.11 -73.73 0.86
CA ALA I 16 3.30 -72.56 1.67
C ALA I 16 4.79 -72.26 1.82
N ASP I 17 5.19 -71.04 1.46
CA ASP I 17 6.58 -70.70 1.58
C ASP I 17 6.84 -70.34 3.03
N LEU I 18 7.57 -71.22 3.71
CA LEU I 18 7.91 -71.03 5.10
C LEU I 18 9.40 -71.25 5.28
N PRO I 19 10.21 -70.42 4.61
CA PRO I 19 11.67 -70.55 4.69
C PRO I 19 12.22 -70.44 6.12
N GLY I 20 13.17 -71.32 6.43
CA GLY I 20 13.80 -71.32 7.74
C GLY I 20 12.92 -71.70 8.91
N VAL I 21 11.78 -72.30 8.63
CA VAL I 21 10.85 -72.70 9.67
C VAL I 21 11.00 -74.18 10.01
N LYS I 22 10.94 -74.50 11.30
CA LYS I 22 11.05 -75.88 11.75
C LYS I 22 9.66 -76.41 12.06
N LYS I 23 9.43 -77.69 11.78
CA LYS I 23 8.14 -78.32 12.02
C LYS I 23 7.52 -78.05 13.39
N GLU I 24 8.36 -77.84 14.40
CA GLU I 24 7.84 -77.57 15.74
C GLU I 24 7.25 -76.16 15.82
N GLU I 25 7.39 -75.40 14.72
CA GLU I 25 6.90 -74.04 14.65
C GLU I 25 5.71 -73.85 13.72
N VAL I 26 5.34 -74.91 13.00
CA VAL I 26 4.22 -74.89 12.08
C VAL I 26 3.12 -75.85 12.51
N LYS I 27 1.90 -75.56 12.16
CA LYS I 27 0.80 -76.42 12.56
C LYS I 27 -0.25 -76.56 11.47
N VAL I 28 -0.58 -77.79 11.13
CA VAL I 28 -1.58 -78.08 10.11
C VAL I 28 -2.71 -78.84 10.79
N GLU I 29 -3.88 -78.22 10.88
CA GLU I 29 -5.01 -78.84 11.53
C GLU I 29 -6.23 -78.85 10.61
N VAL I 30 -7.28 -79.52 11.04
CA VAL I 30 -8.51 -79.58 10.28
C VAL I 30 -9.64 -79.25 11.26
N GLU I 31 -10.49 -78.30 10.88
CA GLU I 31 -11.59 -77.88 11.74
C GLU I 31 -12.93 -78.07 11.07
N ASP I 32 -13.94 -78.32 11.90
CA ASP I 32 -15.30 -78.51 11.42
C ASP I 32 -15.40 -79.33 10.14
N GLY I 33 -14.65 -80.43 10.10
CA GLY I 33 -14.68 -81.32 8.95
C GLY I 33 -14.12 -80.88 7.61
N ASN I 34 -14.31 -79.61 7.23
CA ASN I 34 -13.80 -79.16 5.94
C ASN I 34 -12.97 -77.89 5.91
N VAL I 35 -12.26 -77.58 6.99
CA VAL I 35 -11.45 -76.37 7.01
C VAL I 35 -9.99 -76.62 7.34
N LEU I 36 -9.14 -76.51 6.32
CA LEU I 36 -7.72 -76.72 6.50
C LEU I 36 -7.20 -75.47 7.20
N VAL I 37 -6.35 -75.66 8.20
CA VAL I 37 -5.79 -74.53 8.92
C VAL I 37 -4.28 -74.63 9.01
N VAL I 38 -3.60 -73.58 8.58
CA VAL I 38 -2.14 -73.55 8.63
C VAL I 38 -1.72 -72.33 9.44
N SER I 39 -0.92 -72.56 10.48
CA SER I 39 -0.46 -71.49 11.34
C SER I 39 0.93 -71.76 11.89
N GLY I 40 1.53 -70.74 12.50
CA GLY I 40 2.86 -70.91 13.06
C GLY I 40 3.56 -69.61 13.38
N GLU I 41 4.88 -69.69 13.57
CA GLU I 41 5.69 -68.53 13.88
C GLU I 41 7.17 -68.92 13.89
N ARG I 42 7.93 -68.39 12.94
CA ARG I 42 9.36 -68.69 12.85
C ARG I 42 10.03 -68.20 14.12
N THR I 43 10.78 -69.09 14.76
CA THR I 43 11.47 -68.78 16.01
C THR I 43 12.61 -67.79 15.79
N LYS I 44 13.04 -67.16 16.88
CA LYS I 44 14.15 -66.23 16.83
C LYS I 44 15.40 -67.04 16.57
N GLU I 45 16.22 -66.56 15.64
CA GLU I 45 17.47 -67.25 15.32
C GLU I 45 18.38 -67.08 16.53
N LYS I 46 18.61 -68.17 17.25
CA LYS I 46 19.47 -68.17 18.42
C LYS I 46 20.91 -67.94 18.00
N GLU I 47 21.08 -66.97 17.10
CA GLU I 47 22.40 -66.64 16.58
C GLU I 47 23.09 -65.60 17.45
N ASP I 48 24.42 -65.62 17.39
CA ASP I 48 25.29 -64.75 18.15
C ASP I 48 24.66 -63.47 18.68
N LYS I 49 24.38 -63.45 19.97
CA LYS I 49 23.80 -62.27 20.62
C LYS I 49 24.99 -61.30 20.61
N ASN I 50 24.79 -60.11 20.06
CA ASN I 50 25.80 -59.05 19.94
C ASN I 50 26.15 -58.73 18.50
N ASP I 51 25.72 -59.57 17.56
CA ASP I 51 26.03 -59.35 16.16
C ASP I 51 25.53 -58.00 15.68
N LYS I 52 26.17 -57.47 14.64
CA LYS I 52 25.75 -56.20 14.09
C LYS I 52 24.82 -56.45 12.92
N TRP I 53 23.63 -55.85 12.96
CA TRP I 53 22.66 -56.03 11.89
C TRP I 53 22.74 -54.90 10.87
N HIS I 54 23.41 -55.14 9.76
CA HIS I 54 23.53 -54.14 8.70
C HIS I 54 22.20 -53.96 7.97
N ARG I 55 21.59 -55.08 7.58
CA ARG I 55 20.34 -55.03 6.85
C ARG I 55 19.46 -56.24 7.21
N VAL I 56 18.19 -55.98 7.45
CA VAL I 56 17.25 -57.05 7.81
C VAL I 56 15.96 -56.95 7.01
N GLU I 57 15.79 -57.84 6.04
CA GLU I 57 14.58 -57.86 5.23
C GLU I 57 13.70 -59.01 5.69
N ARG I 58 14.33 -60.15 5.97
CA ARG I 58 13.61 -61.33 6.42
C ARG I 58 13.04 -61.01 7.79
N SER I 59 11.74 -60.74 7.83
CA SER I 59 11.10 -60.40 9.08
C SER I 59 9.74 -61.10 9.17
N SER I 60 9.74 -62.35 9.61
CA SER I 60 8.52 -63.14 9.71
C SER I 60 7.91 -63.14 11.12
N GLY I 61 6.60 -63.37 11.19
CA GLY I 61 5.91 -63.39 12.47
C GLY I 61 4.80 -64.43 12.53
N LYS I 62 3.95 -64.31 13.54
CA LYS I 62 2.83 -65.23 13.72
C LYS I 62 1.83 -65.07 12.58
N PHE I 63 1.05 -66.13 12.31
CA PHE I 63 0.06 -66.11 11.25
C PHE I 63 -0.84 -67.34 11.27
N VAL I 64 -2.07 -67.20 10.78
CA VAL I 64 -3.01 -68.31 10.70
C VAL I 64 -3.81 -68.18 9.40
N ARG I 65 -3.92 -69.30 8.68
CA ARG I 65 -4.64 -69.33 7.41
C ARG I 65 -5.65 -70.48 7.35
N ARG I 66 -6.78 -70.23 6.71
CA ARG I 66 -7.81 -71.25 6.59
C ARG I 66 -8.41 -71.34 5.20
N PHE I 67 -8.69 -72.56 4.76
CA PHE I 67 -9.29 -72.81 3.45
C PHE I 67 -10.50 -73.72 3.58
N ARG I 68 -11.56 -73.43 2.83
CA ARG I 68 -12.74 -74.27 2.90
C ARG I 68 -12.67 -75.34 1.84
N LEU I 69 -12.44 -76.58 2.28
CA LEU I 69 -12.35 -77.73 1.38
C LEU I 69 -13.72 -77.94 0.73
N LEU I 70 -13.72 -78.49 -0.48
CA LEU I 70 -14.97 -78.74 -1.19
C LEU I 70 -15.70 -79.92 -0.59
N GLU I 71 -14.97 -80.81 0.07
CA GLU I 71 -15.55 -81.99 0.69
C GLU I 71 -14.86 -82.29 2.02
N ASP I 72 -15.60 -82.82 2.98
CA ASP I 72 -15.03 -83.18 4.26
C ASP I 72 -13.84 -84.09 4.01
N ALA I 73 -12.71 -83.78 4.62
CA ALA I 73 -11.50 -84.56 4.41
C ALA I 73 -11.34 -85.70 5.41
N LYS I 74 -10.72 -86.79 4.96
CA LYS I 74 -10.45 -87.93 5.81
C LYS I 74 -9.12 -87.63 6.48
N VAL I 75 -9.19 -86.90 7.58
CA VAL I 75 -8.02 -86.49 8.32
C VAL I 75 -6.85 -87.47 8.44
N GLU I 76 -7.12 -88.77 8.44
CA GLU I 76 -6.02 -89.72 8.57
C GLU I 76 -5.29 -89.92 7.26
N GLU I 77 -5.86 -89.38 6.18
CA GLU I 77 -5.26 -89.49 4.86
C GLU I 77 -4.52 -88.24 4.43
N VAL I 78 -4.66 -87.17 5.19
CA VAL I 78 -4.00 -85.90 4.90
C VAL I 78 -2.50 -86.00 5.20
N LYS I 79 -1.67 -85.70 4.20
CA LYS I 79 -0.22 -85.74 4.35
C LYS I 79 0.35 -84.32 4.38
N ALA I 80 1.35 -84.11 5.24
CA ALA I 80 1.98 -82.80 5.37
C ALA I 80 3.49 -82.93 5.51
N GLY I 81 4.24 -82.33 4.59
CA GLY I 81 5.67 -82.41 4.64
C GLY I 81 6.34 -81.06 4.51
N LEU I 82 7.46 -80.90 5.20
CA LEU I 82 8.21 -79.66 5.17
C LEU I 82 9.57 -79.94 4.54
N GLU I 83 9.90 -79.21 3.48
CA GLU I 83 11.17 -79.42 2.80
C GLU I 83 11.63 -78.20 2.01
N ASN I 84 12.90 -77.84 2.17
CA ASN I 84 13.48 -76.68 1.48
C ASN I 84 12.62 -75.44 1.65
N GLY I 85 12.16 -75.22 2.88
CA GLY I 85 11.35 -74.05 3.20
C GLY I 85 9.93 -74.06 2.68
N VAL I 86 9.51 -75.16 2.07
CA VAL I 86 8.16 -75.25 1.51
C VAL I 86 7.29 -76.29 2.19
N LEU I 87 6.18 -75.84 2.77
CA LEU I 87 5.24 -76.74 3.42
C LEU I 87 4.30 -77.25 2.35
N THR I 88 3.99 -78.54 2.39
CA THR I 88 3.09 -79.12 1.41
C THR I 88 2.03 -79.95 2.10
N VAL I 89 0.77 -79.62 1.84
CA VAL I 89 -0.34 -80.33 2.45
C VAL I 89 -1.19 -80.96 1.35
N THR I 90 -1.21 -82.29 1.30
CA THR I 90 -1.99 -82.99 0.29
C THR I 90 -3.25 -83.56 0.91
N VAL I 91 -4.40 -83.26 0.30
CA VAL I 91 -5.68 -83.76 0.80
C VAL I 91 -6.35 -84.63 -0.25
N PRO I 92 -6.32 -85.96 -0.06
CA PRO I 92 -6.91 -86.94 -0.97
C PRO I 92 -8.41 -86.76 -1.13
N LYS I 93 -8.87 -86.68 -2.37
CA LYS I 93 -10.30 -86.56 -2.63
C LYS I 93 -10.87 -87.95 -2.86
N ALA J 1 14.13 -62.07 -3.57
CA ALA J 1 14.73 -62.92 -2.55
C ALA J 1 15.11 -62.03 -1.37
N ARG J 2 14.47 -62.25 -0.23
CA ARG J 2 14.74 -61.45 0.97
C ARG J 2 16.06 -61.86 1.61
N MET J 3 16.90 -60.88 1.89
CA MET J 3 18.21 -61.13 2.47
C MET J 3 18.57 -60.26 3.66
N ASP J 4 19.24 -60.87 4.63
CA ASP J 4 19.71 -60.17 5.82
C ASP J 4 21.22 -60.06 5.67
N TRP J 5 21.78 -59.02 6.28
CA TRP J 5 23.21 -58.79 6.25
C TRP J 5 23.67 -58.46 7.68
N LYS J 6 24.27 -59.45 8.33
CA LYS J 6 24.78 -59.31 9.68
C LYS J 6 26.30 -59.40 9.69
N GLU J 7 26.92 -58.82 10.72
CA GLU J 7 28.36 -58.84 10.83
C GLU J 7 28.81 -59.43 12.15
N THR J 8 29.69 -60.41 12.08
CA THR J 8 30.23 -61.05 13.27
C THR J 8 31.67 -60.57 13.39
N PRO J 9 32.30 -60.79 14.55
CA PRO J 9 33.68 -60.33 14.67
C PRO J 9 34.57 -60.99 13.61
N GLU J 10 34.17 -62.19 13.19
CA GLU J 10 34.93 -62.96 12.21
C GLU J 10 34.53 -62.76 10.75
N ALA J 11 33.26 -62.48 10.49
CA ALA J 11 32.83 -62.31 9.10
C ALA J 11 31.46 -61.66 8.91
N HIS J 12 31.20 -61.26 7.67
CA HIS J 12 29.93 -60.67 7.30
C HIS J 12 29.10 -61.86 6.82
N VAL J 13 27.92 -62.01 7.41
CA VAL J 13 27.04 -63.13 7.06
C VAL J 13 25.77 -62.67 6.36
N PHE J 14 25.48 -63.31 5.24
CA PHE J 14 24.29 -62.98 4.46
C PHE J 14 23.31 -64.15 4.48
N LYS J 15 22.03 -63.84 4.63
CA LYS J 15 20.98 -64.86 4.65
C LYS J 15 19.99 -64.54 3.54
N ALA J 16 19.41 -65.58 2.92
CA ALA J 16 18.45 -65.35 1.84
C ALA J 16 17.34 -66.39 1.87
N ASP J 17 16.10 -65.93 1.86
CA ASP J 17 14.97 -66.85 1.85
C ASP J 17 14.84 -67.34 0.43
N LEU J 18 14.99 -68.65 0.22
CA LEU J 18 14.88 -69.24 -1.10
C LEU J 18 14.07 -70.52 -1.03
N PRO J 19 12.84 -70.43 -0.49
CA PRO J 19 12.02 -71.64 -0.40
C PRO J 19 11.82 -72.31 -1.76
N GLY J 20 11.83 -73.64 -1.78
CA GLY J 20 11.62 -74.39 -3.00
C GLY J 20 12.71 -74.31 -4.04
N VAL J 21 13.92 -73.96 -3.63
CA VAL J 21 15.02 -73.86 -4.57
C VAL J 21 16.10 -74.88 -4.24
N LYS J 22 16.44 -75.72 -5.21
CA LYS J 22 17.47 -76.74 -5.00
C LYS J 22 18.83 -76.08 -5.24
N LYS J 23 19.86 -76.55 -4.55
CA LYS J 23 21.19 -75.99 -4.69
C LYS J 23 21.73 -75.97 -6.12
N GLU J 24 21.08 -76.69 -7.02
CA GLU J 24 21.50 -76.72 -8.42
C GLU J 24 20.93 -75.54 -9.18
N GLU J 25 20.01 -74.81 -8.54
CA GLU J 25 19.36 -73.66 -9.16
C GLU J 25 19.87 -72.34 -8.60
N VAL J 26 20.77 -72.41 -7.63
CA VAL J 26 21.33 -71.22 -7.01
C VAL J 26 22.81 -71.07 -7.37
N LYS J 27 23.24 -69.84 -7.57
CA LYS J 27 24.63 -69.56 -7.90
C LYS J 27 25.16 -68.48 -6.95
N VAL J 28 26.32 -68.73 -6.36
CA VAL J 28 26.93 -67.76 -5.46
C VAL J 28 28.30 -67.37 -6.02
N GLU J 29 28.47 -66.10 -6.36
CA GLU J 29 29.74 -65.66 -6.92
C GLU J 29 30.22 -64.32 -6.39
N VAL J 30 31.42 -63.95 -6.85
CA VAL J 30 32.05 -62.69 -6.50
C VAL J 30 32.50 -62.07 -7.83
N GLU J 31 31.81 -61.02 -8.24
CA GLU J 31 32.12 -60.33 -9.48
C GLU J 31 33.00 -59.13 -9.20
N ASP J 32 33.59 -58.59 -10.26
CA ASP J 32 34.46 -57.42 -10.18
C ASP J 32 35.40 -57.41 -8.99
N GLY J 33 35.73 -58.60 -8.48
CA GLY J 33 36.64 -58.70 -7.36
C GLY J 33 36.05 -58.52 -5.98
N ASN J 34 34.99 -57.71 -5.85
CA ASN J 34 34.41 -57.50 -4.53
C ASN J 34 32.90 -57.35 -4.47
N VAL J 35 32.19 -57.93 -5.43
CA VAL J 35 30.73 -57.84 -5.42
C VAL J 35 30.10 -59.23 -5.31
N LEU J 36 29.49 -59.50 -4.17
CA LEU J 36 28.83 -60.78 -3.93
C LEU J 36 27.55 -60.84 -4.78
N VAL J 37 27.43 -61.90 -5.58
CA VAL J 37 26.25 -62.04 -6.43
C VAL J 37 25.52 -63.36 -6.16
N VAL J 38 24.30 -63.24 -5.65
CA VAL J 38 23.47 -64.40 -5.36
C VAL J 38 22.34 -64.40 -6.39
N SER J 39 22.27 -65.43 -7.21
CA SER J 39 21.24 -65.49 -8.22
C SER J 39 20.81 -66.93 -8.50
N GLY J 40 19.67 -67.06 -9.15
CA GLY J 40 19.15 -68.38 -9.48
C GLY J 40 17.72 -68.26 -9.94
N GLU J 41 17.01 -69.37 -10.00
CA GLU J 41 15.63 -69.35 -10.46
C GLU J 41 14.73 -70.23 -9.59
N ARG J 42 13.52 -69.74 -9.37
CA ARG J 42 12.54 -70.46 -8.58
C ARG J 42 11.59 -71.01 -9.63
N THR J 43 11.94 -72.17 -10.19
CA THR J 43 11.18 -72.80 -11.25
C THR J 43 9.68 -72.94 -11.02
N LYS J 44 8.90 -72.52 -12.01
CA LYS J 44 7.45 -72.61 -11.96
C LYS J 44 7.03 -74.03 -12.34
N GLU J 45 6.20 -74.63 -11.51
CA GLU J 45 5.73 -75.99 -11.75
C GLU J 45 4.49 -75.99 -12.65
N LYS J 46 4.68 -75.58 -13.90
CA LYS J 46 3.59 -75.51 -14.86
C LYS J 46 2.57 -76.65 -14.88
N GLU J 47 3.04 -77.88 -14.86
CA GLU J 47 2.17 -79.05 -14.83
C GLU J 47 1.23 -79.25 -16.03
N ASP J 48 0.10 -79.91 -15.79
CA ASP J 48 -0.88 -80.21 -16.81
C ASP J 48 -2.20 -79.46 -16.68
N LYS J 49 -2.99 -79.49 -17.76
CA LYS J 49 -4.28 -78.80 -17.81
C LYS J 49 -5.37 -79.54 -17.03
N ASN J 50 -5.07 -80.75 -16.59
CA ASN J 50 -6.03 -81.52 -15.80
C ASN J 50 -6.21 -80.80 -14.47
N ASP J 51 -5.17 -80.08 -14.06
CA ASP J 51 -5.16 -79.36 -12.80
C ASP J 51 -6.03 -78.12 -12.81
N LYS J 52 -6.31 -77.62 -11.61
CA LYS J 52 -7.16 -76.44 -11.43
C LYS J 52 -6.57 -75.60 -10.29
N TRP J 53 -6.35 -74.32 -10.54
CA TRP J 53 -5.78 -73.47 -9.50
C TRP J 53 -6.81 -72.60 -8.78
N HIS J 54 -6.91 -72.78 -7.46
CA HIS J 54 -7.86 -72.01 -6.66
C HIS J 54 -7.20 -70.82 -6.00
N ARG J 55 -5.88 -70.86 -5.86
CA ARG J 55 -5.17 -69.76 -5.24
C ARG J 55 -3.70 -69.81 -5.65
N VAL J 56 -3.14 -68.65 -5.92
CA VAL J 56 -1.73 -68.56 -6.31
C VAL J 56 -1.14 -67.30 -5.73
N GLU J 57 -0.25 -67.45 -4.75
CA GLU J 57 0.39 -66.31 -4.10
C GLU J 57 1.90 -66.42 -4.16
N ARG J 58 2.39 -67.64 -4.38
CA ARG J 58 3.82 -67.84 -4.42
C ARG J 58 4.42 -67.39 -5.74
N SER J 59 5.57 -66.73 -5.67
CA SER J 59 6.23 -66.24 -6.88
C SER J 59 7.19 -67.27 -7.45
N SER J 60 7.59 -67.05 -8.70
CA SER J 60 8.53 -67.93 -9.37
C SER J 60 9.32 -67.09 -10.36
N GLY J 61 10.39 -67.66 -10.89
CA GLY J 61 11.20 -66.94 -11.84
C GLY J 61 12.62 -66.70 -11.36
N LYS J 62 13.28 -65.74 -11.99
CA LYS J 62 14.66 -65.41 -11.66
C LYS J 62 14.78 -64.41 -10.52
N PHE J 63 15.88 -64.52 -9.76
CA PHE J 63 16.16 -63.60 -8.67
C PHE J 63 17.64 -63.24 -8.73
N VAL J 64 17.97 -62.01 -8.37
CA VAL J 64 19.35 -61.53 -8.39
C VAL J 64 19.63 -60.61 -7.21
N ARG J 65 20.69 -60.90 -6.46
CA ARG J 65 21.05 -60.05 -5.33
C ARG J 65 22.53 -59.75 -5.28
N ARG J 66 22.86 -58.48 -5.11
CA ARG J 66 24.25 -58.04 -5.08
C ARG J 66 24.64 -57.19 -3.87
N PHE J 67 25.74 -57.53 -3.24
CA PHE J 67 26.24 -56.77 -2.10
C PHE J 67 27.70 -56.48 -2.38
N ARG J 68 28.15 -55.28 -2.01
CA ARG J 68 29.55 -54.93 -2.22
C ARG J 68 30.36 -55.26 -0.98
N LEU J 69 31.26 -56.24 -1.12
CA LEU J 69 32.11 -56.66 -0.02
C LEU J 69 33.26 -55.66 0.14
N LEU J 70 34.06 -55.85 1.18
CA LEU J 70 35.21 -54.97 1.42
C LEU J 70 36.34 -55.28 0.45
N GLU J 71 37.06 -54.22 0.05
CA GLU J 71 38.20 -54.37 -0.87
C GLU J 71 39.23 -55.32 -0.27
N ASP J 72 39.07 -55.64 1.02
CA ASP J 72 39.97 -56.55 1.72
C ASP J 72 39.16 -57.62 2.46
N ALA J 73 38.54 -58.50 1.70
CA ALA J 73 37.74 -59.58 2.28
C ALA J 73 38.26 -60.90 1.74
N LYS J 74 38.20 -61.93 2.57
CA LYS J 74 38.67 -63.26 2.18
C LYS J 74 37.81 -63.83 1.04
N VAL J 75 37.88 -63.19 -0.12
CA VAL J 75 37.13 -63.60 -1.30
C VAL J 75 37.29 -65.09 -1.64
N GLU J 76 38.44 -65.67 -1.30
CA GLU J 76 38.68 -67.08 -1.58
C GLU J 76 38.16 -67.96 -0.45
N GLU J 77 37.71 -67.35 0.63
CA GLU J 77 37.21 -68.10 1.77
C GLU J 77 35.72 -67.97 2.03
N VAL J 78 34.98 -67.51 1.03
CA VAL J 78 33.53 -67.35 1.16
C VAL J 78 32.84 -68.71 1.09
N LYS J 79 32.00 -68.99 2.08
CA LYS J 79 31.28 -70.26 2.10
C LYS J 79 29.81 -69.97 1.80
N ALA J 80 29.09 -70.99 1.33
CA ALA J 80 27.69 -70.83 1.02
C ALA J 80 26.94 -72.11 1.38
N GLY J 81 25.99 -72.00 2.29
CA GLY J 81 25.21 -73.15 2.69
C GLY J 81 23.75 -72.95 2.40
N LEU J 82 23.03 -74.03 2.12
CA LEU J 82 21.61 -73.96 1.82
C LEU J 82 20.86 -75.02 2.60
N GLU J 83 19.96 -74.59 3.48
CA GLU J 83 19.19 -75.53 4.29
C GLU J 83 17.84 -74.95 4.68
N ASN J 84 16.81 -75.78 4.59
CA ASN J 84 15.45 -75.37 4.95
C ASN J 84 15.01 -74.07 4.26
N GLY J 85 15.28 -73.98 2.96
CA GLY J 85 14.90 -72.82 2.20
C GLY J 85 15.64 -71.53 2.53
N VAL J 86 16.71 -71.62 3.30
CA VAL J 86 17.48 -70.43 3.64
C VAL J 86 18.95 -70.58 3.23
N LEU J 87 19.43 -69.62 2.45
CA LEU J 87 20.80 -69.62 1.98
C LEU J 87 21.66 -68.77 2.92
N THR J 88 22.84 -69.26 3.25
CA THR J 88 23.74 -68.52 4.13
C THR J 88 25.12 -68.39 3.50
N VAL J 89 25.59 -67.16 3.37
CA VAL J 89 26.89 -66.91 2.78
C VAL J 89 27.78 -66.27 3.85
N THR J 90 28.96 -66.85 4.06
CA THR J 90 29.88 -66.35 5.07
C THR J 90 31.13 -65.75 4.44
N VAL J 91 31.25 -64.44 4.53
CA VAL J 91 32.40 -63.76 3.97
C VAL J 91 33.38 -63.37 5.06
N PRO J 92 34.45 -64.16 5.24
CA PRO J 92 35.49 -63.92 6.25
C PRO J 92 36.10 -62.52 6.16
N LYS J 93 36.35 -61.92 7.31
CA LYS J 93 36.94 -60.58 7.35
C LYS J 93 38.46 -60.68 7.43
N ALA K 1 -39.94 53.10 2.93
CA ALA K 1 -40.79 54.00 3.70
C ALA K 1 -40.81 53.71 5.19
N ARG K 2 -39.68 53.92 5.85
CA ARG K 2 -39.59 53.72 7.29
C ARG K 2 -40.63 54.66 7.91
N MET K 3 -41.48 54.13 8.78
CA MET K 3 -42.52 54.95 9.38
C MET K 3 -42.65 54.85 10.89
N ASP K 4 -43.08 55.96 11.49
CA ASP K 4 -43.32 56.03 12.93
C ASP K 4 -44.79 56.32 13.13
N TRP K 5 -45.32 55.85 14.25
CA TRP K 5 -46.71 56.07 14.58
C TRP K 5 -46.76 56.47 16.04
N LYS K 6 -47.13 57.72 16.28
CA LYS K 6 -47.23 58.25 17.62
C LYS K 6 -48.68 58.61 17.94
N GLU K 7 -49.09 58.38 19.18
CA GLU K 7 -50.45 58.71 19.57
C GLU K 7 -50.45 59.73 20.69
N THR K 8 -50.59 61.00 20.33
CA THR K 8 -50.66 62.05 21.32
C THR K 8 -52.11 62.01 21.74
N PRO K 9 -52.47 62.64 22.86
CA PRO K 9 -53.87 62.63 23.28
C PRO K 9 -54.81 63.21 22.23
N GLU K 10 -54.31 64.19 21.47
CA GLU K 10 -55.10 64.87 20.46
C GLU K 10 -55.27 64.16 19.11
N ALA K 11 -54.27 63.39 18.69
CA ALA K 11 -54.36 62.71 17.41
C ALA K 11 -53.29 61.65 17.18
N HIS K 12 -53.44 60.90 16.08
CA HIS K 12 -52.48 59.89 15.70
C HIS K 12 -51.57 60.54 14.67
N VAL K 13 -50.26 60.52 14.90
CA VAL K 13 -49.32 61.14 13.97
C VAL K 13 -48.37 60.12 13.36
N PHE K 14 -48.41 60.01 12.03
CA PHE K 14 -47.54 59.08 11.31
C PHE K 14 -46.48 59.85 10.57
N LYS K 15 -45.27 59.31 10.55
CA LYS K 15 -44.16 59.94 9.85
C LYS K 15 -43.59 58.91 8.89
N ALA K 16 -43.17 59.37 7.71
CA ALA K 16 -42.61 58.46 6.74
C ALA K 16 -41.44 59.12 6.03
N ASP K 17 -40.29 58.46 6.06
CA ASP K 17 -39.14 59.02 5.38
C ASP K 17 -39.27 58.71 3.91
N LEU K 18 -39.53 59.75 3.13
CA LEU K 18 -39.69 59.63 1.70
C LEU K 18 -38.84 60.69 1.02
N PRO K 19 -37.52 60.62 1.24
CA PRO K 19 -36.60 61.60 0.64
C PRO K 19 -36.67 61.67 -0.88
N GLY K 20 -36.65 62.90 -1.40
CA GLY K 20 -36.69 63.12 -2.84
C GLY K 20 -37.96 62.71 -3.55
N VAL K 21 -39.04 62.53 -2.79
CA VAL K 21 -40.31 62.13 -3.37
C VAL K 21 -41.23 63.34 -3.54
N LYS K 22 -41.94 63.37 -4.67
CA LYS K 22 -42.87 64.47 -4.94
C LYS K 22 -44.28 63.99 -4.65
N LYS K 23 -45.12 64.88 -4.14
CA LYS K 23 -46.51 64.56 -3.81
C LYS K 23 -47.27 63.79 -4.88
N GLU K 24 -46.93 64.01 -6.15
CA GLU K 24 -47.61 63.30 -7.23
C GLU K 24 -47.19 61.83 -7.27
N GLU K 25 -46.23 61.47 -6.41
CA GLU K 25 -45.71 60.11 -6.35
C GLU K 25 -46.10 59.36 -5.08
N VAL K 26 -46.75 60.06 -4.14
CA VAL K 26 -47.18 59.47 -2.88
C VAL K 26 -48.70 59.50 -2.75
N LYS K 27 -49.25 58.57 -2.03
CA LYS K 27 -50.70 58.52 -1.89
C LYS K 27 -51.12 58.13 -0.48
N VAL K 28 -51.98 58.94 0.12
CA VAL K 28 -52.49 58.68 1.46
C VAL K 28 -54.00 58.49 1.34
N GLU K 29 -54.47 57.28 1.61
CA GLU K 29 -55.89 56.99 1.50
C GLU K 29 -56.41 56.38 2.79
N VAL K 30 -57.72 56.20 2.87
CA VAL K 30 -58.35 55.60 4.03
C VAL K 30 -59.29 54.52 3.49
N GLU K 31 -59.17 53.31 4.03
CA GLU K 31 -60.00 52.20 3.58
C GLU K 31 -60.81 51.61 4.71
N ASP K 32 -61.98 51.08 4.35
CA ASP K 32 -62.88 50.47 5.31
C ASP K 32 -62.98 51.21 6.63
N GLY K 33 -63.11 52.53 6.54
CA GLY K 33 -63.25 53.36 7.73
C GLY K 33 -62.10 53.53 8.70
N ASN K 34 -61.32 52.48 8.95
CA ASN K 34 -60.22 52.61 9.91
C ASN K 34 -58.85 52.12 9.46
N VAL K 35 -58.55 52.18 8.17
CA VAL K 35 -57.26 51.72 7.69
C VAL K 35 -56.50 52.76 6.89
N LEU K 36 -55.47 53.33 7.51
CA LEU K 36 -54.66 54.34 6.84
C LEU K 36 -53.79 53.59 5.86
N VAL K 37 -53.67 54.13 4.65
CA VAL K 37 -52.85 53.49 3.63
C VAL K 37 -51.88 54.49 3.00
N VAL K 38 -50.60 54.14 3.02
CA VAL K 38 -49.57 55.00 2.44
C VAL K 38 -48.83 54.19 1.37
N SER K 39 -48.79 54.73 0.16
CA SER K 39 -48.13 54.05 -0.95
C SER K 39 -47.51 55.05 -1.92
N GLY K 40 -46.69 54.54 -2.84
CA GLY K 40 -46.07 55.42 -3.81
C GLY K 40 -44.90 54.79 -4.54
N GLU K 41 -44.09 55.62 -5.18
CA GLU K 41 -42.92 55.18 -5.91
C GLU K 41 -42.12 56.38 -6.41
N ARG K 42 -40.92 56.56 -5.88
CA ARG K 42 -40.06 57.67 -6.27
C ARG K 42 -39.76 57.53 -7.76
N THR K 43 -40.01 58.60 -8.50
CA THR K 43 -39.78 58.62 -9.95
C THR K 43 -38.30 58.58 -10.29
N LYS K 44 -38.01 58.21 -11.54
CA LYS K 44 -36.64 58.16 -12.01
C LYS K 44 -36.16 59.59 -12.12
N GLU K 45 -34.96 59.84 -11.63
CA GLU K 45 -34.39 61.18 -11.70
C GLU K 45 -34.09 61.45 -13.17
N LYS K 46 -34.85 62.35 -13.77
CA LYS K 46 -34.67 62.71 -15.16
C LYS K 46 -33.36 63.47 -15.33
N GLU K 47 -32.32 62.94 -14.69
CA GLU K 47 -31.00 63.56 -14.74
C GLU K 47 -30.20 63.05 -15.93
N ASP K 48 -29.26 63.88 -16.35
CA ASP K 48 -28.39 63.64 -17.49
C ASP K 48 -28.24 62.19 -17.91
N LYS K 49 -28.90 61.83 -19.01
CA LYS K 49 -28.82 60.47 -19.54
C LYS K 49 -27.39 60.44 -20.10
N ASN K 50 -26.60 59.46 -19.67
CA ASN K 50 -25.21 59.26 -20.07
C ASN K 50 -24.23 59.42 -18.91
N ASP K 51 -24.71 59.94 -17.78
CA ASP K 51 -23.85 60.13 -16.62
C ASP K 51 -23.20 58.84 -16.18
N LYS K 52 -22.05 58.95 -15.52
CA LYS K 52 -21.36 57.77 -15.03
C LYS K 52 -21.74 57.55 -13.58
N TRP K 53 -22.23 56.36 -13.26
CA TRP K 53 -22.63 56.04 -11.90
C TRP K 53 -21.52 55.34 -11.13
N HIS K 54 -20.78 56.08 -10.32
CA HIS K 54 -19.71 55.51 -9.52
C HIS K 54 -20.26 54.66 -8.38
N ARG K 55 -21.24 55.20 -7.65
CA ARG K 55 -21.82 54.50 -6.53
C ARG K 55 -23.30 54.86 -6.39
N VAL K 56 -24.13 53.85 -6.17
CA VAL K 56 -25.57 54.06 -6.03
C VAL K 56 -26.13 53.30 -4.84
N GLU K 57 -26.44 54.02 -3.76
CA GLU K 57 -27.00 53.40 -2.57
C GLU K 57 -28.50 53.70 -2.52
N ARG K 58 -28.85 54.94 -2.87
CA ARG K 58 -30.24 55.37 -2.86
C ARG K 58 -30.94 54.58 -3.96
N SER K 59 -31.71 53.58 -3.55
CA SER K 59 -32.41 52.76 -4.52
C SER K 59 -33.82 52.46 -4.01
N SER K 60 -34.75 53.38 -4.26
CA SER K 60 -36.13 53.24 -3.80
C SER K 60 -37.07 52.68 -4.88
N GLY K 61 -38.15 52.05 -4.44
CA GLY K 61 -39.11 51.48 -5.36
C GLY K 61 -40.55 51.60 -4.89
N LYS K 62 -41.45 50.86 -5.51
CA LYS K 62 -42.86 50.87 -5.15
C LYS K 62 -43.05 50.28 -3.76
N PHE K 63 -44.15 50.68 -3.09
CA PHE K 63 -44.44 50.19 -1.75
C PHE K 63 -45.83 50.60 -1.28
N VAL K 64 -46.43 49.80 -0.40
CA VAL K 64 -47.74 50.10 0.16
C VAL K 64 -47.75 49.69 1.64
N ARG K 65 -48.25 50.58 2.49
CA ARG K 65 -48.31 50.34 3.93
C ARG K 65 -49.70 50.62 4.49
N ARG K 66 -50.12 49.82 5.46
CA ARG K 66 -51.41 50.00 6.08
C ARG K 66 -51.39 49.89 7.60
N PHE K 67 -52.17 50.73 8.26
CA PHE K 67 -52.26 50.73 9.72
C PHE K 67 -53.72 50.68 10.16
N ARG K 68 -54.01 49.91 11.20
CA ARG K 68 -55.38 49.84 11.68
C ARG K 68 -55.60 50.86 12.78
N LEU K 69 -56.36 51.90 12.45
CA LEU K 69 -56.67 52.97 13.39
C LEU K 69 -57.52 52.39 14.51
N LEU K 70 -57.42 52.97 15.70
CA LEU K 70 -58.19 52.50 16.84
C LEU K 70 -59.65 52.89 16.72
N GLU K 71 -59.91 53.94 15.95
CA GLU K 71 -61.27 54.43 15.75
C GLU K 71 -61.45 54.92 14.31
N ASP K 72 -62.65 54.75 13.76
CA ASP K 72 -62.93 55.21 12.42
C ASP K 72 -62.56 56.69 12.34
N ALA K 73 -61.79 57.05 11.33
CA ALA K 73 -61.34 58.43 11.17
C ALA K 73 -62.29 59.28 10.34
N LYS K 74 -62.36 60.57 10.68
CA LYS K 74 -63.18 61.51 9.95
C LYS K 74 -62.30 62.01 8.81
N VAL K 75 -62.31 61.25 7.72
CA VAL K 75 -61.50 61.55 6.55
C VAL K 75 -61.32 63.02 6.15
N GLU K 76 -62.31 63.86 6.42
CA GLU K 76 -62.17 65.26 6.02
C GLU K 76 -61.29 66.04 6.99
N GLU K 77 -60.97 65.40 8.12
CA GLU K 77 -60.14 66.03 9.14
C GLU K 77 -58.69 65.56 9.10
N VAL K 78 -58.42 64.54 8.31
CA VAL K 78 -57.07 64.00 8.16
C VAL K 78 -56.19 64.95 7.36
N LYS K 79 -55.06 65.35 7.94
CA LYS K 79 -54.11 66.25 7.28
C LYS K 79 -52.86 65.49 6.85
N ALA K 80 -52.34 65.82 5.67
CA ALA K 80 -51.14 65.16 5.15
C ALA K 80 -50.22 66.17 4.49
N GLY K 81 -48.99 66.27 4.98
CA GLY K 81 -48.04 67.21 4.43
C GLY K 81 -46.70 66.58 4.12
N LEU K 82 -46.07 67.05 3.06
CA LEU K 82 -44.77 66.54 2.66
C LEU K 82 -43.76 67.67 2.78
N GLU K 83 -42.70 67.45 3.54
CA GLU K 83 -41.69 68.47 3.73
C GLU K 83 -40.33 67.91 4.13
N ASN K 84 -39.27 68.38 3.47
CA ASN K 84 -37.91 67.91 3.74
C ASN K 84 -37.81 66.40 3.74
N GLY K 85 -38.45 65.79 2.75
CA GLY K 85 -38.43 64.34 2.59
C GLY K 85 -39.24 63.55 3.59
N VAL K 86 -39.98 64.23 4.45
CA VAL K 86 -40.79 63.55 5.47
C VAL K 86 -42.28 63.74 5.30
N LEU K 87 -43.00 62.63 5.10
CA LEU K 87 -44.44 62.68 4.97
C LEU K 87 -45.03 62.64 6.37
N THR K 88 -46.05 63.45 6.61
CA THR K 88 -46.68 63.48 7.92
C THR K 88 -48.18 63.39 7.77
N VAL K 89 -48.77 62.40 8.43
CA VAL K 89 -50.21 62.20 8.36
C VAL K 89 -50.78 62.32 9.77
N THR K 90 -51.59 63.35 10.00
CA THR K 90 -52.20 63.55 11.30
C THR K 90 -53.66 63.14 11.27
N VAL K 91 -54.07 62.29 12.21
CA VAL K 91 -55.45 61.83 12.28
C VAL K 91 -56.07 62.24 13.61
N PRO K 92 -56.93 63.27 13.59
CA PRO K 92 -57.61 63.79 14.78
C PRO K 92 -58.50 62.76 15.45
N LYS K 93 -58.32 62.58 16.75
CA LYS K 93 -59.16 61.64 17.50
C LYS K 93 -60.33 62.41 18.09
N ALA L 1 -26.68 57.57 6.26
CA ALA L 1 -27.15 58.46 5.21
C ALA L 1 -26.77 57.85 3.87
N ARG L 2 -27.77 57.47 3.07
CA ARG L 2 -27.53 56.86 1.77
C ARG L 2 -27.09 57.90 0.75
N MET L 3 -26.00 57.61 0.06
CA MET L 3 -25.44 58.53 -0.92
C MET L 3 -25.09 57.92 -2.26
N ASP L 4 -25.35 58.67 -3.32
CA ASP L 4 -25.02 58.26 -4.68
C ASP L 4 -23.84 59.12 -5.11
N TRP L 5 -23.03 58.57 -6.01
CA TRP L 5 -21.88 59.27 -6.54
C TRP L 5 -21.88 59.10 -8.06
N LYS L 6 -22.30 60.16 -8.75
CA LYS L 6 -22.34 60.19 -10.20
C LYS L 6 -21.33 61.18 -10.75
N GLU L 7 -20.92 60.97 -12.00
CA GLU L 7 -19.96 61.86 -12.63
C GLU L 7 -20.48 62.41 -13.93
N THR L 8 -20.44 63.73 -14.06
CA THR L 8 -20.89 64.40 -15.27
C THR L 8 -19.62 64.89 -15.97
N PRO L 9 -19.73 65.29 -17.24
CA PRO L 9 -18.53 65.77 -17.91
C PRO L 9 -17.92 66.96 -17.17
N GLU L 10 -18.78 67.71 -16.49
CA GLU L 10 -18.36 68.90 -15.76
C GLU L 10 -17.98 68.70 -14.29
N ALA L 11 -18.61 67.74 -13.62
CA ALA L 11 -18.31 67.52 -12.21
C ALA L 11 -18.80 66.20 -11.62
N HIS L 12 -18.29 65.90 -10.43
CA HIS L 12 -18.69 64.70 -9.70
C HIS L 12 -19.82 65.19 -8.81
N VAL L 13 -20.96 64.51 -8.90
CA VAL L 13 -22.13 64.89 -8.11
C VAL L 13 -22.49 63.85 -7.07
N PHE L 14 -22.67 64.31 -5.84
CA PHE L 14 -23.02 63.43 -4.74
C PHE L 14 -24.44 63.74 -4.24
N LYS L 15 -25.20 62.70 -3.95
CA LYS L 15 -26.57 62.85 -3.45
C LYS L 15 -26.67 62.15 -2.11
N ALA L 16 -27.48 62.68 -1.19
CA ALA L 16 -27.62 62.06 0.12
C ALA L 16 -29.05 62.19 0.63
N ASP L 17 -29.64 61.07 1.04
CA ASP L 17 -30.99 61.11 1.58
C ASP L 17 -30.86 61.60 3.00
N LEU L 18 -31.49 62.74 3.31
CA LEU L 18 -31.44 63.30 4.64
C LEU L 18 -32.82 63.80 5.04
N PRO L 19 -33.82 62.90 4.98
CA PRO L 19 -35.17 63.34 5.36
C PRO L 19 -35.22 63.91 6.77
N GLY L 20 -36.02 64.96 6.95
CA GLY L 20 -36.18 65.58 8.25
C GLY L 20 -34.99 66.32 8.81
N VAL L 21 -34.07 66.73 7.94
CA VAL L 21 -32.89 67.45 8.40
C VAL L 21 -32.88 68.86 7.83
N LYS L 22 -32.81 69.85 8.71
CA LYS L 22 -32.77 71.25 8.28
C LYS L 22 -31.33 71.60 7.92
N LYS L 23 -31.15 72.50 6.96
CA LYS L 23 -29.81 72.90 6.54
C LYS L 23 -28.91 73.39 7.65
N GLU L 24 -29.47 73.68 8.82
CA GLU L 24 -28.68 74.14 9.95
C GLU L 24 -28.09 72.97 10.71
N GLU L 25 -28.52 71.76 10.36
CA GLU L 25 -28.05 70.54 11.02
C GLU L 25 -27.09 69.75 10.15
N VAL L 26 -26.86 70.23 8.93
CA VAL L 26 -25.96 69.56 8.00
C VAL L 26 -24.69 70.39 7.77
N LYS L 27 -23.57 69.72 7.64
CA LYS L 27 -22.30 70.40 7.40
C LYS L 27 -21.62 69.75 6.19
N VAL L 28 -21.17 70.58 5.26
CA VAL L 28 -20.47 70.08 4.07
C VAL L 28 -19.07 70.68 4.05
N GLU L 29 -18.05 69.84 4.13
CA GLU L 29 -16.69 70.34 4.12
C GLU L 29 -15.72 69.52 3.28
N VAL L 30 -14.49 70.03 3.22
CA VAL L 30 -13.40 69.38 2.51
C VAL L 30 -12.22 69.35 3.49
N GLU L 31 -11.91 68.16 3.98
CA GLU L 31 -10.82 67.97 4.93
C GLU L 31 -9.57 67.53 4.19
N ASP L 32 -8.44 67.61 4.88
CA ASP L 32 -7.14 67.21 4.34
C ASP L 32 -6.91 67.63 2.89
N GLY L 33 -7.59 68.69 2.46
CA GLY L 33 -7.43 69.18 1.11
C GLY L 33 -8.23 68.50 0.02
N ASN L 34 -8.53 67.21 0.19
CA ASN L 34 -9.29 66.51 -0.85
C ASN L 34 -10.28 65.47 -0.37
N VAL L 35 -10.78 65.61 0.85
CA VAL L 35 -11.76 64.65 1.36
C VAL L 35 -13.09 65.33 1.67
N LEU L 36 -14.10 65.02 0.88
CA LEU L 36 -15.43 65.58 1.07
C LEU L 36 -16.06 64.97 2.32
N VAL L 37 -16.50 65.82 3.24
CA VAL L 37 -17.11 65.32 4.47
C VAL L 37 -18.52 65.87 4.66
N VAL L 38 -19.50 64.96 4.62
CA VAL L 38 -20.89 65.33 4.81
C VAL L 38 -21.31 64.77 6.17
N SER L 39 -21.68 65.64 7.09
CA SER L 39 -22.08 65.18 8.40
C SER L 39 -23.16 66.09 9.00
N GLY L 40 -23.81 65.58 10.03
CA GLY L 40 -24.86 66.34 10.70
C GLY L 40 -25.62 65.42 11.63
N GLU L 41 -26.78 65.87 12.09
CA GLU L 41 -27.57 65.07 13.01
C GLU L 41 -29.05 65.09 12.66
N ARG L 42 -29.69 63.94 12.83
CA ARG L 42 -31.10 63.80 12.55
C ARG L 42 -31.72 63.79 13.94
N THR L 43 -31.98 64.98 14.48
CA THR L 43 -32.51 65.14 15.81
C THR L 43 -33.74 64.31 16.17
N LYS L 44 -33.67 63.64 17.31
CA LYS L 44 -34.76 62.81 17.80
C LYS L 44 -35.78 63.71 18.50
N GLU L 45 -37.04 63.57 18.11
CA GLU L 45 -38.11 64.37 18.68
C GLU L 45 -38.65 63.74 19.96
N LYS L 46 -37.81 63.70 20.99
CA LYS L 46 -38.19 63.09 22.27
C LYS L 46 -39.59 63.37 22.80
N GLU L 47 -40.03 64.62 22.77
CA GLU L 47 -41.36 64.99 23.22
C GLU L 47 -41.70 64.74 24.69
N ASP L 48 -42.99 64.52 24.97
CA ASP L 48 -43.49 64.30 26.31
C ASP L 48 -44.01 62.88 26.57
N LYS L 49 -44.18 62.57 27.86
CA LYS L 49 -44.66 61.25 28.28
C LYS L 49 -46.16 61.06 28.06
N ASN L 50 -46.85 62.13 27.70
CA ASN L 50 -48.28 62.03 27.43
C ASN L 50 -48.45 61.19 26.17
N ASP L 51 -47.43 61.22 25.32
CA ASP L 51 -47.44 60.49 24.06
C ASP L 51 -47.29 58.99 24.22
N LYS L 52 -47.62 58.27 23.15
CA LYS L 52 -47.56 56.81 23.14
C LYS L 52 -47.06 56.37 21.77
N TRP L 53 -46.02 55.53 21.74
CA TRP L 53 -45.48 55.07 20.47
C TRP L 53 -45.94 53.68 20.07
N HIS L 54 -46.59 53.59 18.91
CA HIS L 54 -47.08 52.30 18.42
C HIS L 54 -46.13 51.68 17.42
N ARG L 55 -45.29 52.50 16.81
CA ARG L 55 -44.34 52.00 15.83
C ARG L 55 -43.19 52.99 15.68
N VAL L 56 -41.98 52.46 15.57
CA VAL L 56 -40.80 53.30 15.41
C VAL L 56 -39.83 52.60 14.49
N GLU L 57 -39.65 53.14 13.29
CA GLU L 57 -38.74 52.56 12.31
C GLU L 57 -37.72 53.57 11.82
N ARG L 58 -38.04 54.85 12.01
CA ARG L 58 -37.15 55.88 11.56
C ARG L 58 -35.96 56.08 12.49
N SER L 59 -34.78 56.25 11.93
CA SER L 59 -33.58 56.43 12.73
C SER L 59 -33.32 57.90 13.04
N SER L 60 -32.45 58.13 14.02
CA SER L 60 -32.09 59.48 14.42
C SER L 60 -30.66 59.44 14.92
N GLY L 61 -30.06 60.61 15.10
CA GLY L 61 -28.70 60.66 15.58
C GLY L 61 -27.74 61.28 14.59
N LYS L 62 -26.46 61.01 14.81
CA LYS L 62 -25.40 61.55 13.96
C LYS L 62 -25.13 60.70 12.74
N PHE L 63 -24.70 61.35 11.65
CA PHE L 63 -24.33 60.67 10.42
C PHE L 63 -23.05 61.30 9.89
N VAL L 64 -22.20 60.49 9.27
CA VAL L 64 -20.93 60.96 8.73
C VAL L 64 -20.60 60.26 7.42
N ARG L 65 -20.30 61.04 6.38
CA ARG L 65 -19.94 60.45 5.09
C ARG L 65 -18.73 61.11 4.47
N ARG L 66 -17.79 60.30 4.02
CA ARG L 66 -16.56 60.80 3.44
C ARG L 66 -16.21 60.21 2.07
N PHE L 67 -15.87 61.07 1.12
CA PHE L 67 -15.48 60.63 -0.21
C PHE L 67 -14.17 61.33 -0.52
N ARG L 68 -13.26 60.63 -1.18
CA ARG L 68 -11.98 61.23 -1.54
C ARG L 68 -12.07 61.83 -2.93
N LEU L 69 -11.97 63.15 -3.00
CA LEU L 69 -12.04 63.87 -4.28
C LEU L 69 -10.67 63.77 -4.97
N LEU L 70 -10.61 64.27 -6.20
CA LEU L 70 -9.35 64.25 -6.96
C LEU L 70 -8.38 65.30 -6.43
N GLU L 71 -7.09 64.97 -6.46
CA GLU L 71 -6.05 65.90 -6.01
C GLU L 71 -6.12 67.20 -6.82
N ASP L 72 -6.90 67.18 -7.90
CA ASP L 72 -7.08 68.35 -8.76
C ASP L 72 -8.57 68.60 -9.01
N ALA L 73 -9.27 69.00 -7.96
CA ALA L 73 -10.70 69.28 -8.07
C ALA L 73 -10.95 70.70 -7.59
N LYS L 74 -11.92 71.36 -8.19
CA LYS L 74 -12.26 72.73 -7.83
C LYS L 74 -12.79 72.80 -6.39
N VAL L 75 -11.93 72.50 -5.44
CA VAL L 75 -12.29 72.52 -4.02
C VAL L 75 -12.95 73.82 -3.57
N GLU L 76 -12.62 74.93 -4.22
CA GLU L 76 -13.21 76.22 -3.87
C GLU L 76 -14.52 76.44 -4.60
N GLU L 77 -14.86 75.54 -5.52
CA GLU L 77 -16.10 75.67 -6.29
C GLU L 77 -17.15 74.63 -6.00
N VAL L 78 -17.03 73.95 -4.87
CA VAL L 78 -17.99 72.92 -4.48
C VAL L 78 -19.29 73.57 -3.99
N LYS L 79 -20.41 73.15 -4.56
CA LYS L 79 -21.70 73.69 -4.15
C LYS L 79 -22.44 72.61 -3.37
N ALA L 80 -23.40 73.03 -2.55
CA ALA L 80 -24.18 72.09 -1.77
C ALA L 80 -25.61 72.59 -1.66
N GLY L 81 -26.55 71.80 -2.17
CA GLY L 81 -27.94 72.17 -2.10
C GLY L 81 -28.75 71.15 -1.33
N LEU L 82 -29.81 71.60 -0.67
CA LEU L 82 -30.66 70.72 0.11
C LEU L 82 -32.12 70.98 -0.19
N GLU L 83 -32.81 69.99 -0.73
CA GLU L 83 -34.21 70.14 -1.08
C GLU L 83 -34.95 68.81 -1.02
N ASN L 84 -36.15 68.84 -0.46
CA ASN L 84 -36.99 67.64 -0.34
C ASN L 84 -36.25 66.45 0.29
N GLY L 85 -35.53 66.72 1.38
CA GLY L 85 -34.81 65.67 2.06
C GLY L 85 -33.63 65.08 1.32
N VAL L 86 -33.21 65.70 0.23
CA VAL L 86 -32.06 65.20 -0.52
C VAL L 86 -30.98 66.27 -0.66
N LEU L 87 -29.76 65.91 -0.24
CA LEU L 87 -28.63 66.82 -0.30
C LEU L 87 -27.85 66.55 -1.59
N THR L 88 -27.44 67.61 -2.27
CA THR L 88 -26.68 67.48 -3.50
C THR L 88 -25.40 68.29 -3.44
N VAL L 89 -24.27 67.64 -3.66
CA VAL L 89 -22.98 68.31 -3.62
C VAL L 89 -22.36 68.21 -5.01
N THR L 90 -21.96 69.36 -5.56
CA THR L 90 -21.38 69.41 -6.89
C THR L 90 -19.91 69.78 -6.84
N VAL L 91 -19.05 68.81 -7.14
CA VAL L 91 -17.62 69.06 -7.13
C VAL L 91 -17.10 69.21 -8.55
N PRO L 92 -16.88 70.46 -9.00
CA PRO L 92 -16.39 70.77 -10.34
C PRO L 92 -15.06 70.07 -10.66
N LYS L 93 -14.94 69.60 -11.89
CA LYS L 93 -13.72 68.91 -12.32
C LYS L 93 -12.75 69.90 -12.93
N ALA M 1 13.03 49.19 42.83
CA ALA M 1 13.28 50.60 43.09
C ALA M 1 13.14 51.49 41.86
N ARG M 2 11.92 51.62 41.35
CA ARG M 2 11.66 52.48 40.21
C ARG M 2 12.08 53.88 40.63
N MET M 3 12.90 54.55 39.83
CA MET M 3 13.37 55.88 40.19
C MET M 3 13.25 56.93 39.11
N ASP M 4 13.07 58.17 39.56
CA ASP M 4 12.98 59.33 38.67
C ASP M 4 14.13 60.24 39.00
N TRP M 5 14.60 60.98 38.00
CA TRP M 5 15.68 61.92 38.19
C TRP M 5 15.28 63.20 37.49
N LYS M 6 15.06 64.24 38.27
CA LYS M 6 14.68 65.53 37.75
C LYS M 6 15.76 66.56 38.05
N GLU M 7 15.99 67.47 37.11
CA GLU M 7 16.99 68.50 37.33
C GLU M 7 16.37 69.88 37.29
N THR M 8 16.02 70.41 38.45
CA THR M 8 15.46 71.75 38.53
C THR M 8 16.70 72.62 38.49
N PRO M 9 16.55 73.92 38.22
CA PRO M 9 17.72 74.79 38.19
C PRO M 9 18.52 74.78 39.49
N GLU M 10 17.81 74.60 40.61
CA GLU M 10 18.42 74.61 41.93
C GLU M 10 19.11 73.31 42.38
N ALA M 11 18.61 72.16 41.94
CA ALA M 11 19.22 70.91 42.36
C ALA M 11 18.75 69.69 41.57
N HIS M 12 19.40 68.55 41.82
CA HIS M 12 19.03 67.29 41.19
C HIS M 12 18.14 66.57 42.18
N VAL M 13 16.94 66.18 41.77
CA VAL M 13 16.01 65.49 42.67
C VAL M 13 15.70 64.08 42.19
N PHE M 14 16.03 63.09 43.03
CA PHE M 14 15.78 61.69 42.71
C PHE M 14 14.65 61.17 43.56
N LYS M 15 13.80 60.34 42.97
CA LYS M 15 12.68 59.75 43.69
C LYS M 15 12.78 58.24 43.51
N ALA M 16 12.43 57.51 44.57
CA ALA M 16 12.49 56.06 44.49
C ALA M 16 11.31 55.46 45.22
N ASP M 17 10.55 54.62 44.53
CA ASP M 17 9.41 53.99 45.17
C ASP M 17 9.93 52.83 45.98
N LEU M 18 9.88 52.99 47.30
CA LEU M 18 10.34 51.98 48.23
C LEU M 18 9.26 51.76 49.27
N PRO M 19 8.08 51.33 48.83
CA PRO M 19 6.96 51.09 49.77
C PRO M 19 7.28 50.08 50.87
N GLY M 20 6.85 50.41 52.09
CA GLY M 20 7.06 49.54 53.23
C GLY M 20 8.49 49.34 53.67
N VAL M 21 9.38 50.21 53.22
CA VAL M 21 10.79 50.10 53.57
C VAL M 21 11.14 51.06 54.71
N LYS M 22 11.97 50.58 55.64
CA LYS M 22 12.39 51.40 56.77
C LYS M 22 13.80 51.92 56.49
N LYS M 23 14.08 53.14 56.93
CA LYS M 23 15.39 53.76 56.73
C LYS M 23 16.59 52.88 57.06
N GLU M 24 16.42 51.97 58.02
CA GLU M 24 17.52 51.08 58.39
C GLU M 24 17.77 50.03 57.30
N GLU M 25 16.91 50.03 56.28
CA GLU M 25 16.99 49.08 55.19
C GLU M 25 17.42 49.71 53.86
N VAL M 26 17.53 51.04 53.83
CA VAL M 26 17.92 51.76 52.64
C VAL M 26 19.24 52.50 52.85
N LYS M 27 19.99 52.70 51.80
CA LYS M 27 21.27 53.37 51.93
C LYS M 27 21.55 54.32 50.77
N VAL M 28 21.87 55.56 51.10
CA VAL M 28 22.18 56.57 50.09
C VAL M 28 23.62 57.00 50.32
N GLU M 29 24.50 56.69 49.37
CA GLU M 29 25.90 57.03 49.50
C GLU M 29 26.38 57.81 48.28
N VAL M 30 27.60 58.30 48.35
CA VAL M 30 28.20 59.03 47.24
C VAL M 30 29.58 58.42 47.02
N GLU M 31 29.88 58.05 45.78
CA GLU M 31 31.16 57.44 45.46
C GLU M 31 31.92 58.24 44.43
N ASP M 32 33.25 58.16 44.52
CA ASP M 32 34.12 58.85 43.59
C ASP M 32 33.66 60.26 43.23
N GLY M 33 33.25 61.01 44.25
CA GLY M 33 32.81 62.38 44.04
C GLY M 33 31.53 62.69 43.28
N ASN M 34 31.23 61.94 42.23
CA ASN M 34 30.02 62.23 41.46
C ASN M 34 29.08 61.07 41.17
N VAL M 35 29.03 60.07 42.04
CA VAL M 35 28.15 58.93 41.80
C VAL M 35 27.20 58.65 42.94
N LEU M 36 25.93 58.99 42.73
CA LEU M 36 24.91 58.76 43.74
C LEU M 36 24.63 57.27 43.73
N VAL M 37 24.52 56.68 44.92
CA VAL M 37 24.25 55.26 45.02
C VAL M 37 23.09 54.99 45.97
N VAL M 38 22.09 54.27 45.47
CA VAL M 38 20.92 53.93 46.28
C VAL M 38 20.79 52.41 46.31
N SER M 39 20.77 51.84 47.51
CA SER M 39 20.66 50.40 47.67
C SER M 39 19.87 50.03 48.92
N GLY M 40 19.52 48.76 49.04
CA GLY M 40 18.78 48.31 50.21
C GLY M 40 18.14 46.95 50.04
N GLU M 41 17.19 46.65 50.93
CA GLU M 41 16.47 45.39 50.89
C GLU M 41 15.35 45.40 51.93
N ARG M 42 14.11 45.38 51.47
CA ARG M 42 12.96 45.38 52.37
C ARG M 42 13.02 44.13 53.23
N THR M 43 12.94 44.33 54.54
CA THR M 43 13.00 43.23 55.50
C THR M 43 11.76 42.35 55.43
N LYS M 44 11.88 41.13 55.97
CA LYS M 44 10.77 40.21 56.01
C LYS M 44 9.77 40.75 57.00
N GLU M 45 8.50 40.74 56.62
CA GLU M 45 7.45 41.23 57.51
C GLU M 45 7.34 40.22 58.65
N LYS M 46 7.76 40.63 59.84
CA LYS M 46 7.71 39.79 61.01
C LYS M 46 6.26 39.56 61.42
N GLU M 47 5.44 39.28 60.41
CA GLU M 47 4.02 39.05 60.63
C GLU M 47 3.73 37.59 60.94
N ASP M 48 2.62 37.38 61.65
CA ASP M 48 2.16 36.08 62.09
C ASP M 48 2.71 34.88 61.33
N LYS M 49 3.65 34.18 61.95
CA LYS M 49 4.24 32.98 61.34
C LYS M 49 3.08 31.98 61.44
N ASN M 50 2.70 31.40 60.31
CA ASN M 50 1.62 30.42 60.19
C ASN M 50 0.47 30.92 59.32
N ASP M 51 0.47 32.22 59.00
CA ASP M 51 -0.59 32.79 58.18
C ASP M 51 -0.71 32.09 56.85
N LYS M 52 -1.91 32.14 56.26
CA LYS M 52 -2.13 31.52 54.97
C LYS M 52 -1.96 32.58 53.89
N TRP M 53 -1.09 32.32 52.92
CA TRP M 53 -0.86 33.26 51.84
C TRP M 53 -1.70 32.93 50.61
N HIS M 54 -2.81 33.63 50.44
CA HIS M 54 -3.68 33.42 49.29
C HIS M 54 -3.05 33.96 48.02
N ARG M 55 -2.54 35.19 48.08
CA ARG M 55 -1.94 35.82 46.93
C ARG M 55 -0.79 36.74 47.36
N VAL M 56 0.33 36.65 46.66
CA VAL M 56 1.50 37.47 46.97
C VAL M 56 2.09 38.11 45.72
N GLU M 57 1.86 39.41 45.55
CA GLU M 57 2.40 40.12 44.41
C GLU M 57 3.60 40.95 44.86
N ARG M 58 3.47 41.57 46.03
CA ARG M 58 4.53 42.39 46.59
C ARG M 58 5.68 41.46 46.92
N SER M 59 6.70 41.48 46.08
CA SER M 59 7.85 40.62 46.29
C SER M 59 9.14 41.39 45.99
N SER M 60 9.63 42.13 46.98
CA SER M 60 10.83 42.94 46.83
C SER M 60 12.10 42.26 47.34
N GLY M 61 13.25 42.65 46.80
CA GLY M 61 14.51 42.07 47.21
C GLY M 61 15.65 43.07 47.23
N LYS M 62 16.87 42.57 47.30
CA LYS M 62 18.06 43.42 47.32
C LYS M 62 18.22 44.14 46.00
N PHE M 63 18.90 45.29 46.02
CA PHE M 63 19.12 46.08 44.81
C PHE M 63 20.11 47.22 45.04
N VAL M 64 20.81 47.63 43.98
CA VAL M 64 21.74 48.75 44.05
C VAL M 64 21.65 49.55 42.75
N ARG M 65 21.57 50.87 42.89
CA ARG M 65 21.45 51.77 41.75
C ARG M 65 22.47 52.91 41.82
N ARG M 66 22.99 53.30 40.67
CA ARG M 66 23.96 54.38 40.61
C ARG M 66 23.70 55.38 39.49
N PHE M 67 23.93 56.65 39.77
CA PHE M 67 23.74 57.72 38.79
C PHE M 67 24.98 58.60 38.72
N ARG M 68 25.36 59.02 37.52
CA ARG M 68 26.52 59.87 37.40
C ARG M 68 26.09 61.33 37.41
N LEU M 69 26.40 62.01 38.51
CA LEU M 69 26.06 63.42 38.67
C LEU M 69 26.85 64.23 37.65
N LEU M 70 26.30 65.36 37.23
CA LEU M 70 26.96 66.21 36.25
C LEU M 70 28.13 66.95 36.89
N GLU M 71 28.07 67.13 38.20
CA GLU M 71 29.12 67.83 38.94
C GLU M 71 29.34 67.17 40.30
N ASP M 72 30.57 67.19 40.78
CA ASP M 72 30.88 66.62 42.08
C ASP M 72 29.96 67.26 43.10
N ALA M 73 29.31 66.44 43.91
CA ALA M 73 28.37 66.94 44.90
C ALA M 73 29.02 67.24 46.25
N LYS M 74 28.48 68.24 46.94
CA LYS M 74 28.95 68.61 48.26
C LYS M 74 28.18 67.73 49.22
N VAL M 75 28.70 66.53 49.44
CA VAL M 75 28.07 65.54 50.29
C VAL M 75 27.38 66.03 51.57
N GLU M 76 27.86 67.11 52.17
CA GLU M 76 27.23 67.58 53.40
C GLU M 76 25.95 68.35 53.12
N GLU M 77 25.71 68.64 51.84
CA GLU M 77 24.52 69.38 51.43
C GLU M 77 23.43 68.48 50.86
N VAL M 78 23.76 67.22 50.63
CA VAL M 78 22.81 66.25 50.09
C VAL M 78 21.78 65.87 51.16
N LYS M 79 20.50 66.04 50.83
CA LYS M 79 19.41 65.70 51.74
C LYS M 79 18.68 64.44 51.26
N ALA M 80 18.31 63.58 52.21
CA ALA M 80 17.61 62.34 51.88
C ALA M 80 16.49 62.07 52.87
N GLY M 81 15.26 61.97 52.38
CA GLY M 81 14.13 61.73 53.24
C GLY M 81 13.25 60.60 52.76
N LEU M 82 12.69 59.86 53.71
CA LEU M 82 11.82 58.74 53.38
C LEU M 82 10.43 59.06 53.90
N GLU M 83 9.43 59.02 53.03
CA GLU M 83 8.08 59.33 53.43
C GLU M 83 7.02 58.72 52.51
N ASN M 84 6.01 58.09 53.10
CA ASN M 84 4.94 57.45 52.33
C ASN M 84 5.48 56.54 51.25
N GLY M 85 6.49 55.75 51.61
CA GLY M 85 7.09 54.79 50.70
C GLY M 85 7.96 55.38 49.61
N VAL M 86 8.18 56.68 49.63
CA VAL M 86 8.99 57.34 48.61
C VAL M 86 10.27 57.95 49.13
N LEU M 87 11.41 57.48 48.62
CA LEU M 87 12.70 58.00 49.01
C LEU M 87 12.98 59.21 48.13
N THR M 88 13.51 60.27 48.73
CA THR M 88 13.81 61.48 47.98
C THR M 88 15.22 61.94 48.29
N VAL M 89 16.03 62.08 47.24
CA VAL M 89 17.41 62.51 47.42
C VAL M 89 17.61 63.81 46.64
N THR M 90 17.86 64.90 47.37
CA THR M 90 18.07 66.19 46.73
C THR M 90 19.55 66.54 46.74
N VAL M 91 20.09 66.87 45.57
CA VAL M 91 21.50 67.23 45.45
C VAL M 91 21.64 68.66 44.94
N PRO M 92 21.98 69.60 45.84
CA PRO M 92 22.15 71.02 45.52
C PRO M 92 23.25 71.27 44.50
N LYS M 93 22.92 72.01 43.44
CA LYS M 93 23.92 72.34 42.43
C LYS M 93 24.53 73.68 42.78
N ALA N 1 -1.24 48.61 41.23
CA ALA N 1 -1.00 48.58 42.67
C ALA N 1 -0.84 47.12 43.09
N ARG N 2 0.36 46.77 43.55
CA ARG N 2 0.64 45.39 43.97
C ARG N 2 0.00 45.09 45.32
N MET N 3 -0.72 43.99 45.38
CA MET N 3 -1.42 43.60 46.60
C MET N 3 -1.23 42.15 47.02
N ASP N 4 -1.12 41.95 48.33
CA ASP N 4 -0.98 40.62 48.91
C ASP N 4 -2.31 40.32 49.58
N TRP N 5 -2.64 39.03 49.67
CA TRP N 5 -3.86 38.58 50.30
C TRP N 5 -3.51 37.42 51.23
N LYS N 6 -3.45 37.71 52.53
CA LYS N 6 -3.15 36.72 53.55
C LYS N 6 -4.36 36.49 54.44
N GLU N 7 -4.41 35.32 55.07
CA GLU N 7 -5.51 34.98 55.94
C GLU N 7 -5.03 34.60 57.33
N THR N 8 -5.59 35.26 58.33
CA THR N 8 -5.25 34.97 59.72
C THR N 8 -6.45 34.24 60.31
N PRO N 9 -6.29 33.62 61.48
CA PRO N 9 -7.43 32.92 62.05
C PRO N 9 -8.60 33.87 62.27
N GLU N 10 -8.27 35.15 62.49
CA GLU N 10 -9.28 36.17 62.76
C GLU N 10 -9.80 36.93 61.53
N ALA N 11 -8.97 37.11 60.52
CA ALA N 11 -9.41 37.86 59.34
C ALA N 11 -8.53 37.72 58.10
N HIS N 12 -9.09 38.17 56.98
CA HIS N 12 -8.37 38.16 55.71
C HIS N 12 -7.72 39.53 55.65
N VAL N 13 -6.41 39.56 55.44
CA VAL N 13 -5.67 40.81 55.39
C VAL N 13 -5.12 41.10 54.01
N PHE N 14 -5.37 42.31 53.53
CA PHE N 14 -4.90 42.72 52.22
C PHE N 14 -3.86 43.84 52.36
N LYS N 15 -2.80 43.76 51.57
CA LYS N 15 -1.74 44.76 51.59
C LYS N 15 -1.60 45.35 50.19
N ALA N 16 -1.28 46.64 50.09
CA ALA N 16 -1.13 47.26 48.78
C ALA N 16 -0.01 48.28 48.78
N ASP N 17 0.91 48.18 47.83
CA ASP N 17 1.99 49.14 47.73
C ASP N 17 1.41 50.37 47.08
N LEU N 18 1.44 51.50 47.79
CA LEU N 18 0.91 52.75 47.26
C LEU N 18 1.87 53.88 47.60
N PRO N 19 3.14 53.75 47.19
CA PRO N 19 4.09 54.82 47.50
C PRO N 19 3.64 56.17 46.94
N GLY N 20 3.89 57.23 47.70
CA GLY N 20 3.53 58.57 47.27
C GLY N 20 2.05 58.89 47.19
N VAL N 21 1.23 58.14 47.91
CA VAL N 21 -0.21 58.38 47.88
C VAL N 21 -0.70 58.79 49.27
N LYS N 22 -1.34 59.95 49.35
CA LYS N 22 -1.86 60.44 50.63
C LYS N 22 -3.23 59.79 50.85
N LYS N 23 -3.58 59.56 52.11
CA LYS N 23 -4.86 58.93 52.43
C LYS N 23 -6.08 59.63 51.85
N GLU N 24 -5.91 60.85 51.35
CA GLU N 24 -7.02 61.59 50.76
C GLU N 24 -7.20 61.20 49.30
N GLU N 25 -6.25 60.44 48.77
CA GLU N 25 -6.28 60.01 47.38
C GLU N 25 -6.65 58.53 47.23
N VAL N 26 -6.83 57.86 48.36
CA VAL N 26 -7.18 56.45 48.36
C VAL N 26 -8.61 56.24 48.87
N LYS N 27 -9.31 55.29 48.28
CA LYS N 27 -10.67 54.99 48.68
C LYS N 27 -10.80 53.48 48.93
N VAL N 28 -11.36 53.12 50.07
CA VAL N 28 -11.56 51.70 50.40
C VAL N 28 -13.05 51.45 50.59
N GLU N 29 -13.63 50.60 49.74
CA GLU N 29 -15.05 50.32 49.85
C GLU N 29 -15.42 48.85 49.66
N VAL N 30 -16.71 48.60 49.83
CA VAL N 30 -17.28 47.27 49.67
C VAL N 30 -18.50 47.45 48.75
N GLU N 31 -18.37 46.99 47.52
CA GLU N 31 -19.44 47.09 46.54
C GLU N 31 -20.24 45.80 46.51
N ASP N 32 -21.41 45.86 45.88
CA ASP N 32 -22.29 44.71 45.73
C ASP N 32 -22.41 43.84 46.97
N GLY N 33 -22.16 44.43 48.14
CA GLY N 33 -22.26 43.69 49.38
C GLY N 33 -21.05 42.87 49.79
N ASN N 34 -20.29 42.36 48.82
CA ASN N 34 -19.13 41.55 49.18
C ASN N 34 -17.91 41.69 48.30
N VAL N 35 -17.74 42.84 47.66
CA VAL N 35 -16.57 43.05 46.81
C VAL N 35 -15.73 44.22 47.33
N LEU N 36 -14.55 43.89 47.84
CA LEU N 36 -13.63 44.91 48.36
C LEU N 36 -13.05 45.70 47.18
N VAL N 37 -13.18 47.02 47.23
CA VAL N 37 -12.65 47.85 46.15
C VAL N 37 -11.66 48.88 46.67
N VAL N 38 -10.41 48.74 46.24
CA VAL N 38 -9.35 49.66 46.62
C VAL N 38 -9.00 50.46 45.38
N SER N 39 -9.20 51.77 45.43
CA SER N 39 -8.89 52.60 44.29
C SER N 39 -8.42 53.99 44.71
N GLY N 40 -7.83 54.69 43.76
CA GLY N 40 -7.33 56.03 44.04
C GLY N 40 -6.45 56.48 42.89
N GLU N 41 -5.68 57.54 43.11
CA GLU N 41 -4.82 58.06 42.06
C GLU N 41 -3.44 58.43 42.59
N ARG N 42 -2.43 58.16 41.78
CA ARG N 42 -1.06 58.47 42.14
C ARG N 42 -0.76 59.70 41.29
N THR N 43 -1.12 60.87 41.81
CA THR N 43 -0.96 62.12 41.11
C THR N 43 0.41 62.41 40.51
N LYS N 44 0.41 62.79 39.24
CA LYS N 44 1.64 63.12 38.53
C LYS N 44 2.05 64.55 38.87
N GLU N 45 3.30 64.71 39.26
CA GLU N 45 3.82 66.02 39.64
C GLU N 45 4.33 66.78 38.42
N LYS N 46 3.40 67.14 37.53
CA LYS N 46 3.75 67.85 36.30
C LYS N 46 4.79 68.96 36.39
N GLU N 47 4.66 69.84 37.37
CA GLU N 47 5.62 70.92 37.58
C GLU N 47 5.75 71.96 36.45
N ASP N 48 6.93 72.56 36.35
CA ASP N 48 7.22 73.58 35.37
C ASP N 48 8.22 73.17 34.29
N LYS N 49 8.27 73.97 33.21
CA LYS N 49 9.16 73.71 32.08
C LYS N 49 10.62 74.06 32.38
N ASN N 50 10.86 74.71 33.51
CA ASN N 50 12.22 75.05 33.89
C ASN N 50 12.96 73.75 34.19
N ASP N 51 12.20 72.74 34.60
CA ASP N 51 12.74 71.44 34.96
C ASP N 51 13.20 70.63 33.76
N LYS N 52 13.99 69.60 34.05
CA LYS N 52 14.54 68.73 33.01
C LYS N 52 14.53 67.30 33.54
N TRP N 53 13.96 66.37 32.78
CA TRP N 53 13.91 64.99 33.23
C TRP N 53 14.96 64.09 32.61
N HIS N 54 15.80 63.49 33.46
CA HIS N 54 16.86 62.61 32.98
C HIS N 54 16.46 61.15 33.05
N ARG N 55 15.48 60.84 33.89
CA ARG N 55 15.02 59.47 34.03
C ARG N 55 13.62 59.46 34.61
N VAL N 56 12.78 58.58 34.10
CA VAL N 56 11.41 58.46 34.58
C VAL N 56 11.00 57.00 34.53
N GLU N 57 10.84 56.39 35.71
CA GLU N 57 10.45 54.99 35.80
C GLU N 57 9.22 54.81 36.66
N ARG N 58 8.94 55.81 37.49
CA ARG N 58 7.80 55.71 38.36
C ARG N 58 6.49 56.00 37.64
N SER N 59 5.47 55.20 37.92
CA SER N 59 4.17 55.38 37.28
C SER N 59 3.28 56.34 38.05
N SER N 60 2.22 56.80 37.38
CA SER N 60 1.27 57.70 38.00
C SER N 60 -0.09 57.44 37.36
N GLY N 61 -1.13 58.00 37.95
CA GLY N 61 -2.46 57.80 37.40
C GLY N 61 -3.39 57.06 38.34
N LYS N 62 -4.46 56.53 37.77
CA LYS N 62 -5.47 55.81 38.53
C LYS N 62 -5.13 54.34 38.72
N PHE N 63 -5.58 53.77 39.84
CA PHE N 63 -5.39 52.36 40.13
C PHE N 63 -6.70 51.82 40.71
N VAL N 64 -7.01 50.56 40.40
CA VAL N 64 -8.23 49.92 40.87
C VAL N 64 -7.99 48.46 41.21
N ARG N 65 -8.39 48.05 42.42
CA ARG N 65 -8.23 46.65 42.81
C ARG N 65 -9.46 46.10 43.48
N ARG N 66 -9.88 44.92 43.04
CA ARG N 66 -11.08 44.29 43.57
C ARG N 66 -10.90 42.84 44.03
N PHE N 67 -11.38 42.53 45.22
CA PHE N 67 -11.30 41.18 45.75
C PHE N 67 -12.70 40.82 46.21
N ARG N 68 -13.10 39.57 46.00
CA ARG N 68 -14.42 39.14 46.43
C ARG N 68 -14.33 38.53 47.82
N LEU N 69 -14.95 39.21 48.79
CA LEU N 69 -14.95 38.74 50.18
C LEU N 69 -16.00 37.63 50.33
N LEU N 70 -16.04 37.03 51.51
CA LEU N 70 -17.00 35.96 51.78
C LEU N 70 -18.40 36.54 51.99
N GLU N 71 -19.41 35.79 51.53
CA GLU N 71 -20.81 36.21 51.69
C GLU N 71 -21.13 36.42 53.17
N ASP N 72 -20.23 35.97 54.03
CA ASP N 72 -20.39 36.11 55.48
C ASP N 72 -19.13 36.69 56.10
N ALA N 73 -18.86 37.96 55.81
CA ALA N 73 -17.68 38.64 56.34
C ALA N 73 -18.14 39.90 57.06
N LYS N 74 -17.44 40.25 58.11
CA LYS N 74 -17.77 41.44 58.90
C LYS N 74 -17.59 42.71 58.06
N VAL N 75 -18.41 42.86 57.03
CA VAL N 75 -18.36 44.01 56.14
C VAL N 75 -18.39 45.35 56.87
N GLU N 76 -19.03 45.40 58.04
CA GLU N 76 -19.10 46.63 58.82
C GLU N 76 -17.89 46.78 59.72
N GLU N 77 -17.04 45.76 59.78
CA GLU N 77 -15.86 45.81 60.63
C GLU N 77 -14.53 45.84 59.89
N VAL N 78 -14.58 46.20 58.61
CA VAL N 78 -13.36 46.28 57.80
C VAL N 78 -12.56 47.54 58.16
N LYS N 79 -11.28 47.36 58.46
CA LYS N 79 -10.44 48.50 58.80
C LYS N 79 -9.47 48.73 57.65
N ALA N 80 -8.94 49.95 57.55
CA ALA N 80 -8.00 50.28 56.50
C ALA N 80 -6.95 51.24 57.05
N GLY N 81 -5.70 50.81 57.01
CA GLY N 81 -4.62 51.65 57.49
C GLY N 81 -3.63 51.94 56.39
N LEU N 82 -2.99 53.11 56.45
CA LEU N 82 -2.01 53.50 55.45
C LEU N 82 -0.77 54.05 56.11
N GLU N 83 0.36 53.37 55.91
CA GLU N 83 1.61 53.81 56.52
C GLU N 83 2.81 53.38 55.68
N ASN N 84 3.76 54.29 55.53
CA ASN N 84 4.98 54.03 54.76
C ASN N 84 4.71 53.48 53.36
N GLY N 85 3.75 54.11 52.67
CA GLY N 85 3.42 53.69 51.33
C GLY N 85 2.75 52.34 51.20
N VAL N 86 2.32 51.75 52.31
CA VAL N 86 1.64 50.46 52.25
C VAL N 86 0.26 50.53 52.90
N LEU N 87 -0.75 50.12 52.14
CA LEU N 87 -2.13 50.12 52.61
C LEU N 87 -2.48 48.73 53.16
N THR N 88 -3.15 48.70 54.29
CA THR N 88 -3.55 47.44 54.90
C THR N 88 -5.04 47.42 55.19
N VAL N 89 -5.73 46.42 54.67
CA VAL N 89 -7.16 46.30 54.89
C VAL N 89 -7.42 45.01 55.65
N THR N 90 -8.15 45.12 56.76
CA THR N 90 -8.44 43.96 57.60
C THR N 90 -9.92 43.61 57.55
N VAL N 91 -10.22 42.48 56.92
CA VAL N 91 -11.60 42.04 56.82
C VAL N 91 -11.86 40.91 57.80
N PRO N 92 -12.49 41.22 58.95
CA PRO N 92 -12.82 40.25 60.00
C PRO N 92 -13.64 39.07 59.48
N LYS N 93 -13.33 37.88 59.97
CA LYS N 93 -14.05 36.68 59.55
C LYS N 93 -15.21 36.41 60.49
N ALA O 1 23.60 -36.05 -50.67
CA ALA O 1 24.54 -37.03 -51.18
C ALA O 1 25.43 -37.66 -50.12
N ARG O 2 24.84 -38.43 -49.22
CA ARG O 2 25.60 -39.11 -48.18
C ARG O 2 26.60 -40.01 -48.91
N MET O 3 27.87 -39.92 -48.56
CA MET O 3 28.89 -40.71 -49.23
C MET O 3 29.84 -41.47 -48.34
N ASP O 4 30.30 -42.61 -48.84
CA ASP O 4 31.27 -43.45 -48.14
C ASP O 4 32.52 -43.51 -48.99
N TRP O 5 33.66 -43.67 -48.33
CA TRP O 5 34.93 -43.76 -49.02
C TRP O 5 35.69 -44.91 -48.40
N LYS O 6 35.88 -45.97 -49.17
CA LYS O 6 36.59 -47.14 -48.72
C LYS O 6 37.87 -47.32 -49.53
N GLU O 7 38.93 -47.77 -48.86
CA GLU O 7 40.18 -47.99 -49.56
C GLU O 7 40.60 -49.44 -49.48
N THR O 8 40.26 -50.22 -50.50
CA THR O 8 40.66 -51.61 -50.54
C THR O 8 42.08 -51.53 -51.06
N PRO O 9 42.86 -52.61 -50.94
CA PRO O 9 44.23 -52.57 -51.44
C PRO O 9 44.30 -52.24 -52.94
N GLU O 10 43.29 -52.68 -53.68
CA GLU O 10 43.24 -52.49 -55.13
C GLU O 10 42.77 -51.11 -55.62
N ALA O 11 41.88 -50.46 -54.89
CA ALA O 11 41.39 -49.17 -55.33
C ALA O 11 40.60 -48.39 -54.27
N HIS O 12 40.27 -47.14 -54.59
CA HIS O 12 39.47 -46.31 -53.70
C HIS O 12 38.04 -46.42 -54.20
N VAL O 13 37.11 -46.79 -53.34
CA VAL O 13 35.71 -46.93 -53.73
C VAL O 13 34.81 -45.96 -53.00
N PHE O 14 34.13 -45.10 -53.76
CA PHE O 14 33.22 -44.12 -53.19
C PHE O 14 31.79 -44.51 -53.50
N LYS O 15 30.90 -44.31 -52.53
CA LYS O 15 29.49 -44.62 -52.71
C LYS O 15 28.71 -43.36 -52.39
N ALA O 16 27.63 -43.13 -53.14
CA ALA O 16 26.82 -41.96 -52.90
C ALA O 16 25.35 -42.31 -53.06
N ASP O 17 24.55 -42.02 -52.03
CA ASP O 17 23.14 -42.31 -52.13
C ASP O 17 22.50 -41.20 -52.92
N LEU O 18 22.08 -41.53 -54.14
CA LEU O 18 21.44 -40.58 -55.03
C LEU O 18 20.17 -41.20 -55.57
N PRO O 19 19.24 -41.53 -54.68
CA PRO O 19 17.97 -42.14 -55.10
C PRO O 19 17.17 -41.31 -56.10
N GLY O 20 16.63 -41.99 -57.11
CA GLY O 20 15.83 -41.33 -58.13
C GLY O 20 16.55 -40.35 -59.03
N VAL O 21 17.87 -40.43 -59.05
CA VAL O 21 18.67 -39.53 -59.87
C VAL O 21 19.09 -40.22 -61.18
N LYS O 22 19.04 -39.46 -62.27
CA LYS O 22 19.42 -39.99 -63.58
C LYS O 22 20.83 -39.50 -63.90
N LYS O 23 21.61 -40.33 -64.57
CA LYS O 23 22.98 -40.00 -64.94
C LYS O 23 23.17 -38.62 -65.57
N GLU O 24 22.15 -38.13 -66.28
CA GLU O 24 22.24 -36.81 -66.90
C GLU O 24 22.17 -35.70 -65.85
N GLU O 25 21.94 -36.10 -64.60
CA GLU O 25 21.82 -35.16 -63.49
C GLU O 25 22.98 -35.22 -62.51
N VAL O 26 23.88 -36.18 -62.69
CA VAL O 26 25.04 -36.35 -61.83
C VAL O 26 26.34 -36.15 -62.61
N LYS O 27 27.37 -35.72 -61.93
CA LYS O 27 28.63 -35.47 -62.61
C LYS O 27 29.83 -35.89 -61.76
N VAL O 28 30.69 -36.71 -62.34
CA VAL O 28 31.89 -37.17 -61.66
C VAL O 28 33.09 -36.66 -62.45
N GLU O 29 33.86 -35.75 -61.86
CA GLU O 29 35.00 -35.18 -62.54
C GLU O 29 36.26 -35.34 -61.68
N VAL O 30 37.40 -34.98 -62.26
CA VAL O 30 38.66 -35.04 -61.55
C VAL O 30 39.35 -33.70 -61.77
N GLU O 31 39.78 -33.06 -60.69
CA GLU O 31 40.42 -31.76 -60.78
C GLU O 31 41.82 -31.78 -60.21
N ASP O 32 42.68 -30.93 -60.76
CA ASP O 32 44.05 -30.81 -60.32
C ASP O 32 44.72 -32.14 -60.00
N GLY O 33 44.52 -33.11 -60.89
CA GLY O 33 45.12 -34.43 -60.72
C GLY O 33 44.69 -35.35 -59.59
N ASN O 34 44.40 -34.81 -58.41
CA ASN O 34 44.00 -35.68 -57.30
C ASN O 34 42.74 -35.30 -56.54
N VAL O 35 41.78 -34.66 -57.19
CA VAL O 35 40.55 -34.28 -56.50
C VAL O 35 39.30 -34.80 -57.17
N LEU O 36 38.68 -35.81 -56.56
CA LEU O 36 37.47 -36.39 -57.09
C LEU O 36 36.36 -35.39 -56.78
N VAL O 37 35.49 -35.15 -57.76
CA VAL O 37 34.40 -34.22 -57.57
C VAL O 37 33.07 -34.84 -57.98
N VAL O 38 32.11 -34.83 -57.07
CA VAL O 38 30.79 -35.38 -57.35
C VAL O 38 29.75 -34.28 -57.13
N SER O 39 28.95 -34.01 -58.15
CA SER O 39 27.94 -32.97 -58.07
C SER O 39 26.71 -33.32 -58.89
N GLY O 40 25.64 -32.56 -58.71
CA GLY O 40 24.42 -32.81 -59.45
C GLY O 40 23.20 -32.12 -58.89
N GLU O 41 22.02 -32.58 -59.32
CA GLU O 41 20.76 -32.04 -58.86
C GLU O 41 19.60 -32.86 -59.41
N ARG O 42 18.88 -33.54 -58.53
CA ARG O 42 17.75 -34.37 -58.94
C ARG O 42 16.71 -33.47 -59.59
N THR O 43 16.30 -33.84 -60.80
CA THR O 43 15.31 -33.07 -61.56
C THR O 43 13.93 -33.13 -60.93
N LYS O 44 13.09 -32.18 -61.32
CA LYS O 44 11.72 -32.14 -60.82
C LYS O 44 10.99 -33.30 -61.45
N GLU O 45 10.23 -34.02 -60.63
CA GLU O 45 9.47 -35.16 -61.13
C GLU O 45 8.36 -34.59 -62.01
N LYS O 46 8.48 -34.81 -63.31
CA LYS O 46 7.49 -34.33 -64.27
C LYS O 46 6.19 -35.10 -64.08
N GLU O 47 5.80 -35.25 -62.82
CA GLU O 47 4.58 -35.97 -62.47
C GLU O 47 3.38 -35.04 -62.46
N ASP O 48 2.21 -35.64 -62.68
CA ASP O 48 0.94 -34.97 -62.75
C ASP O 48 0.87 -33.60 -62.09
N LYS O 49 0.87 -32.56 -62.92
CA LYS O 49 0.78 -31.18 -62.42
C LYS O 49 -0.68 -31.12 -61.95
N ASN O 50 -0.90 -30.75 -60.70
CA ASN O 50 -2.21 -30.63 -60.06
C ASN O 50 -2.39 -31.61 -58.91
N ASP O 51 -1.49 -32.58 -58.78
CA ASP O 51 -1.59 -33.57 -57.72
C ASP O 51 -1.61 -32.92 -56.35
N LYS O 52 -2.21 -33.62 -55.38
CA LYS O 52 -2.27 -33.10 -54.03
C LYS O 52 -1.12 -33.68 -53.23
N TRP O 53 -0.31 -32.82 -52.62
CA TRP O 53 0.82 -33.27 -51.83
C TRP O 53 0.48 -33.37 -50.35
N HIS O 54 0.19 -34.57 -49.88
CA HIS O 54 -0.14 -34.79 -48.47
C HIS O 54 1.11 -34.66 -47.60
N ARG O 55 2.19 -35.32 -48.01
CA ARG O 55 3.42 -35.29 -47.25
C ARG O 55 4.63 -35.36 -48.18
N VAL O 56 5.62 -34.52 -47.93
CA VAL O 56 6.83 -34.49 -48.75
C VAL O 56 8.08 -34.46 -47.90
N GLU O 57 8.78 -35.59 -47.83
CA GLU O 57 10.02 -35.66 -47.06
C GLU O 57 11.20 -35.64 -48.03
N ARG O 58 11.06 -36.36 -49.14
CA ARG O 58 12.10 -36.43 -50.15
C ARG O 58 12.22 -35.04 -50.75
N SER O 59 13.26 -34.32 -50.35
CA SER O 59 13.46 -32.97 -50.85
C SER O 59 14.95 -32.75 -51.15
N SER O 60 15.38 -33.16 -52.33
CA SER O 60 16.78 -33.04 -52.73
C SER O 60 17.06 -31.80 -53.58
N GLY O 61 18.31 -31.33 -53.55
CA GLY O 61 18.69 -30.16 -54.31
C GLY O 61 20.10 -30.25 -54.88
N LYS O 62 20.63 -29.12 -55.33
CA LYS O 62 21.97 -29.06 -55.89
C LYS O 62 23.01 -29.35 -54.82
N PHE O 63 24.19 -29.83 -55.24
CA PHE O 63 25.26 -30.16 -54.31
C PHE O 63 26.57 -30.48 -55.02
N VAL O 64 27.69 -30.23 -54.36
CA VAL O 64 29.01 -30.54 -54.91
C VAL O 64 29.91 -31.05 -53.78
N ARG O 65 30.60 -32.16 -54.06
CA ARG O 65 31.49 -32.78 -53.08
C ARG O 65 32.88 -33.05 -53.66
N ARG O 66 33.90 -32.89 -52.84
CA ARG O 66 35.26 -33.14 -53.28
C ARG O 66 36.09 -33.93 -52.29
N PHE O 67 36.94 -34.82 -52.79
CA PHE O 67 37.81 -35.64 -51.96
C PHE O 67 39.24 -35.56 -52.47
N ARG O 68 40.21 -35.49 -51.55
CA ARG O 68 41.59 -35.44 -51.97
C ARG O 68 42.17 -36.83 -52.01
N LEU O 69 42.40 -37.33 -53.23
CA LEU O 69 42.96 -38.66 -53.44
C LEU O 69 44.39 -38.67 -52.89
N LEU O 70 44.85 -39.84 -52.45
CA LEU O 70 46.19 -39.97 -51.91
C LEU O 70 47.23 -39.92 -53.02
N GLU O 71 46.82 -40.27 -54.23
CA GLU O 71 47.71 -40.27 -55.38
C GLU O 71 46.97 -39.79 -56.63
N ASP O 72 47.67 -39.12 -57.52
CA ASP O 72 47.07 -38.66 -58.76
C ASP O 72 46.44 -39.85 -59.45
N ALA O 73 45.19 -39.71 -59.85
CA ALA O 73 44.47 -40.81 -60.49
C ALA O 73 44.62 -40.82 -62.01
N LYS O 74 44.60 -42.03 -62.58
CA LYS O 74 44.68 -42.20 -64.01
C LYS O 74 43.24 -42.11 -64.50
N VAL O 75 42.80 -40.88 -64.74
CA VAL O 75 41.44 -40.60 -65.17
C VAL O 75 40.79 -41.57 -66.16
N GLU O 76 41.57 -42.21 -67.03
CA GLU O 76 40.96 -43.12 -67.99
C GLU O 76 40.64 -44.46 -67.37
N GLU O 77 41.11 -44.67 -66.14
CA GLU O 77 40.88 -45.92 -65.43
C GLU O 77 39.77 -45.81 -64.38
N VAL O 78 39.32 -44.59 -64.13
CA VAL O 78 38.25 -44.35 -63.16
C VAL O 78 36.90 -44.81 -63.72
N LYS O 79 36.23 -45.69 -62.97
CA LYS O 79 34.92 -46.21 -63.37
C LYS O 79 33.82 -45.61 -62.50
N ALA O 80 32.68 -45.29 -63.12
CA ALA O 80 31.55 -44.70 -62.40
C ALA O 80 30.24 -45.31 -62.87
N GLY O 81 29.49 -45.92 -61.95
CA GLY O 81 28.24 -46.53 -62.31
C GLY O 81 27.11 -46.12 -61.40
N LEU O 82 25.92 -46.01 -61.97
CA LEU O 82 24.74 -45.62 -61.20
C LEU O 82 23.77 -46.79 -61.22
N GLU O 83 23.36 -47.26 -60.04
CA GLU O 83 22.45 -48.38 -59.97
C GLU O 83 21.67 -48.43 -58.65
N ASN O 84 20.36 -48.63 -58.74
CA ASN O 84 19.50 -48.69 -57.56
C ASN O 84 19.71 -47.50 -56.64
N GLY O 85 19.81 -46.31 -57.24
CA GLY O 85 19.98 -45.08 -56.49
C GLY O 85 21.35 -44.86 -55.88
N VAL O 86 22.29 -45.75 -56.15
CA VAL O 86 23.64 -45.64 -55.59
C VAL O 86 24.72 -45.40 -56.62
N LEU O 87 25.41 -44.27 -56.50
CA LEU O 87 26.50 -43.94 -57.40
C LEU O 87 27.75 -44.60 -56.85
N THR O 88 28.55 -45.18 -57.73
CA THR O 88 29.78 -45.84 -57.30
C THR O 88 30.94 -45.39 -58.16
N VAL O 89 31.97 -44.86 -57.52
CA VAL O 89 33.14 -44.38 -58.23
C VAL O 89 34.36 -45.17 -57.76
N THR O 90 34.94 -45.96 -58.67
CA THR O 90 36.11 -46.75 -58.32
C THR O 90 37.36 -46.12 -58.92
N VAL O 91 38.37 -45.90 -58.08
CA VAL O 91 39.62 -45.30 -58.53
C VAL O 91 40.78 -46.27 -58.30
N PRO O 92 41.26 -46.92 -59.38
CA PRO O 92 42.37 -47.88 -59.33
C PRO O 92 43.67 -47.27 -58.82
N LYS O 93 44.27 -47.90 -57.82
CA LYS O 93 45.54 -47.42 -57.29
C LYS O 93 46.67 -48.14 -58.01
N ALA P 1 13.79 -44.11 -43.92
CA ALA P 1 13.42 -44.13 -45.33
C ALA P 1 12.50 -42.94 -45.58
N ARG P 2 12.95 -41.99 -46.40
CA ARG P 2 12.15 -40.80 -46.71
C ARG P 2 11.03 -41.14 -47.68
N MET P 3 9.82 -40.72 -47.33
CA MET P 3 8.65 -41.00 -48.15
C MET P 3 7.75 -39.81 -48.42
N ASP P 4 7.23 -39.75 -49.63
CA ASP P 4 6.30 -38.71 -50.05
C ASP P 4 4.93 -39.38 -50.14
N TRP P 5 3.89 -38.58 -49.94
CA TRP P 5 2.53 -39.06 -50.02
C TRP P 5 1.72 -38.06 -50.85
N LYS P 6 1.47 -38.42 -52.11
CA LYS P 6 0.71 -37.60 -53.03
C LYS P 6 -0.61 -38.27 -53.37
N GLU P 7 -1.59 -37.47 -53.79
CA GLU P 7 -2.89 -38.00 -54.15
C GLU P 7 -3.29 -37.59 -55.55
N THR P 8 -3.65 -38.57 -56.36
CA THR P 8 -4.09 -38.32 -57.72
C THR P 8 -5.60 -38.56 -57.73
N PRO P 9 -6.28 -38.13 -58.79
CA PRO P 9 -7.72 -38.35 -58.81
C PRO P 9 -8.04 -39.85 -58.71
N GLU P 10 -7.12 -40.67 -59.20
CA GLU P 10 -7.29 -42.12 -59.21
C GLU P 10 -6.75 -42.87 -57.99
N ALA P 11 -5.69 -42.37 -57.38
CA ALA P 11 -5.11 -43.07 -56.23
C ALA P 11 -4.13 -42.26 -55.39
N HIS P 12 -3.83 -42.80 -54.21
CA HIS P 12 -2.87 -42.19 -53.31
C HIS P 12 -1.56 -42.86 -53.66
N VAL P 13 -0.55 -42.05 -53.95
CA VAL P 13 0.76 -42.57 -54.34
C VAL P 13 1.83 -42.28 -53.31
N PHE P 14 2.57 -43.32 -52.93
CA PHE P 14 3.63 -43.18 -51.95
C PHE P 14 4.99 -43.43 -52.60
N LYS P 15 5.97 -42.62 -52.25
CA LYS P 15 7.33 -42.76 -52.78
C LYS P 15 8.28 -42.95 -51.62
N ALA P 16 9.34 -43.74 -51.82
CA ALA P 16 10.30 -43.97 -50.74
C ALA P 16 11.71 -44.09 -51.29
N ASP P 17 12.64 -43.32 -50.73
CA ASP P 17 14.02 -43.39 -51.16
C ASP P 17 14.61 -44.62 -50.51
N LEU P 18 15.06 -45.58 -51.32
CA LEU P 18 15.64 -46.81 -50.80
C LEU P 18 16.88 -47.16 -51.61
N PRO P 19 17.84 -46.22 -51.68
CA PRO P 19 19.05 -46.52 -52.45
C PRO P 19 19.76 -47.77 -51.95
N GLY P 20 20.31 -48.55 -52.88
CA GLY P 20 21.03 -49.76 -52.53
C GLY P 20 20.22 -50.90 -51.96
N VAL P 21 18.92 -50.91 -52.22
CA VAL P 21 18.07 -51.97 -51.71
C VAL P 21 17.47 -52.78 -52.86
N LYS P 22 17.70 -54.08 -52.85
CA LYS P 22 17.16 -54.95 -53.90
C LYS P 22 15.72 -55.30 -53.52
N LYS P 23 14.88 -55.51 -54.52
CA LYS P 23 13.48 -55.84 -54.27
C LYS P 23 13.26 -57.05 -53.38
N GLU P 24 14.31 -57.84 -53.15
CA GLU P 24 14.20 -59.02 -52.30
C GLU P 24 14.36 -58.63 -50.83
N GLU P 25 14.76 -57.39 -50.59
CA GLU P 25 14.98 -56.89 -49.24
C GLU P 25 13.87 -55.94 -48.78
N VAL P 26 12.92 -55.67 -49.66
CA VAL P 26 11.81 -54.78 -49.35
C VAL P 26 10.49 -55.56 -49.27
N LYS P 27 9.64 -55.17 -48.35
CA LYS P 27 8.35 -55.82 -48.18
C LYS P 27 7.25 -54.75 -48.17
N VAL P 28 6.22 -54.97 -48.97
CA VAL P 28 5.10 -54.02 -49.02
C VAL P 28 3.82 -54.76 -48.61
N GLU P 29 3.20 -54.34 -47.51
CA GLU P 29 2.00 -55.00 -47.06
C GLU P 29 0.91 -54.06 -46.56
N VAL P 30 -0.22 -54.67 -46.21
CA VAL P 30 -1.37 -53.96 -45.68
C VAL P 30 -1.78 -54.72 -44.41
N GLU P 31 -1.52 -54.12 -43.26
CA GLU P 31 -1.86 -54.73 -41.98
C GLU P 31 -3.20 -54.21 -41.49
N ASP P 32 -3.75 -54.88 -40.50
CA ASP P 32 -5.02 -54.51 -39.88
C ASP P 32 -6.09 -54.06 -40.87
N GLY P 33 -5.98 -54.52 -42.11
CA GLY P 33 -6.95 -54.17 -43.13
C GLY P 33 -6.76 -52.84 -43.84
N ASN P 34 -6.17 -51.85 -43.16
CA ASN P 34 -5.99 -50.56 -43.81
C ASN P 34 -4.72 -49.80 -43.46
N VAL P 35 -3.67 -50.52 -43.08
CA VAL P 35 -2.40 -49.86 -42.75
C VAL P 35 -1.29 -50.32 -43.69
N LEU P 36 -0.84 -49.41 -44.54
CA LEU P 36 0.23 -49.71 -45.49
C LEU P 36 1.55 -49.81 -44.71
N VAL P 37 2.25 -50.94 -44.89
CA VAL P 37 3.52 -51.13 -44.20
C VAL P 37 4.66 -51.39 -45.17
N VAL P 38 5.61 -50.46 -45.21
CA VAL P 38 6.77 -50.58 -46.07
C VAL P 38 7.97 -50.84 -45.16
N SER P 39 8.61 -51.99 -45.31
CA SER P 39 9.74 -52.30 -44.47
C SER P 39 10.77 -53.15 -45.21
N GLY P 40 11.96 -53.21 -44.65
CA GLY P 40 13.03 -53.99 -45.26
C GLY P 40 14.34 -53.65 -44.58
N GLU P 41 15.45 -54.04 -45.20
CA GLU P 41 16.76 -53.78 -44.62
C GLU P 41 17.76 -53.30 -45.66
N ARG P 42 18.60 -52.36 -45.24
CA ARG P 42 19.62 -51.81 -46.11
C ARG P 42 20.89 -52.48 -45.60
N THR P 43 21.16 -53.68 -46.10
CA THR P 43 22.29 -54.47 -45.68
C THR P 43 23.65 -53.77 -45.66
N LYS P 44 24.35 -53.91 -44.54
CA LYS P 44 25.67 -53.32 -44.37
C LYS P 44 26.70 -54.23 -45.03
N GLU P 45 27.54 -53.65 -45.86
CA GLU P 45 28.57 -54.40 -46.57
C GLU P 45 29.83 -54.53 -45.73
N LYS P 46 29.73 -55.25 -44.62
CA LYS P 46 30.85 -55.43 -43.71
C LYS P 46 32.23 -55.68 -44.31
N GLU P 47 32.32 -56.57 -45.29
CA GLU P 47 33.58 -56.86 -45.96
C GLU P 47 34.72 -57.44 -45.11
N ASP P 48 35.95 -57.18 -45.53
CA ASP P 48 37.14 -57.67 -44.86
C ASP P 48 37.99 -56.59 -44.17
N LYS P 49 38.90 -57.05 -43.31
CA LYS P 49 39.78 -56.15 -42.55
C LYS P 49 40.91 -55.57 -43.40
N ASN P 50 41.06 -56.08 -44.62
CA ASN P 50 42.09 -55.57 -45.51
C ASN P 50 41.70 -54.14 -45.89
N ASP P 51 40.40 -53.88 -45.86
CA ASP P 51 39.86 -52.58 -46.21
C ASP P 51 40.12 -51.51 -45.17
N LYS P 52 39.94 -50.25 -45.59
CA LYS P 52 40.18 -49.10 -44.72
C LYS P 52 39.10 -48.06 -45.02
N TRP P 53 38.41 -47.58 -43.99
CA TRP P 53 37.36 -46.59 -44.20
C TRP P 53 37.78 -45.17 -43.89
N HIS P 54 37.70 -44.30 -44.90
CA HIS P 54 38.08 -42.90 -44.74
C HIS P 54 36.88 -42.02 -44.47
N ARG P 55 35.70 -42.49 -44.84
CA ARG P 55 34.49 -41.71 -44.62
C ARG P 55 33.28 -42.64 -44.65
N VAL P 56 32.34 -42.39 -43.75
CA VAL P 56 31.13 -43.20 -43.68
C VAL P 56 29.97 -42.31 -43.30
N GLU P 57 29.06 -42.08 -44.24
CA GLU P 57 27.89 -41.23 -44.00
C GLU P 57 26.60 -41.96 -44.32
N ARG P 58 26.71 -43.02 -45.12
CA ARG P 58 25.53 -43.76 -45.49
C ARG P 58 25.05 -44.68 -44.38
N SER P 59 23.75 -44.72 -44.18
CA SER P 59 23.18 -45.57 -43.13
C SER P 59 22.85 -46.96 -43.64
N SER P 60 22.64 -47.88 -42.70
CA SER P 60 22.30 -49.25 -43.04
C SER P 60 21.42 -49.79 -41.92
N GLY P 61 20.81 -50.94 -42.16
CA GLY P 61 19.95 -51.53 -41.15
C GLY P 61 18.50 -51.64 -41.57
N LYS P 62 17.64 -51.80 -40.59
CA LYS P 62 16.21 -51.95 -40.83
C LYS P 62 15.48 -50.62 -40.93
N PHE P 63 14.40 -50.61 -41.73
CA PHE P 63 13.57 -49.43 -41.88
C PHE P 63 12.11 -49.88 -41.87
N VAL P 64 11.24 -49.05 -41.31
CA VAL P 64 9.82 -49.35 -41.21
C VAL P 64 8.97 -48.11 -41.42
N ARG P 65 8.00 -48.19 -42.34
CA ARG P 65 7.12 -47.05 -42.58
C ARG P 65 5.66 -47.46 -42.67
N ARG P 66 4.81 -46.74 -41.95
CA ARG P 66 3.39 -47.05 -41.92
C ARG P 66 2.47 -45.87 -42.22
N PHE P 67 1.51 -46.07 -43.11
CA PHE P 67 0.54 -45.04 -43.44
C PHE P 67 -0.83 -45.67 -43.31
N ARG P 68 -1.80 -44.91 -42.81
CA ARG P 68 -3.15 -45.44 -42.67
C ARG P 68 -3.96 -45.09 -43.91
N LEU P 69 -4.34 -46.12 -44.66
CA LEU P 69 -5.13 -45.95 -45.88
C LEU P 69 -6.59 -45.74 -45.49
N LEU P 70 -7.42 -45.44 -46.49
CA LEU P 70 -8.85 -45.24 -46.25
C LEU P 70 -9.56 -46.57 -46.00
N GLU P 71 -10.56 -46.54 -45.12
CA GLU P 71 -11.34 -47.74 -44.81
C GLU P 71 -11.98 -48.30 -46.08
N ASP P 72 -11.94 -47.51 -47.15
CA ASP P 72 -12.49 -47.91 -48.44
C ASP P 72 -11.47 -47.67 -49.56
N ALA P 73 -10.41 -48.46 -49.54
CA ALA P 73 -9.35 -48.34 -50.55
C ALA P 73 -9.17 -49.69 -51.21
N LYS P 74 -8.84 -49.68 -52.49
CA LYS P 74 -8.64 -50.91 -53.24
C LYS P 74 -7.43 -51.69 -52.71
N VAL P 75 -7.54 -52.16 -51.48
CA VAL P 75 -6.48 -52.92 -50.82
C VAL P 75 -5.95 -54.09 -51.66
N GLU P 76 -6.79 -54.66 -52.52
CA GLU P 76 -6.37 -55.77 -53.37
C GLU P 76 -5.76 -55.26 -54.66
N GLU P 77 -5.81 -53.96 -54.89
CA GLU P 77 -5.26 -53.38 -56.11
C GLU P 77 -4.03 -52.50 -55.91
N VAL P 78 -3.38 -52.64 -54.77
CA VAL P 78 -2.18 -51.86 -54.48
C VAL P 78 -0.98 -52.40 -55.26
N LYS P 79 -0.30 -51.52 -55.98
CA LYS P 79 0.86 -51.93 -56.75
C LYS P 79 2.11 -51.37 -56.07
N ALA P 80 3.25 -51.98 -56.34
CA ALA P 80 4.50 -51.54 -55.75
C ALA P 80 5.62 -51.71 -56.76
N GLY P 81 6.26 -50.61 -57.13
CA GLY P 81 7.35 -50.67 -58.07
C GLY P 81 8.63 -50.15 -57.46
N LEU P 82 9.77 -50.68 -57.90
CA LEU P 82 11.06 -50.25 -57.38
C LEU P 82 12.03 -50.01 -58.52
N GLU P 83 12.48 -48.77 -58.66
CA GLU P 83 13.41 -48.42 -59.73
C GLU P 83 14.30 -47.24 -59.34
N ASN P 84 15.58 -47.36 -59.67
CA ASN P 84 16.55 -46.31 -59.37
C ASN P 84 16.54 -45.86 -57.90
N GLY P 85 16.49 -46.84 -57.00
CA GLY P 85 16.50 -46.55 -55.59
C GLY P 85 15.25 -45.88 -55.05
N VAL P 86 14.18 -45.83 -55.84
CA VAL P 86 12.94 -45.23 -55.37
C VAL P 86 11.77 -46.21 -55.47
N LEU P 87 11.09 -46.41 -54.35
CA LEU P 87 9.95 -47.31 -54.28
C LEU P 87 8.66 -46.52 -54.48
N THR P 88 7.75 -47.05 -55.28
CA THR P 88 6.48 -46.37 -55.53
C THR P 88 5.31 -47.32 -55.25
N VAL P 89 4.40 -46.90 -54.39
CA VAL P 89 3.25 -47.70 -54.05
C VAL P 89 2.00 -46.96 -54.49
N THR P 90 1.15 -47.63 -55.27
CA THR P 90 -0.07 -47.01 -55.78
C THR P 90 -1.30 -47.63 -55.15
N VAL P 91 -1.98 -46.85 -54.31
CA VAL P 91 -3.18 -47.34 -53.66
C VAL P 91 -4.41 -46.75 -54.32
N PRO P 92 -5.08 -47.52 -55.19
CA PRO P 92 -6.29 -47.10 -55.91
C PRO P 92 -7.40 -46.62 -54.98
N LYS P 93 -8.08 -45.56 -55.38
CA LYS P 93 -9.17 -45.01 -54.58
C LYS P 93 -10.49 -45.64 -54.99
N ALA Q 1 11.54 9.65 -64.78
CA ALA Q 1 11.16 9.45 -66.18
C ALA Q 1 9.83 8.72 -66.36
N ARG Q 2 8.74 9.36 -65.97
CA ARG Q 2 7.41 8.79 -66.14
C ARG Q 2 7.25 8.55 -67.64
N MET Q 3 6.86 7.34 -68.02
CA MET Q 3 6.71 7.03 -69.44
C MET Q 3 5.41 6.36 -69.84
N ASP Q 4 5.00 6.63 -71.07
CA ASP Q 4 3.79 6.03 -71.64
C ASP Q 4 4.22 5.21 -72.84
N TRP Q 5 3.46 4.16 -73.12
CA TRP Q 5 3.74 3.30 -74.25
C TRP Q 5 2.43 3.05 -74.95
N LYS Q 6 2.31 3.58 -76.16
CA LYS Q 6 1.11 3.42 -76.96
C LYS Q 6 1.42 2.62 -78.22
N GLU Q 7 0.49 1.77 -78.63
CA GLU Q 7 0.69 0.99 -79.83
C GLU Q 7 -0.37 1.30 -80.87
N THR Q 8 -0.05 2.20 -81.78
CA THR Q 8 -0.98 2.54 -82.85
C THR Q 8 -0.73 1.43 -83.85
N PRO Q 9 -1.63 1.25 -84.83
CA PRO Q 9 -1.41 0.19 -85.81
C PRO Q 9 -0.09 0.35 -86.57
N GLU Q 10 0.33 1.60 -86.77
CA GLU Q 10 1.55 1.91 -87.51
C GLU Q 10 2.87 1.78 -86.75
N ALA Q 11 2.86 2.04 -85.44
CA ALA Q 11 4.10 1.96 -84.68
C ALA Q 11 3.91 2.00 -83.16
N HIS Q 12 5.00 1.77 -82.44
CA HIS Q 12 4.99 1.82 -80.98
C HIS Q 12 5.49 3.21 -80.62
N VAL Q 13 4.73 3.95 -79.83
CA VAL Q 13 5.13 5.31 -79.44
C VAL Q 13 5.34 5.43 -77.94
N PHE Q 14 6.56 5.79 -77.54
CA PHE Q 14 6.89 5.95 -76.13
C PHE Q 14 7.07 7.43 -75.82
N LYS Q 15 6.59 7.84 -74.65
CA LYS Q 15 6.72 9.22 -74.22
C LYS Q 15 7.40 9.21 -72.87
N ALA Q 16 8.26 10.20 -72.63
CA ALA Q 16 8.95 10.28 -71.36
C ALA Q 16 9.06 11.73 -70.91
N ASP Q 17 8.57 12.01 -69.71
CA ASP Q 17 8.66 13.36 -69.21
C ASP Q 17 10.06 13.58 -68.69
N LEU Q 18 10.82 14.38 -69.42
CA LEU Q 18 12.19 14.70 -69.06
C LEU Q 18 12.38 16.20 -69.11
N PRO Q 19 11.62 16.93 -68.28
CA PRO Q 19 11.72 18.39 -68.26
C PRO Q 19 13.12 18.92 -67.96
N GLY Q 20 13.51 19.96 -68.71
CA GLY Q 20 14.81 20.57 -68.52
C GLY Q 20 16.02 19.72 -68.86
N VAL Q 21 15.80 18.65 -69.60
CA VAL Q 21 16.89 17.76 -69.97
C VAL Q 21 17.37 18.05 -71.39
N LYS Q 22 18.69 18.00 -71.58
CA LYS Q 22 19.27 18.25 -72.89
C LYS Q 22 19.64 16.92 -73.52
N LYS Q 23 19.49 16.81 -74.83
CA LYS Q 23 19.80 15.59 -75.57
C LYS Q 23 21.14 14.94 -75.22
N GLU Q 24 22.12 15.74 -74.83
CA GLU Q 24 23.43 15.19 -74.47
C GLU Q 24 23.37 14.47 -73.12
N GLU Q 25 22.20 14.54 -72.48
CA GLU Q 25 21.99 13.93 -71.17
C GLU Q 25 21.05 12.73 -71.20
N VAL Q 26 20.45 12.46 -72.36
CA VAL Q 26 19.53 11.35 -72.53
C VAL Q 26 20.06 10.35 -73.55
N LYS Q 27 19.69 9.11 -73.41
CA LYS Q 27 20.18 8.09 -74.33
C LYS Q 27 19.11 7.07 -74.68
N VAL Q 28 18.90 6.87 -75.97
CA VAL Q 28 17.92 5.90 -76.45
C VAL Q 28 18.68 4.84 -77.25
N GLU Q 29 18.71 3.62 -76.73
CA GLU Q 29 19.42 2.55 -77.40
C GLU Q 29 18.51 1.35 -77.61
N VAL Q 30 19.01 0.36 -78.34
CA VAL Q 30 18.27 -0.86 -78.60
C VAL Q 30 19.21 -2.02 -78.27
N GLU Q 31 18.74 -2.95 -77.46
CA GLU Q 31 19.56 -4.09 -77.06
C GLU Q 31 18.92 -5.40 -77.44
N ASP Q 32 19.77 -6.39 -77.71
CA ASP Q 32 19.32 -7.72 -78.07
C ASP Q 32 18.13 -7.73 -79.02
N GLY Q 33 18.20 -6.88 -80.05
CA GLY Q 33 17.14 -6.82 -81.04
C GLY Q 33 15.76 -6.29 -80.68
N ASN Q 34 15.26 -6.60 -79.49
CA ASN Q 34 13.92 -6.13 -79.13
C ASN Q 34 13.76 -5.43 -77.79
N VAL Q 35 14.80 -4.76 -77.31
CA VAL Q 35 14.70 -4.07 -76.03
C VAL Q 35 15.05 -2.60 -76.10
N LEU Q 36 14.02 -1.76 -76.01
CA LEU Q 36 14.22 -0.32 -76.06
C LEU Q 36 14.78 0.07 -74.71
N VAL Q 37 15.79 0.93 -74.71
CA VAL Q 37 16.40 1.37 -73.47
C VAL Q 37 16.49 2.89 -73.41
N VAL Q 38 15.95 3.47 -72.35
CA VAL Q 38 15.99 4.92 -72.17
C VAL Q 38 16.67 5.21 -70.84
N SER Q 39 17.73 6.02 -70.89
CA SER Q 39 18.48 6.37 -69.69
C SER Q 39 19.04 7.78 -69.77
N GLY Q 40 19.54 8.28 -68.65
CA GLY Q 40 20.11 9.61 -68.63
C GLY Q 40 20.30 10.18 -67.25
N GLU Q 41 20.49 11.50 -67.18
CA GLU Q 41 20.67 12.20 -65.92
C GLU Q 41 20.72 13.70 -66.16
N ARG Q 42 19.72 14.41 -65.66
CA ARG Q 42 19.65 15.86 -65.82
C ARG Q 42 20.86 16.48 -65.15
N THR Q 43 21.59 17.31 -65.89
CA THR Q 43 22.79 17.96 -65.39
C THR Q 43 22.47 19.00 -64.33
N LYS Q 44 23.50 19.36 -63.55
CA LYS Q 44 23.34 20.37 -62.53
C LYS Q 44 23.16 21.70 -63.23
N GLU Q 45 22.19 22.48 -62.77
CA GLU Q 45 21.94 23.78 -63.37
C GLU Q 45 23.12 24.67 -62.99
N LYS Q 46 23.94 25.00 -63.98
CA LYS Q 46 25.10 25.84 -63.77
C LYS Q 46 24.65 27.26 -63.45
N GLU Q 47 23.66 27.35 -62.57
CA GLU Q 47 23.10 28.63 -62.16
C GLU Q 47 23.86 29.22 -60.97
N ASP Q 48 23.80 30.54 -60.87
CA ASP Q 48 24.47 31.31 -59.85
C ASP Q 48 24.86 30.56 -58.59
N LYS Q 49 26.16 30.27 -58.47
CA LYS Q 49 26.68 29.58 -57.29
C LYS Q 49 26.57 30.67 -56.22
N ASN Q 50 25.90 30.36 -55.11
CA ASN Q 50 25.68 31.26 -53.98
C ASN Q 50 24.21 31.59 -53.77
N ASP Q 51 23.36 31.25 -54.74
CA ASP Q 51 21.94 31.54 -54.63
C ASP Q 51 21.33 30.91 -53.40
N LYS Q 52 20.24 31.50 -52.91
CA LYS Q 52 19.56 30.98 -51.74
C LYS Q 52 18.43 30.08 -52.20
N TRP Q 53 18.41 28.84 -51.73
CA TRP Q 53 17.37 27.89 -52.10
C TRP Q 53 16.25 27.86 -51.08
N HIS Q 54 15.16 28.56 -51.36
CA HIS Q 54 14.01 28.59 -50.46
C HIS Q 54 13.26 27.26 -50.49
N ARG Q 55 12.99 26.75 -51.70
CA ARG Q 55 12.26 25.51 -51.85
C ARG Q 55 12.75 24.75 -53.09
N VAL Q 56 12.96 23.46 -52.93
CA VAL Q 56 13.44 22.62 -54.04
C VAL Q 56 12.64 21.34 -54.15
N GLU Q 57 11.76 21.26 -55.15
CA GLU Q 57 10.97 20.06 -55.36
C GLU Q 57 11.54 19.29 -56.54
N ARG Q 58 11.93 20.03 -57.58
CA ARG Q 58 12.50 19.43 -58.78
C ARG Q 58 13.83 18.82 -58.37
N SER Q 59 13.85 17.50 -58.23
CA SER Q 59 15.07 16.82 -57.83
C SER Q 59 15.22 15.53 -58.65
N SER Q 60 15.79 15.65 -59.84
CA SER Q 60 15.98 14.51 -60.73
C SER Q 60 17.38 13.90 -60.65
N GLY Q 61 17.48 12.61 -60.99
CA GLY Q 61 18.76 11.93 -60.95
C GLY Q 61 18.93 10.92 -62.07
N LYS Q 62 19.92 10.05 -61.94
CA LYS Q 62 20.19 9.03 -62.94
C LYS Q 62 19.06 8.02 -63.00
N PHE Q 63 18.90 7.36 -64.15
CA PHE Q 63 17.84 6.37 -64.33
C PHE Q 63 17.99 5.60 -65.63
N VAL Q 64 17.49 4.36 -65.66
CA VAL Q 64 17.52 3.53 -66.86
C VAL Q 64 16.22 2.73 -66.94
N ARG Q 65 15.62 2.73 -68.13
CA ARG Q 65 14.36 2.03 -68.36
C ARG Q 65 14.43 1.14 -69.60
N ARG Q 66 13.77 -0.01 -69.53
CA ARG Q 66 13.75 -0.94 -70.64
C ARG Q 66 12.38 -1.52 -70.94
N PHE Q 67 12.07 -1.68 -72.22
CA PHE Q 67 10.79 -2.24 -72.65
C PHE Q 67 11.02 -3.36 -73.65
N ARG Q 68 10.25 -4.44 -73.55
CA ARG Q 68 10.41 -5.53 -74.49
C ARG Q 68 9.45 -5.35 -75.66
N LEU Q 69 10.02 -5.01 -76.81
CA LEU Q 69 9.24 -4.81 -78.02
C LEU Q 69 8.62 -6.14 -78.43
N LEU Q 70 7.47 -6.08 -79.10
CA LEU Q 70 6.79 -7.30 -79.54
C LEU Q 70 7.51 -7.92 -80.72
N GLU Q 71 8.26 -7.11 -81.46
CA GLU Q 71 9.00 -7.58 -82.62
C GLU Q 71 10.35 -6.86 -82.72
N ASP Q 72 11.36 -7.56 -83.22
CA ASP Q 72 12.67 -6.96 -83.39
C ASP Q 72 12.50 -5.69 -84.21
N ALA Q 73 13.07 -4.60 -83.72
CA ALA Q 73 12.94 -3.31 -84.40
C ALA Q 73 14.05 -3.05 -85.41
N LYS Q 74 13.70 -2.33 -86.48
CA LYS Q 74 14.66 -1.96 -87.50
C LYS Q 74 15.29 -0.66 -87.00
N VAL Q 75 16.32 -0.81 -86.18
CA VAL Q 75 17.01 0.31 -85.58
C VAL Q 75 17.22 1.57 -86.43
N GLU Q 76 17.35 1.43 -87.74
CA GLU Q 76 17.58 2.61 -88.57
C GLU Q 76 16.28 3.37 -88.83
N GLU Q 77 15.16 2.76 -88.45
CA GLU Q 77 13.85 3.37 -88.64
C GLU Q 77 13.29 3.99 -87.37
N VAL Q 78 13.95 3.74 -86.24
CA VAL Q 78 13.53 4.28 -84.96
C VAL Q 78 13.83 5.78 -84.88
N LYS Q 79 12.81 6.58 -84.60
CA LYS Q 79 12.95 8.03 -84.49
C LYS Q 79 12.84 8.46 -83.03
N ALA Q 80 13.67 9.43 -82.63
CA ALA Q 80 13.67 9.93 -81.26
C ALA Q 80 13.81 11.44 -81.23
N GLY Q 81 12.83 12.13 -80.65
CA GLY Q 81 12.88 13.57 -80.59
C GLY Q 81 12.62 14.11 -79.20
N LEU Q 82 13.28 15.20 -78.87
CA LEU Q 82 13.12 15.83 -77.57
C LEU Q 82 12.51 17.21 -77.78
N GLU Q 83 11.38 17.48 -77.13
CA GLU Q 83 10.73 18.76 -77.29
C GLU Q 83 9.81 19.11 -76.11
N ASN Q 84 9.94 20.34 -75.61
CA ASN Q 84 9.13 20.80 -74.48
C ASN Q 84 9.18 19.83 -73.32
N GLY Q 85 10.38 19.34 -73.02
CA GLY Q 85 10.59 18.42 -71.91
C GLY Q 85 10.08 17.01 -72.11
N VAL Q 86 9.58 16.70 -73.30
CA VAL Q 86 9.04 15.37 -73.58
C VAL Q 86 9.82 14.60 -74.62
N LEU Q 87 10.36 13.45 -74.23
CA LEU Q 87 11.10 12.60 -75.14
C LEU Q 87 10.09 11.71 -75.85
N THR Q 88 10.26 11.53 -77.14
CA THR Q 88 9.35 10.70 -77.91
C THR Q 88 10.12 9.72 -78.76
N VAL Q 89 9.83 8.43 -78.58
CA VAL Q 89 10.52 7.39 -79.33
C VAL Q 89 9.49 6.62 -80.15
N THR Q 90 9.58 6.73 -81.47
CA THR Q 90 8.64 6.03 -82.34
C THR Q 90 9.32 4.82 -82.97
N VAL Q 91 8.69 3.65 -82.85
CA VAL Q 91 9.24 2.42 -83.41
C VAL Q 91 8.28 1.85 -84.44
N PRO Q 92 8.61 2.01 -85.74
CA PRO Q 92 7.80 1.51 -86.85
C PRO Q 92 7.63 0.00 -86.84
N LYS Q 93 6.39 -0.46 -86.93
CA LYS Q 93 6.13 -1.89 -86.97
C LYS Q 93 6.05 -2.32 -88.43
N ALA R 1 2.63 20.07 -60.46
CA ALA R 1 3.73 20.75 -61.14
C ALA R 1 4.81 21.03 -60.10
N ARG R 2 5.98 20.41 -60.27
CA ARG R 2 7.09 20.58 -59.33
C ARG R 2 7.76 21.94 -59.55
N MET R 3 7.93 22.68 -58.46
CA MET R 3 8.53 24.00 -58.53
C MET R 3 9.62 24.28 -57.51
N ASP R 4 10.64 25.00 -57.95
CA ASP R 4 11.76 25.39 -57.10
C ASP R 4 11.59 26.88 -56.85
N TRP R 5 12.10 27.33 -55.71
CA TRP R 5 12.04 28.73 -55.35
C TRP R 5 13.42 29.15 -54.84
N LYS R 6 14.17 29.84 -55.69
CA LYS R 6 15.49 30.33 -55.37
C LYS R 6 15.50 31.85 -55.31
N GLU R 7 16.47 32.40 -54.57
CA GLU R 7 16.58 33.84 -54.44
C GLU R 7 17.95 34.34 -54.85
N THR R 8 17.97 35.31 -55.75
CA THR R 8 19.22 35.90 -56.21
C THR R 8 19.28 37.29 -55.58
N PRO R 9 20.45 37.93 -55.61
CA PRO R 9 20.53 39.26 -55.02
C PRO R 9 19.53 40.21 -55.69
N GLU R 10 19.24 39.93 -56.96
CA GLU R 10 18.34 40.78 -57.74
C GLU R 10 16.86 40.36 -57.73
N ALA R 11 16.58 39.07 -57.61
CA ALA R 11 15.19 38.63 -57.62
C ALA R 11 14.94 37.21 -57.13
N HIS R 12 13.66 36.92 -56.88
CA HIS R 12 13.24 35.60 -56.46
C HIS R 12 12.89 34.89 -57.76
N VAL R 13 13.49 33.72 -57.97
CA VAL R 13 13.27 32.96 -59.19
C VAL R 13 12.53 31.66 -58.93
N PHE R 14 11.47 31.43 -59.70
CA PHE R 14 10.68 30.23 -59.57
C PHE R 14 10.82 29.36 -60.82
N LYS R 15 10.94 28.06 -60.63
CA LYS R 15 11.06 27.11 -61.73
C LYS R 15 9.93 26.10 -61.63
N ALA R 16 9.42 25.63 -62.77
CA ALA R 16 8.33 24.66 -62.74
C ALA R 16 8.47 23.66 -63.88
N ASP R 17 8.42 22.37 -63.55
CA ASP R 17 8.50 21.34 -64.57
C ASP R 17 7.14 21.27 -65.21
N LEU R 18 7.06 21.54 -66.52
CA LEU R 18 5.81 21.50 -67.24
C LEU R 18 6.01 20.81 -68.58
N PRO R 19 6.54 19.57 -68.55
CA PRO R 19 6.75 18.88 -69.82
C PRO R 19 5.47 18.75 -70.64
N GLY R 20 5.59 18.89 -71.96
CA GLY R 20 4.45 18.76 -72.84
C GLY R 20 3.40 19.84 -72.76
N VAL R 21 3.77 21.01 -72.26
CA VAL R 21 2.82 22.10 -72.14
C VAL R 21 3.25 23.28 -73.02
N LYS R 22 2.36 23.69 -73.92
CA LYS R 22 2.67 24.82 -74.81
C LYS R 22 2.36 26.11 -74.05
N LYS R 23 3.09 27.17 -74.35
CA LYS R 23 2.89 28.45 -73.67
C LYS R 23 1.47 28.99 -73.74
N GLU R 24 0.64 28.42 -74.61
CA GLU R 24 -0.75 28.85 -74.74
C GLU R 24 -1.62 28.17 -73.70
N GLU R 25 -1.06 27.19 -73.01
CA GLU R 25 -1.78 26.43 -71.99
C GLU R 25 -1.36 26.80 -70.58
N VAL R 26 -0.39 27.70 -70.47
CA VAL R 26 0.10 28.14 -69.17
C VAL R 26 -0.28 29.60 -68.91
N LYS R 27 -0.60 29.91 -67.67
CA LYS R 27 -0.96 31.27 -67.30
C LYS R 27 -0.13 31.69 -66.08
N VAL R 28 0.47 32.86 -66.16
CA VAL R 28 1.28 33.37 -65.05
C VAL R 28 0.67 34.70 -64.59
N GLU R 29 0.21 34.75 -63.34
CA GLU R 29 -0.40 35.97 -62.84
C GLU R 29 -0.01 36.32 -61.41
N VAL R 30 -0.51 37.48 -60.99
CA VAL R 30 -0.29 37.99 -59.64
C VAL R 30 -1.68 38.38 -59.11
N GLU R 31 -2.19 37.59 -58.18
CA GLU R 31 -3.50 37.84 -57.59
C GLU R 31 -3.34 38.61 -56.29
N ASP R 32 -4.45 39.15 -55.80
CA ASP R 32 -4.49 39.89 -54.55
C ASP R 32 -3.31 40.83 -54.33
N GLY R 33 -2.69 41.26 -55.43
CA GLY R 33 -1.57 42.17 -55.33
C GLY R 33 -0.21 41.56 -55.07
N ASN R 34 -0.16 40.43 -54.36
CA ASN R 34 1.14 39.82 -54.07
C ASN R 34 1.19 38.31 -54.06
N VAL R 35 0.30 37.66 -54.80
CA VAL R 35 0.30 36.20 -54.86
C VAL R 35 0.55 35.71 -56.28
N LEU R 36 1.72 35.11 -56.49
CA LEU R 36 2.08 34.58 -57.80
C LEU R 36 1.25 33.32 -58.07
N VAL R 37 0.56 33.30 -59.21
CA VAL R 37 -0.26 32.15 -59.55
C VAL R 37 0.14 31.55 -60.90
N VAL R 38 0.64 30.31 -60.85
CA VAL R 38 1.05 29.61 -62.04
C VAL R 38 0.03 28.48 -62.25
N SER R 39 -0.69 28.52 -63.37
CA SER R 39 -1.68 27.50 -63.63
C SER R 39 -1.81 27.22 -65.12
N GLY R 40 -2.44 26.10 -65.43
CA GLY R 40 -2.63 25.71 -66.82
C GLY R 40 -3.10 24.28 -66.88
N GLU R 41 -3.04 23.68 -68.06
CA GLU R 41 -3.49 22.31 -68.22
C GLU R 41 -2.54 21.49 -69.08
N ARG R 42 -2.37 20.24 -68.70
CA ARG R 42 -1.50 19.33 -69.43
C ARG R 42 -2.49 18.44 -70.17
N THR R 43 -2.93 18.90 -71.33
CA THR R 43 -3.92 18.21 -72.14
C THR R 43 -3.67 16.73 -72.40
N LYS R 44 -4.69 15.92 -72.16
CA LYS R 44 -4.63 14.49 -72.39
C LYS R 44 -4.86 14.21 -73.87
N GLU R 45 -3.98 13.43 -74.46
CA GLU R 45 -4.07 13.10 -75.87
C GLU R 45 -4.96 11.88 -76.09
N LYS R 46 -6.25 12.03 -75.79
CA LYS R 46 -7.21 10.94 -75.92
C LYS R 46 -7.10 10.04 -77.15
N GLU R 47 -6.96 10.63 -78.32
CA GLU R 47 -6.81 9.87 -79.56
C GLU R 47 -7.99 8.96 -79.97
N ASP R 48 -7.67 7.90 -80.71
CA ASP R 48 -8.66 6.96 -81.20
C ASP R 48 -8.60 5.57 -80.57
N LYS R 49 -9.67 4.80 -80.79
CA LYS R 49 -9.78 3.44 -80.24
C LYS R 49 -8.93 2.43 -80.99
N ASN R 50 -8.36 2.84 -82.12
CA ASN R 50 -7.50 1.95 -82.89
C ASN R 50 -6.25 1.69 -82.06
N ASP R 51 -5.91 2.66 -81.21
CA ASP R 51 -4.73 2.60 -80.37
C ASP R 51 -4.86 1.61 -79.23
N LYS R 52 -3.72 1.28 -78.63
CA LYS R 52 -3.66 0.32 -77.54
C LYS R 52 -2.61 0.81 -76.54
N TRP R 53 -2.98 0.91 -75.27
CA TRP R 53 -2.04 1.38 -74.26
C TRP R 53 -1.41 0.28 -73.43
N HIS R 54 -0.08 0.19 -73.48
CA HIS R 54 0.64 -0.84 -72.74
C HIS R 54 1.18 -0.30 -71.42
N ARG R 55 1.32 1.01 -71.33
CA ARG R 55 1.83 1.61 -70.10
C ARG R 55 1.42 3.08 -70.05
N VAL R 56 1.03 3.53 -68.88
CA VAL R 56 0.62 4.92 -68.70
C VAL R 56 1.08 5.39 -67.33
N GLU R 57 2.06 6.29 -67.30
CA GLU R 57 2.59 6.81 -66.04
C GLU R 57 2.54 8.32 -66.01
N ARG R 58 2.44 8.93 -67.18
CA ARG R 58 2.41 10.37 -67.25
C ARG R 58 1.04 10.94 -66.88
N SER R 59 1.04 12.01 -66.11
CA SER R 59 -0.21 12.63 -65.68
C SER R 59 -0.68 13.69 -66.67
N SER R 60 -1.95 14.07 -66.53
CA SER R 60 -2.53 15.09 -67.39
C SER R 60 -3.60 15.81 -66.58
N GLY R 61 -4.08 16.93 -67.09
CA GLY R 61 -5.09 17.68 -66.39
C GLY R 61 -4.64 19.06 -65.97
N LYS R 62 -5.37 19.63 -65.02
CA LYS R 62 -5.08 20.97 -64.53
C LYS R 62 -4.05 20.98 -63.41
N PHE R 63 -3.29 22.08 -63.34
CA PHE R 63 -2.30 22.27 -62.29
C PHE R 63 -2.40 23.71 -61.80
N VAL R 64 -2.16 23.92 -60.51
CA VAL R 64 -2.24 25.24 -59.90
C VAL R 64 -1.15 25.42 -58.85
N ARG R 65 -0.39 26.51 -58.96
CA ARG R 65 0.65 26.77 -57.97
C ARG R 65 0.66 28.22 -57.52
N ARG R 66 0.70 28.44 -56.21
CA ARG R 66 0.68 29.77 -55.65
C ARG R 66 1.80 30.06 -54.64
N PHE R 67 2.46 31.19 -54.81
CA PHE R 67 3.52 31.60 -53.90
C PHE R 67 3.20 33.03 -53.49
N ARG R 68 3.45 33.36 -52.23
CA ARG R 68 3.19 34.72 -51.77
C ARG R 68 4.46 35.55 -51.89
N LEU R 69 4.41 36.54 -52.78
CA LEU R 69 5.55 37.43 -53.01
C LEU R 69 5.60 38.48 -51.90
N LEU R 70 6.65 39.28 -51.90
CA LEU R 70 6.80 40.34 -50.90
C LEU R 70 5.86 41.50 -51.18
N GLU R 71 5.35 42.12 -50.11
CA GLU R 71 4.45 43.27 -50.24
C GLU R 71 5.14 44.39 -51.02
N ASP R 72 6.45 44.24 -51.22
CA ASP R 72 7.24 45.22 -51.97
C ASP R 72 8.09 44.53 -53.03
N ALA R 73 7.42 43.99 -54.04
CA ALA R 73 8.11 43.30 -55.13
C ALA R 73 7.70 43.95 -56.44
N LYS R 74 8.63 43.98 -57.38
CA LYS R 74 8.37 44.57 -58.69
C LYS R 74 7.30 43.79 -59.45
N VAL R 75 6.09 43.80 -58.93
CA VAL R 75 4.95 43.09 -59.53
C VAL R 75 4.76 43.40 -61.02
N GLU R 76 5.15 44.60 -61.45
CA GLU R 76 5.02 44.98 -62.85
C GLU R 76 6.23 44.54 -63.66
N GLU R 77 7.25 44.03 -62.98
CA GLU R 77 8.46 43.59 -63.67
C GLU R 77 8.71 42.09 -63.65
N VAL R 78 7.67 41.32 -63.37
CA VAL R 78 7.79 39.87 -63.34
C VAL R 78 7.86 39.30 -64.76
N LYS R 79 8.88 38.49 -65.02
CA LYS R 79 9.02 37.89 -66.34
C LYS R 79 8.70 36.41 -66.23
N ALA R 80 8.35 35.79 -67.35
CA ALA R 80 8.03 34.38 -67.37
C ALA R 80 8.51 33.76 -68.67
N GLY R 81 9.41 32.80 -68.56
CA GLY R 81 9.93 32.14 -69.73
C GLY R 81 9.63 30.66 -69.70
N LEU R 82 9.46 30.05 -70.87
CA LEU R 82 9.17 28.63 -70.97
C LEU R 82 10.04 27.98 -72.02
N GLU R 83 10.88 27.04 -71.59
CA GLU R 83 11.79 26.36 -72.51
C GLU R 83 12.12 24.96 -72.02
N ASN R 84 12.12 24.01 -72.95
CA ASN R 84 12.44 22.62 -72.64
C ASN R 84 11.62 22.06 -71.47
N GLY R 85 10.32 22.33 -71.49
CA GLY R 85 9.45 21.84 -70.45
C GLY R 85 9.65 22.45 -69.07
N VAL R 86 10.42 23.52 -68.97
CA VAL R 86 10.63 24.17 -67.69
C VAL R 86 10.24 25.65 -67.74
N LEU R 87 9.36 26.04 -66.82
CA LEU R 87 8.89 27.41 -66.74
C LEU R 87 9.73 28.18 -65.71
N THR R 88 10.11 29.40 -66.05
CA THR R 88 10.91 30.22 -65.14
C THR R 88 10.26 31.58 -64.95
N VAL R 89 10.01 31.93 -63.70
CA VAL R 89 9.39 33.21 -63.38
C VAL R 89 10.38 34.02 -62.55
N THR R 90 10.65 35.25 -63.00
CA THR R 90 11.60 36.12 -62.31
C THR R 90 10.90 37.30 -61.66
N VAL R 91 10.86 37.29 -60.33
CA VAL R 91 10.23 38.38 -59.61
C VAL R 91 11.27 39.31 -59.02
N PRO R 92 11.53 40.45 -59.68
CA PRO R 92 12.51 41.45 -59.24
C PRO R 92 12.27 41.93 -57.81
N LYS R 93 13.36 42.11 -57.07
CA LYS R 93 13.26 42.57 -55.69
C LYS R 93 13.34 44.09 -55.63
N ALA S 1 -2.27 -44.89 49.02
CA ALA S 1 -1.59 -45.83 49.91
C ALA S 1 -0.07 -45.82 49.77
N ARG S 2 0.56 -44.73 50.15
CA ARG S 2 2.01 -44.63 50.11
C ARG S 2 2.54 -45.76 50.99
N MET S 3 3.46 -46.56 50.48
CA MET S 3 3.98 -47.68 51.25
C MET S 3 5.49 -47.81 51.30
N ASP S 4 5.97 -48.35 52.41
CA ASP S 4 7.40 -48.60 52.60
C ASP S 4 7.58 -50.09 52.76
N TRP S 5 8.75 -50.58 52.36
CA TRP S 5 9.06 -51.98 52.48
C TRP S 5 10.47 -52.08 53.02
N LYS S 6 10.58 -52.57 54.24
CA LYS S 6 11.86 -52.73 54.90
C LYS S 6 12.15 -54.21 55.14
N GLU S 7 13.41 -54.60 54.99
CA GLU S 7 13.77 -55.99 55.23
C GLU S 7 14.78 -56.10 56.35
N THR S 8 14.29 -56.35 57.56
CA THR S 8 15.17 -56.53 58.70
C THR S 8 15.60 -57.97 58.56
N PRO S 9 16.66 -58.39 59.27
CA PRO S 9 17.08 -59.79 59.16
C PRO S 9 15.98 -60.78 59.54
N GLU S 10 15.13 -60.37 60.48
CA GLU S 10 14.05 -61.22 60.98
C GLU S 10 12.78 -61.30 60.12
N ALA S 11 12.44 -60.23 59.41
CA ALA S 11 11.24 -60.26 58.60
C ALA S 11 11.11 -59.09 57.63
N HIS S 12 10.09 -59.16 56.76
CA HIS S 12 9.81 -58.10 55.81
C HIS S 12 8.72 -57.25 56.44
N VAL S 13 8.94 -55.95 56.57
CA VAL S 13 7.95 -55.07 57.19
C VAL S 13 7.44 -54.02 56.21
N PHE S 14 6.13 -54.04 55.96
CA PHE S 14 5.51 -53.09 55.05
C PHE S 14 4.68 -52.09 55.84
N LYS S 15 4.71 -50.84 55.42
CA LYS S 15 3.95 -49.79 56.08
C LYS S 15 3.09 -49.12 55.02
N ALA S 16 1.88 -48.74 55.39
CA ALA S 16 1.00 -48.09 54.45
C ALA S 16 0.22 -46.98 55.14
N ASP S 17 0.31 -45.77 54.61
CA ASP S 17 -0.42 -44.68 55.21
C ASP S 17 -1.86 -44.77 54.74
N LEU S 18 -2.73 -45.13 55.67
CA LEU S 18 -4.15 -45.27 55.39
C LEU S 18 -4.93 -44.52 56.45
N PRO S 19 -4.71 -43.20 56.53
CA PRO S 19 -5.41 -42.38 57.53
C PRO S 19 -6.93 -42.44 57.44
N GLY S 20 -7.57 -42.54 58.61
CA GLY S 20 -9.02 -42.59 58.67
C GLY S 20 -9.69 -43.82 58.08
N VAL S 21 -8.91 -44.87 57.87
CA VAL S 21 -9.44 -46.09 57.29
C VAL S 21 -9.72 -47.13 58.38
N LYS S 22 -10.85 -47.83 58.24
CA LYS S 22 -11.22 -48.86 59.20
C LYS S 22 -10.88 -50.22 58.62
N LYS S 23 -10.46 -51.14 59.48
CA LYS S 23 -10.09 -52.49 59.06
C LYS S 23 -11.08 -53.18 58.11
N GLU S 24 -12.36 -52.85 58.24
CA GLU S 24 -13.36 -53.45 57.36
C GLU S 24 -13.26 -52.89 55.94
N GLU S 25 -12.37 -51.91 55.76
CA GLU S 25 -12.18 -51.26 54.48
C GLU S 25 -10.83 -51.59 53.82
N VAL S 26 -9.97 -52.30 54.54
CA VAL S 26 -8.66 -52.68 54.05
C VAL S 26 -8.53 -54.20 53.94
N LYS S 27 -7.71 -54.66 53.04
CA LYS S 27 -7.56 -56.10 52.86
C LYS S 27 -6.11 -56.49 52.58
N VAL S 28 -5.60 -57.43 53.36
CA VAL S 28 -4.23 -57.91 53.19
C VAL S 28 -4.33 -59.40 52.85
N GLU S 29 -3.94 -59.75 51.63
CA GLU S 29 -4.02 -61.13 51.19
C GLU S 29 -2.66 -61.60 50.66
N VAL S 30 -2.57 -62.88 50.37
CA VAL S 30 -1.35 -63.46 49.83
C VAL S 30 -1.77 -64.29 48.61
N GLU S 31 -1.12 -64.06 47.48
CA GLU S 31 -1.45 -64.77 46.26
C GLU S 31 -0.26 -65.53 45.71
N ASP S 32 -0.56 -66.64 45.04
CA ASP S 32 0.46 -67.48 44.44
C ASP S 32 1.70 -67.66 45.30
N GLY S 33 1.48 -67.92 46.58
CA GLY S 33 2.58 -68.15 47.51
C GLY S 33 3.52 -67.02 47.89
N ASN S 34 3.87 -66.15 46.95
CA ASN S 34 4.81 -65.07 47.28
C ASN S 34 4.41 -63.66 46.88
N VAL S 35 3.11 -63.36 46.84
CA VAL S 35 2.68 -62.02 46.46
C VAL S 35 1.78 -61.36 47.49
N LEU S 36 2.33 -60.39 48.21
CA LEU S 36 1.57 -59.68 49.22
C LEU S 36 0.65 -58.74 48.46
N VAL S 37 -0.61 -58.66 48.89
CA VAL S 37 -1.56 -57.79 48.23
C VAL S 37 -2.28 -56.91 49.25
N VAL S 38 -2.23 -55.61 49.03
CA VAL S 38 -2.90 -54.66 49.92
C VAL S 38 -3.89 -53.84 49.09
N SER S 39 -5.15 -53.85 49.50
CA SER S 39 -6.18 -53.11 48.79
C SER S 39 -7.25 -52.59 49.73
N GLY S 40 -8.12 -51.72 49.22
CA GLY S 40 -9.18 -51.17 50.05
C GLY S 40 -9.84 -49.95 49.46
N GLU S 41 -10.57 -49.22 50.30
CA GLU S 41 -11.26 -48.01 49.90
C GLU S 41 -11.88 -47.33 51.12
N ARG S 42 -11.37 -46.15 51.46
CA ARG S 42 -11.88 -45.40 52.61
C ARG S 42 -13.34 -45.08 52.35
N THR S 43 -14.19 -45.43 53.31
CA THR S 43 -15.63 -45.19 53.21
C THR S 43 -15.98 -43.71 53.27
N LYS S 44 -17.18 -43.38 52.81
CA LYS S 44 -17.65 -42.01 52.85
C LYS S 44 -17.91 -41.67 54.30
N GLU S 45 -17.45 -40.50 54.71
CA GLU S 45 -17.66 -40.06 56.09
C GLU S 45 -19.15 -39.78 56.23
N LYS S 46 -19.83 -40.62 56.99
CA LYS S 46 -21.25 -40.47 57.23
C LYS S 46 -21.50 -39.24 58.09
N GLU S 47 -20.82 -38.16 57.73
CA GLU S 47 -20.93 -36.90 58.46
C GLU S 47 -22.07 -36.04 57.92
N ASP S 48 -22.58 -35.19 58.79
CA ASP S 48 -23.68 -34.30 58.52
C ASP S 48 -23.96 -34.01 57.05
N LYS S 49 -25.01 -34.62 56.52
CA LYS S 49 -25.41 -34.41 55.13
C LYS S 49 -25.96 -32.98 55.18
N ASN S 50 -25.44 -32.10 54.34
CA ASN S 50 -25.83 -30.69 54.24
C ASN S 50 -24.69 -29.74 54.60
N ASP S 51 -23.62 -30.27 55.18
CA ASP S 51 -22.49 -29.44 55.57
C ASP S 51 -21.92 -28.68 54.40
N LYS S 52 -21.28 -27.54 54.68
CA LYS S 52 -20.68 -26.74 53.64
C LYS S 52 -19.21 -27.11 53.53
N TRP S 53 -18.77 -27.49 52.33
CA TRP S 53 -17.38 -27.86 52.11
C TRP S 53 -16.56 -26.69 51.60
N HIS S 54 -15.82 -26.04 52.49
CA HIS S 54 -14.97 -24.91 52.11
C HIS S 54 -13.75 -25.39 51.33
N ARG S 55 -13.08 -26.42 51.85
CA ARG S 55 -11.89 -26.93 51.21
C ARG S 55 -11.78 -28.45 51.43
N VAL S 56 -11.46 -29.17 50.38
CA VAL S 56 -11.33 -30.63 50.46
C VAL S 56 -10.07 -31.12 49.77
N GLU S 57 -9.07 -31.50 50.57
CA GLU S 57 -7.82 -32.01 50.01
C GLU S 57 -7.80 -33.53 50.18
N ARG S 58 -8.26 -34.00 51.33
CA ARG S 58 -8.29 -35.42 51.62
C ARG S 58 -9.31 -36.04 50.67
N SER S 59 -8.80 -36.71 49.64
CA SER S 59 -9.67 -37.32 48.66
C SER S 59 -9.13 -38.70 48.28
N SER S 60 -9.47 -39.71 49.08
CA SER S 60 -8.99 -41.07 48.85
C SER S 60 -10.00 -41.95 48.10
N GLY S 61 -9.50 -42.97 47.41
CA GLY S 61 -10.36 -43.87 46.67
C GLY S 61 -9.89 -45.31 46.69
N LYS S 62 -10.43 -46.13 45.81
CA LYS S 62 -10.07 -47.53 45.72
C LYS S 62 -8.63 -47.68 45.26
N PHE S 63 -7.99 -48.81 45.61
CA PHE S 63 -6.61 -49.07 45.23
C PHE S 63 -6.18 -50.49 45.55
N VAL S 64 -5.22 -51.01 44.79
CA VAL S 64 -4.68 -52.35 45.02
C VAL S 64 -3.18 -52.33 44.76
N ARG S 65 -2.42 -52.92 45.68
CA ARG S 65 -0.96 -52.96 45.58
C ARG S 65 -0.42 -54.38 45.78
N ARG S 66 0.63 -54.72 45.05
CA ARG S 66 1.23 -56.03 45.16
C ARG S 66 2.75 -56.00 45.21
N PHE S 67 3.33 -56.87 46.03
CA PHE S 67 4.78 -56.96 46.17
C PHE S 67 5.23 -58.42 46.02
N ARG S 68 6.34 -58.64 45.34
CA ARG S 68 6.83 -59.99 45.18
C ARG S 68 7.82 -60.32 46.28
N LEU S 69 7.39 -61.17 47.21
CA LEU S 69 8.22 -61.59 48.32
C LEU S 69 9.40 -62.39 47.78
N LEU S 70 10.53 -62.35 48.49
CA LEU S 70 11.71 -63.08 48.06
C LEU S 70 11.55 -64.56 48.30
N GLU S 71 10.69 -64.93 49.23
CA GLU S 71 10.44 -66.33 49.57
C GLU S 71 8.96 -66.54 49.88
N ASP S 72 8.44 -67.71 49.55
CA ASP S 72 7.06 -68.03 49.85
C ASP S 72 6.83 -67.81 51.33
N ALA S 73 5.78 -67.07 51.66
CA ALA S 73 5.49 -66.76 53.06
C ALA S 73 4.58 -67.78 53.73
N LYS S 74 4.79 -67.97 55.03
CA LYS S 74 3.97 -68.87 55.81
C LYS S 74 2.78 -68.04 56.27
N VAL S 75 1.77 -67.97 55.42
CA VAL S 75 0.58 -67.19 55.67
C VAL S 75 0.02 -67.15 57.10
N GLU S 76 0.21 -68.21 57.87
CA GLU S 76 -0.32 -68.21 59.23
C GLU S 76 0.56 -67.42 60.18
N GLU S 77 1.74 -67.04 59.70
CA GLU S 77 2.69 -66.28 60.50
C GLU S 77 2.70 -64.79 60.17
N VAL S 78 2.01 -64.42 59.10
CA VAL S 78 1.92 -63.02 58.68
C VAL S 78 1.01 -62.23 59.63
N LYS S 79 1.55 -61.15 60.19
CA LYS S 79 0.80 -60.29 61.11
C LYS S 79 0.45 -58.97 60.44
N ALA S 80 -0.77 -58.48 60.69
CA ALA S 80 -1.23 -57.22 60.10
C ALA S 80 -1.99 -56.39 61.13
N GLY S 81 -1.51 -55.18 61.40
CA GLY S 81 -2.16 -54.33 62.36
C GLY S 81 -2.40 -52.93 61.84
N LEU S 82 -3.51 -52.34 62.26
CA LEU S 82 -3.87 -50.99 61.84
C LEU S 82 -3.86 -50.10 63.07
N GLU S 83 -3.09 -49.02 63.02
CA GLU S 83 -3.01 -48.12 64.15
C GLU S 83 -2.55 -46.71 63.77
N ASN S 84 -3.26 -45.70 64.27
CA ASN S 84 -2.95 -44.31 63.97
C ASN S 84 -2.80 -44.06 62.48
N GLY S 85 -3.73 -44.64 61.71
CA GLY S 85 -3.74 -44.47 60.26
C GLY S 85 -2.66 -45.20 59.50
N VAL S 86 -1.87 -46.01 60.19
CA VAL S 86 -0.79 -46.76 59.54
C VAL S 86 -0.97 -48.26 59.57
N LEU S 87 -1.05 -48.87 58.39
CA LEU S 87 -1.18 -50.31 58.27
C LEU S 87 0.22 -50.89 58.32
N THR S 88 0.38 -51.99 59.05
CA THR S 88 1.68 -52.63 59.15
C THR S 88 1.55 -54.11 58.90
N VAL S 89 2.31 -54.61 57.93
CA VAL S 89 2.27 -56.02 57.58
C VAL S 89 3.66 -56.61 57.79
N THR S 90 3.78 -57.52 58.75
CA THR S 90 5.06 -58.15 59.03
C THR S 90 5.08 -59.57 58.48
N VAL S 91 6.10 -59.89 57.69
CA VAL S 91 6.22 -61.22 57.11
C VAL S 91 7.51 -61.89 57.59
N PRO S 92 7.39 -62.84 58.53
CA PRO S 92 8.52 -63.58 59.09
C PRO S 92 9.30 -64.37 58.05
N LYS S 93 10.61 -64.18 58.02
CA LYS S 93 11.45 -64.93 57.08
C LYS S 93 11.97 -66.17 57.79
N ALA T 1 0.54 -32.14 55.06
CA ALA T 1 -0.59 -32.69 55.79
C ALA T 1 -1.86 -32.25 55.08
N ARG T 2 -2.61 -33.21 54.54
CA ARG T 2 -3.85 -32.91 53.82
C ARG T 2 -4.97 -32.55 54.80
N MET T 3 -5.63 -31.43 54.55
CA MET T 3 -6.70 -30.96 55.41
C MET T 3 -7.97 -30.54 54.71
N ASP T 4 -9.10 -30.86 55.33
CA ASP T 4 -10.42 -30.50 54.81
C ASP T 4 -10.93 -29.40 55.72
N TRP T 5 -11.78 -28.54 55.17
CA TRP T 5 -12.38 -27.46 55.92
C TRP T 5 -13.87 -27.43 55.61
N LYS T 6 -14.67 -27.94 56.54
CA LYS T 6 -16.11 -27.99 56.42
C LYS T 6 -16.76 -27.07 57.45
N GLU T 7 -17.99 -26.63 57.15
CA GLU T 7 -18.70 -25.76 58.06
C GLU T 7 -20.06 -26.33 58.43
N THR T 8 -20.31 -26.41 59.72
CA THR T 8 -21.59 -26.92 60.23
C THR T 8 -22.33 -25.69 60.76
N PRO T 9 -23.63 -25.84 61.02
CA PRO T 9 -24.36 -24.68 61.54
C PRO T 9 -23.75 -24.20 62.85
N GLU T 10 -23.14 -25.13 63.58
CA GLU T 10 -22.53 -24.82 64.88
C GLU T 10 -21.05 -24.44 64.85
N ALA T 11 -20.29 -24.98 63.91
CA ALA T 11 -18.86 -24.66 63.87
C ALA T 11 -18.14 -25.03 62.57
N HIS T 12 -16.93 -24.50 62.44
CA HIS T 12 -16.09 -24.78 61.29
C HIS T 12 -15.24 -25.96 61.75
N VAL T 13 -15.25 -27.03 60.96
CA VAL T 13 -14.51 -28.24 61.30
C VAL T 13 -13.36 -28.50 60.35
N PHE T 14 -12.18 -28.74 60.91
CA PHE T 14 -11.00 -29.01 60.12
C PHE T 14 -10.53 -30.45 60.34
N LYS T 15 -10.13 -31.11 59.26
CA LYS T 15 -9.65 -32.49 59.33
C LYS T 15 -8.24 -32.52 58.75
N ALA T 16 -7.38 -33.39 59.30
CA ALA T 16 -6.01 -33.48 58.80
C ALA T 16 -5.51 -34.91 58.84
N ASP T 17 -4.99 -35.40 57.72
CA ASP T 17 -4.45 -36.75 57.68
C ASP T 17 -3.08 -36.67 58.32
N LEU T 18 -2.89 -37.41 59.42
CA LEU T 18 -1.62 -37.42 60.12
C LEU T 18 -1.27 -38.85 60.51
N PRO T 19 -1.23 -39.76 59.53
CA PRO T 19 -0.90 -41.14 59.87
C PRO T 19 0.45 -41.26 60.57
N GLY T 20 0.53 -42.16 61.55
CA GLY T 20 1.76 -42.39 62.27
C GLY T 20 2.24 -41.27 63.18
N VAL T 21 1.33 -40.40 63.59
CA VAL T 21 1.70 -39.29 64.46
C VAL T 21 1.00 -39.41 65.81
N LYS T 22 1.78 -39.44 66.88
CA LYS T 22 1.20 -39.54 68.22
C LYS T 22 0.80 -38.13 68.67
N LYS T 23 -0.24 -38.04 69.49
CA LYS T 23 -0.71 -36.74 69.96
C LYS T 23 0.35 -35.89 70.65
N GLU T 24 1.48 -36.49 71.00
CA GLU T 24 2.56 -35.76 71.65
C GLU T 24 3.43 -35.06 70.62
N GLU T 25 3.21 -35.37 69.35
CA GLU T 25 3.98 -34.79 68.25
C GLU T 25 3.19 -33.75 67.47
N VAL T 26 1.93 -33.56 67.85
CA VAL T 26 1.07 -32.60 67.18
C VAL T 26 0.75 -31.41 68.10
N LYS T 27 0.68 -30.23 67.53
CA LYS T 27 0.38 -29.03 68.30
C LYS T 27 -0.77 -28.28 67.61
N VAL T 28 -1.78 -27.91 68.38
CA VAL T 28 -2.91 -27.16 67.83
C VAL T 28 -3.01 -25.82 68.56
N GLU T 29 -2.84 -24.72 67.83
CA GLU T 29 -2.90 -23.42 68.46
C GLU T 29 -3.66 -22.37 67.65
N VAL T 30 -3.77 -21.20 68.27
CA VAL T 30 -4.43 -20.04 67.67
C VAL T 30 -3.45 -18.87 67.84
N GLU T 31 -2.84 -18.46 66.74
CA GLU T 31 -1.89 -17.35 66.75
C GLU T 31 -2.59 -16.06 66.37
N ASP T 32 -1.91 -14.95 66.63
CA ASP T 32 -2.42 -13.62 66.30
C ASP T 32 -3.90 -13.42 66.59
N GLY T 33 -4.43 -14.19 67.54
CA GLY T 33 -5.83 -14.07 67.90
C GLY T 33 -6.83 -14.80 67.03
N ASN T 34 -6.54 -14.97 65.75
CA ASN T 34 -7.49 -15.66 64.88
C ASN T 34 -6.91 -16.54 63.80
N VAL T 35 -5.71 -17.07 64.01
CA VAL T 35 -5.10 -17.95 63.02
C VAL T 35 -4.86 -19.34 63.60
N LEU T 36 -5.61 -20.31 63.11
CA LEU T 36 -5.47 -21.69 63.56
C LEU T 36 -4.16 -22.26 63.02
N VAL T 37 -3.32 -22.79 63.91
CA VAL T 37 -2.05 -23.36 63.48
C VAL T 37 -1.91 -24.82 63.91
N VAL T 38 -1.85 -25.70 62.91
CA VAL T 38 -1.70 -27.12 63.16
C VAL T 38 -0.29 -27.49 62.70
N SER T 39 0.54 -27.95 63.62
CA SER T 39 1.89 -28.32 63.26
C SER T 39 2.40 -29.48 64.11
N GLY T 40 3.48 -30.08 63.65
CA GLY T 40 4.07 -31.20 64.36
C GLY T 40 5.10 -31.87 63.48
N GLU T 41 5.51 -33.07 63.86
CA GLU T 41 6.51 -33.79 63.08
C GLU T 41 6.16 -35.27 62.92
N ARG T 42 6.46 -35.79 61.74
CA ARG T 42 6.20 -37.18 61.44
C ARG T 42 7.58 -37.81 61.50
N THR T 43 8.00 -38.18 62.71
CA THR T 43 9.31 -38.73 62.96
C THR T 43 9.76 -39.88 62.05
N LYS T 44 10.96 -39.75 61.51
CA LYS T 44 11.54 -40.76 60.63
C LYS T 44 12.14 -41.87 61.50
N GLU T 45 11.78 -43.10 61.19
CA GLU T 45 12.27 -44.25 61.94
C GLU T 45 13.60 -44.73 61.39
N LYS T 46 14.63 -43.90 61.53
CA LYS T 46 15.96 -44.22 61.03
C LYS T 46 16.47 -45.65 61.22
N GLU T 47 16.32 -46.20 62.41
CA GLU T 47 16.73 -47.57 62.69
C GLU T 47 18.22 -47.90 62.56
N ASP T 48 18.52 -49.15 62.25
CA ASP T 48 19.88 -49.64 62.12
C ASP T 48 20.29 -50.02 60.69
N LYS T 49 21.60 -50.17 60.49
CA LYS T 49 22.16 -50.52 59.18
C LYS T 49 21.96 -51.99 58.82
N ASN T 50 21.50 -52.78 59.78
CA ASN T 50 21.24 -54.19 59.52
C ASN T 50 20.08 -54.27 58.54
N ASP T 51 19.22 -53.26 58.58
CA ASP T 51 18.04 -53.19 57.74
C ASP T 51 18.35 -52.90 56.29
N LYS T 52 17.36 -53.15 55.43
CA LYS T 52 17.50 -52.95 53.99
C LYS T 52 16.18 -52.40 53.46
N TRP T 53 16.23 -51.29 52.73
CA TRP T 53 15.01 -50.70 52.20
C TRP T 53 14.75 -51.01 50.74
N HIS T 54 13.61 -51.65 50.47
CA HIS T 54 13.26 -52.01 49.10
C HIS T 54 12.32 -51.00 48.48
N ARG T 55 11.62 -50.24 49.31
CA ARG T 55 10.70 -49.24 48.80
C ARG T 55 10.45 -48.19 49.88
N VAL T 56 10.39 -46.94 49.46
CA VAL T 56 10.14 -45.84 50.39
C VAL T 56 9.29 -44.80 49.70
N GLU T 57 8.03 -44.67 50.13
CA GLU T 57 7.12 -43.70 49.54
C GLU T 57 6.53 -42.78 50.59
N ARG T 58 6.58 -43.22 51.84
CA ARG T 58 6.03 -42.43 52.91
C ARG T 58 6.94 -41.28 53.31
N SER T 59 6.35 -40.11 53.54
CA SER T 59 7.13 -38.94 53.91
C SER T 59 7.29 -38.83 55.43
N SER T 60 8.24 -37.99 55.84
CA SER T 60 8.49 -37.76 57.25
C SER T 60 8.99 -36.33 57.40
N GLY T 61 9.05 -35.85 58.63
CA GLY T 61 9.52 -34.51 58.86
C GLY T 61 8.47 -33.60 59.47
N LYS T 62 8.70 -32.30 59.35
CA LYS T 62 7.80 -31.30 59.90
C LYS T 62 6.67 -30.94 58.96
N PHE T 63 5.52 -30.57 59.54
CA PHE T 63 4.37 -30.13 58.77
C PHE T 63 3.76 -28.91 59.47
N VAL T 64 3.23 -27.98 58.69
CA VAL T 64 2.64 -26.76 59.22
C VAL T 64 1.40 -26.36 58.43
N ARG T 65 0.29 -26.13 59.12
CA ARG T 65 -0.93 -25.71 58.44
C ARG T 65 -1.62 -24.57 59.15
N ARG T 66 -1.99 -23.54 58.40
CA ARG T 66 -2.63 -22.36 58.96
C ARG T 66 -3.93 -21.95 58.27
N PHE T 67 -4.96 -21.69 59.06
CA PHE T 67 -6.24 -21.25 58.53
C PHE T 67 -6.63 -20.01 59.31
N ARG T 68 -7.22 -19.04 58.64
CA ARG T 68 -7.64 -17.82 59.33
C ARG T 68 -9.09 -17.96 59.76
N LEU T 69 -9.29 -17.99 61.08
CA LEU T 69 -10.63 -18.12 61.65
C LEU T 69 -11.31 -16.75 61.62
N LEU T 70 -12.59 -16.72 61.99
CA LEU T 70 -13.34 -15.47 62.02
C LEU T 70 -12.93 -14.61 63.21
N GLU T 71 -12.93 -13.29 63.00
CA GLU T 71 -12.59 -12.34 64.07
C GLU T 71 -13.52 -12.54 65.27
N ASP T 72 -14.59 -13.30 65.06
CA ASP T 72 -15.56 -13.59 66.12
C ASP T 72 -15.83 -15.09 66.19
N ALA T 73 -14.83 -15.84 66.63
CA ALA T 73 -14.95 -17.29 66.76
C ALA T 73 -14.61 -17.67 68.19
N LYS T 74 -15.28 -18.70 68.69
CA LYS T 74 -15.06 -19.17 70.05
C LYS T 74 -13.63 -19.72 70.22
N VAL T 75 -12.65 -18.84 70.09
CA VAL T 75 -11.24 -19.20 70.22
C VAL T 75 -10.92 -19.99 71.49
N GLU T 76 -11.68 -19.77 72.56
CA GLU T 76 -11.46 -20.48 73.81
C GLU T 76 -12.21 -21.80 73.83
N GLU T 77 -13.03 -22.05 72.81
CA GLU T 77 -13.80 -23.28 72.75
C GLU T 77 -13.41 -24.24 71.64
N VAL T 78 -12.21 -24.05 71.10
CA VAL T 78 -11.72 -24.92 70.02
C VAL T 78 -11.29 -26.27 70.59
N LYS T 79 -11.81 -27.34 70.00
CA LYS T 79 -11.45 -28.68 70.46
C LYS T 79 -10.57 -29.32 69.39
N ALA T 80 -9.79 -30.32 69.80
CA ALA T 80 -8.91 -31.01 68.87
C ALA T 80 -8.85 -32.49 69.24
N GLY T 81 -9.27 -33.34 68.32
CA GLY T 81 -9.24 -34.76 68.56
C GLY T 81 -8.37 -35.47 67.55
N LEU T 82 -7.74 -36.57 67.96
CA LEU T 82 -6.88 -37.33 67.08
C LEU T 82 -7.20 -38.81 67.17
N GLU T 83 -7.63 -39.40 66.06
CA GLU T 83 -7.99 -40.81 66.05
C GLU T 83 -7.79 -41.42 64.66
N ASN T 84 -7.23 -42.62 64.63
CA ASN T 84 -6.99 -43.33 63.38
C ASN T 84 -6.25 -42.49 62.33
N GLY T 85 -5.20 -41.80 62.77
CA GLY T 85 -4.41 -41.00 61.88
C GLY T 85 -5.09 -39.76 61.33
N VAL T 86 -6.25 -39.39 61.88
CA VAL T 86 -6.95 -38.20 61.42
C VAL T 86 -7.19 -37.22 62.56
N LEU T 87 -6.74 -35.98 62.37
CA LEU T 87 -6.91 -34.94 63.37
C LEU T 87 -8.16 -34.12 63.05
N THR T 88 -8.94 -33.82 64.08
CA THR T 88 -10.17 -33.04 63.88
C THR T 88 -10.19 -31.84 64.83
N VAL T 89 -10.34 -30.66 64.27
CA VAL T 89 -10.38 -29.44 65.06
C VAL T 89 -11.75 -28.80 64.89
N THR T 90 -12.41 -28.52 66.01
CA THR T 90 -13.75 -27.93 65.97
C THR T 90 -13.74 -26.50 66.49
N VAL T 91 -13.95 -25.56 65.58
CA VAL T 91 -13.97 -24.16 65.97
C VAL T 91 -15.40 -23.64 66.03
N PRO T 92 -15.97 -23.55 67.24
CA PRO T 92 -17.34 -23.08 67.46
C PRO T 92 -17.60 -21.69 66.86
N LYS T 93 -18.77 -21.51 66.28
CA LYS T 93 -19.13 -20.24 65.68
C LYS T 93 -19.85 -19.36 66.69
N ALA U 1 37.61 7.98 54.27
CA ALA U 1 37.73 8.09 55.72
C ALA U 1 36.42 7.87 56.47
N ARG U 2 35.90 6.65 56.42
CA ARG U 2 34.68 6.31 57.13
C ARG U 2 34.96 6.59 58.61
N MET U 3 34.09 7.35 59.26
CA MET U 3 34.31 7.69 60.66
C MET U 3 33.14 7.47 61.59
N ASP U 4 33.46 7.17 62.84
CA ASP U 4 32.45 6.98 63.89
C ASP U 4 32.69 8.03 64.94
N TRP U 5 31.62 8.43 65.62
CA TRP U 5 31.71 9.41 66.66
C TRP U 5 30.88 8.90 67.82
N LYS U 6 31.56 8.57 68.91
CA LYS U 6 30.91 8.07 70.10
C LYS U 6 31.10 9.05 71.26
N GLU U 7 30.07 9.19 72.09
CA GLU U 7 30.18 10.09 73.23
C GLU U 7 30.00 9.34 74.52
N THR U 8 31.11 8.94 75.13
CA THR U 8 31.06 8.25 76.41
C THR U 8 30.92 9.40 77.39
N PRO U 9 30.53 9.12 78.64
CA PRO U 9 30.40 10.21 79.61
C PRO U 9 31.70 10.99 79.80
N GLU U 10 32.83 10.30 79.67
CA GLU U 10 34.14 10.90 79.87
C GLU U 10 34.72 11.70 78.70
N ALA U 11 34.40 11.32 77.47
CA ALA U 11 34.93 12.05 76.33
C ALA U 11 34.27 11.70 74.99
N HIS U 12 34.64 12.45 73.95
CA HIS U 12 34.13 12.21 72.61
C HIS U 12 35.20 11.39 71.91
N VAL U 13 34.83 10.24 71.37
CA VAL U 13 35.80 9.38 70.68
C VAL U 13 35.47 9.21 69.21
N PHE U 14 36.40 9.63 68.34
CA PHE U 14 36.22 9.51 66.90
C PHE U 14 37.13 8.43 66.36
N LYS U 15 36.63 7.67 65.40
CA LYS U 15 37.41 6.61 64.78
C LYS U 15 37.39 6.85 63.28
N ALA U 16 38.50 6.58 62.62
CA ALA U 16 38.57 6.77 61.19
C ALA U 16 39.37 5.64 60.55
N ASP U 17 38.76 4.97 59.58
CA ASP U 17 39.47 3.90 58.91
C ASP U 17 40.40 4.52 57.89
N LEU U 18 41.69 4.45 58.18
CA LEU U 18 42.71 5.00 57.31
C LEU U 18 43.78 3.95 57.10
N PRO U 19 43.39 2.81 56.51
CA PRO U 19 44.35 1.72 56.26
C PRO U 19 45.55 2.12 55.41
N GLY U 20 46.72 1.65 55.82
CA GLY U 20 47.95 1.94 55.09
C GLY U 20 48.40 3.39 55.07
N VAL U 21 47.86 4.19 55.98
CA VAL U 21 48.22 5.60 56.04
C VAL U 21 49.25 5.85 57.13
N LYS U 22 50.22 6.72 56.83
CA LYS U 22 51.26 7.05 57.80
C LYS U 22 50.93 8.40 58.42
N LYS U 23 51.24 8.56 59.70
CA LYS U 23 50.97 9.80 60.42
C LYS U 23 51.39 11.08 59.70
N GLU U 24 52.44 11.00 58.88
CA GLU U 24 52.88 12.18 58.14
C GLU U 24 51.91 12.53 57.01
N GLU U 25 50.90 11.68 56.83
CA GLU U 25 49.90 11.86 55.79
C GLU U 25 48.52 12.23 56.32
N VAL U 26 48.35 12.22 57.64
CA VAL U 26 47.09 12.55 58.28
C VAL U 26 47.23 13.79 59.16
N LYS U 27 46.16 14.51 59.32
CA LYS U 27 46.22 15.73 60.13
C LYS U 27 44.96 15.92 60.97
N VAL U 28 45.16 16.11 62.27
CA VAL U 28 44.06 16.33 63.19
C VAL U 28 44.24 17.73 63.78
N GLU U 29 43.32 18.63 63.46
CA GLU U 29 43.41 19.99 63.95
C GLU U 29 42.11 20.40 64.64
N VAL U 30 42.13 21.57 65.25
CA VAL U 30 40.96 22.10 65.92
C VAL U 30 40.79 23.54 65.43
N GLU U 31 39.59 23.88 64.97
CA GLU U 31 39.33 25.21 64.46
C GLU U 31 38.22 25.90 65.22
N ASP U 32 38.31 27.23 65.28
CA ASP U 32 37.32 28.04 65.95
C ASP U 32 36.81 27.44 67.26
N GLY U 33 37.76 26.96 68.07
CA GLY U 33 37.41 26.39 69.37
C GLY U 33 36.63 25.09 69.47
N ASN U 34 35.66 24.87 68.59
CA ASN U 34 34.87 23.64 68.69
C ASN U 34 34.70 22.82 67.42
N VAL U 35 35.67 22.86 66.51
CA VAL U 35 35.55 22.10 65.27
C VAL U 35 36.72 21.17 65.02
N LEU U 36 36.48 19.87 65.21
CA LEU U 36 37.51 18.88 64.99
C LEU U 36 37.65 18.74 63.49
N VAL U 37 38.89 18.68 63.01
CA VAL U 37 39.13 18.55 61.58
C VAL U 37 40.11 17.41 61.30
N VAL U 38 39.69 16.49 60.45
CA VAL U 38 40.54 15.36 60.07
C VAL U 38 40.72 15.38 58.56
N SER U 39 41.97 15.40 58.11
CA SER U 39 42.28 15.42 56.69
C SER U 39 43.56 14.68 56.38
N GLY U 40 43.81 14.45 55.09
CA GLY U 40 45.02 13.75 54.70
C GLY U 40 44.99 13.24 53.28
N GLU U 41 45.91 12.32 52.97
CA GLU U 41 46.00 11.72 51.65
C GLU U 41 47.04 10.61 51.65
N ARG U 42 46.59 9.38 51.47
CA ARG U 42 47.49 8.22 51.45
C ARG U 42 48.47 8.39 50.31
N THR U 43 49.76 8.29 50.62
CA THR U 43 50.82 8.45 49.64
C THR U 43 50.85 7.30 48.64
N LYS U 44 51.50 7.54 47.50
CA LYS U 44 51.64 6.52 46.48
C LYS U 44 52.58 5.47 47.02
N GLU U 45 52.20 4.21 46.86
CA GLU U 45 53.04 3.11 47.33
C GLU U 45 54.28 3.10 46.43
N LYS U 46 55.41 3.47 47.00
CA LYS U 46 56.67 3.49 46.28
C LYS U 46 57.10 2.07 45.95
N GLU U 47 56.14 1.28 45.49
CA GLU U 47 56.38 -0.12 45.15
C GLU U 47 56.84 -0.27 43.70
N ASP U 48 57.57 -1.35 43.46
CA ASP U 48 58.14 -1.68 42.17
C ASP U 48 57.50 -1.02 40.97
N LYS U 49 58.18 -0.02 40.42
CA LYS U 49 57.70 0.69 39.23
C LYS U 49 57.90 -0.37 38.14
N ASN U 50 56.83 -0.68 37.41
CA ASN U 50 56.81 -1.67 36.33
C ASN U 50 55.91 -2.85 36.63
N ASP U 51 55.46 -2.97 37.88
CA ASP U 51 54.59 -4.08 38.26
C ASP U 51 53.34 -4.13 37.42
N LYS U 52 52.75 -5.32 37.30
CA LYS U 52 51.53 -5.47 36.53
C LYS U 52 50.35 -5.40 37.48
N TRP U 53 49.41 -4.51 37.21
CA TRP U 53 48.23 -4.36 38.06
C TRP U 53 47.05 -5.15 37.53
N HIS U 54 46.81 -6.33 38.10
CA HIS U 54 45.70 -7.17 37.69
C HIS U 54 44.37 -6.58 38.16
N ARG U 55 44.31 -6.20 39.43
CA ARG U 55 43.10 -5.65 40.00
C ARG U 55 43.43 -4.60 41.07
N VAL U 56 42.73 -3.48 41.01
CA VAL U 56 42.96 -2.39 41.97
C VAL U 56 41.65 -1.85 42.53
N GLU U 57 41.35 -2.21 43.78
CA GLU U 57 40.14 -1.73 44.42
C GLU U 57 40.50 -0.62 45.41
N ARG U 58 41.60 -0.82 46.12
CA ARG U 58 42.07 0.15 47.10
C ARG U 58 42.49 1.39 46.32
N SER U 59 41.64 2.41 46.36
CA SER U 59 41.94 3.63 45.63
C SER U 59 41.56 4.84 46.49
N SER U 60 42.47 5.25 47.37
CA SER U 60 42.23 6.37 48.27
C SER U 60 42.80 7.69 47.77
N GLY U 61 42.22 8.80 48.21
CA GLY U 61 42.68 10.11 47.80
C GLY U 61 42.60 11.15 48.91
N LYS U 62 42.71 12.42 48.54
CA LYS U 62 42.64 13.51 49.49
C LYS U 62 41.25 13.61 50.09
N PHE U 63 41.15 14.18 51.30
CA PHE U 63 39.87 14.33 51.98
C PHE U 63 39.98 15.20 53.23
N VAL U 64 38.89 15.86 53.59
CA VAL U 64 38.84 16.69 54.79
C VAL U 64 37.46 16.53 55.45
N ARG U 65 37.47 16.31 56.77
CA ARG U 65 36.24 16.12 57.53
C ARG U 65 36.20 17.02 58.76
N ARG U 66 35.01 17.51 59.09
CA ARG U 66 34.84 18.37 60.24
C ARG U 66 33.63 18.02 61.09
N PHE U 67 33.77 18.12 62.41
CA PHE U 67 32.69 17.84 63.34
C PHE U 67 32.53 18.99 64.33
N ARG U 68 31.29 19.34 64.66
CA ARG U 68 31.08 20.41 65.61
C ARG U 68 30.95 19.84 67.01
N LEU U 69 31.97 20.07 67.83
CA LEU U 69 31.99 19.60 69.20
C LEU U 69 30.89 20.31 69.98
N LEU U 70 30.36 19.66 71.01
CA LEU U 70 29.30 20.24 71.81
C LEU U 70 29.86 21.32 72.72
N GLU U 71 31.14 21.25 73.02
CA GLU U 71 31.80 22.21 73.89
C GLU U 71 33.22 22.49 73.39
N ASP U 72 33.69 23.72 73.58
CA ASP U 72 35.04 24.07 73.18
C ASP U 72 36.00 23.09 73.83
N ALA U 73 36.89 22.52 73.03
CA ALA U 73 37.83 21.52 73.54
C ALA U 73 39.14 22.13 74.03
N LYS U 74 39.72 21.50 75.04
CA LYS U 74 41.00 21.92 75.59
C LYS U 74 42.05 21.23 74.73
N VAL U 75 42.38 21.86 73.62
CA VAL U 75 43.33 21.33 72.67
C VAL U 75 44.56 20.59 73.21
N GLU U 76 45.04 20.96 74.39
CA GLU U 76 46.22 20.28 74.92
C GLU U 76 45.87 18.93 75.53
N GLU U 77 44.57 18.67 75.67
CA GLU U 77 44.09 17.42 76.24
C GLU U 77 43.62 16.43 75.19
N VAL U 78 43.52 16.88 73.95
CA VAL U 78 43.09 16.03 72.84
C VAL U 78 44.19 15.03 72.47
N LYS U 79 43.85 13.75 72.48
CA LYS U 79 44.80 12.68 72.13
C LYS U 79 44.45 12.09 70.77
N ALA U 80 45.48 11.79 69.97
CA ALA U 80 45.28 11.22 68.64
C ALA U 80 46.30 10.12 68.37
N GLY U 81 45.82 8.91 68.10
CA GLY U 81 46.71 7.81 67.84
C GLY U 81 46.35 7.05 66.59
N LEU U 82 47.36 6.55 65.89
CA LEU U 82 47.15 5.79 64.67
C LEU U 82 47.65 4.38 64.91
N GLU U 83 46.78 3.39 64.68
CA GLU U 83 47.16 2.01 64.90
C GLU U 83 46.31 1.03 64.10
N ASN U 84 46.96 0.07 63.44
CA ASN U 84 46.27 -0.93 62.63
C ASN U 84 45.28 -0.29 61.66
N GLY U 85 45.72 0.79 61.02
CA GLY U 85 44.90 1.48 60.04
C GLY U 85 43.75 2.30 60.59
N VAL U 86 43.65 2.39 61.91
CA VAL U 86 42.56 3.14 62.54
C VAL U 86 43.02 4.35 63.32
N LEU U 87 42.55 5.53 62.90
CA LEU U 87 42.88 6.76 63.59
C LEU U 87 41.88 6.93 64.72
N THR U 88 42.37 7.35 65.88
CA THR U 88 41.49 7.54 67.03
C THR U 88 41.75 8.89 67.66
N VAL U 89 40.70 9.69 67.77
CA VAL U 89 40.82 11.02 68.35
C VAL U 89 39.92 11.10 69.58
N THR U 90 40.53 11.25 70.75
CA THR U 90 39.76 11.34 71.98
C THR U 90 39.73 12.78 72.47
N VAL U 91 38.53 13.29 72.74
CA VAL U 91 38.37 14.66 73.22
C VAL U 91 37.72 14.66 74.60
N PRO U 92 38.52 14.90 75.65
CA PRO U 92 38.06 14.94 77.04
C PRO U 92 37.01 16.01 77.29
N LYS U 93 35.89 15.62 77.88
CA LYS U 93 34.84 16.59 78.21
C LYS U 93 35.05 17.07 79.63
N ALA V 1 36.14 -6.16 52.16
CA ALA V 1 37.57 -5.93 52.30
C ALA V 1 38.13 -5.62 50.91
N ARG V 2 38.63 -4.40 50.72
CA ARG V 2 39.18 -4.00 49.43
C ARG V 2 40.56 -4.61 49.21
N MET V 3 40.73 -5.22 48.05
CA MET V 3 41.98 -5.88 47.72
C MET V 3 42.55 -5.56 46.34
N ASP V 4 43.87 -5.44 46.28
CA ASP V 4 44.58 -5.18 45.04
C ASP V 4 45.28 -6.48 44.68
N TRP V 5 45.50 -6.67 43.39
CA TRP V 5 46.19 -7.85 42.89
C TRP V 5 47.22 -7.40 41.86
N LYS V 6 48.48 -7.37 42.29
CA LYS V 6 49.60 -6.98 41.44
C LYS V 6 50.51 -8.17 41.18
N GLU V 7 51.26 -8.11 40.08
CA GLU V 7 52.16 -9.18 39.73
C GLU V 7 53.58 -8.67 39.54
N THR V 8 54.52 -9.30 40.23
CA THR V 8 55.92 -8.94 40.13
C THR V 8 56.58 -10.07 39.34
N PRO V 9 57.81 -9.85 38.86
CA PRO V 9 58.46 -10.92 38.12
C PRO V 9 58.59 -12.18 38.97
N GLU V 10 58.67 -11.98 40.28
CA GLU V 10 58.84 -13.08 41.23
C GLU V 10 57.55 -13.67 41.81
N ALA V 11 56.52 -12.85 41.96
CA ALA V 11 55.27 -13.36 42.54
C ALA V 11 54.05 -12.46 42.37
N HIS V 12 52.89 -13.05 42.64
CA HIS V 12 51.63 -12.33 42.57
C HIS V 12 51.42 -11.82 44.00
N VAL V 13 51.21 -10.51 44.12
CA VAL V 13 51.03 -9.90 45.43
C VAL V 13 49.62 -9.36 45.63
N PHE V 14 49.02 -9.73 46.76
CA PHE V 14 47.68 -9.30 47.08
C PHE V 14 47.70 -8.37 48.30
N LYS V 15 46.92 -7.30 48.24
CA LYS V 15 46.83 -6.34 49.34
C LYS V 15 45.38 -6.26 49.79
N ALA V 16 45.15 -6.05 51.09
CA ALA V 16 43.78 -5.96 51.59
C ALA V 16 43.68 -4.95 52.71
N ASP V 17 42.74 -4.02 52.60
CA ASP V 17 42.54 -3.03 53.65
C ASP V 17 41.77 -3.72 54.74
N LEU V 18 42.36 -3.81 55.94
CA LEU V 18 41.71 -4.45 57.07
C LEU V 18 41.93 -3.61 58.32
N PRO V 19 41.54 -2.33 58.27
CA PRO V 19 41.73 -1.49 59.45
C PRO V 19 41.04 -2.07 60.69
N GLY V 20 41.69 -1.93 61.84
CA GLY V 20 41.13 -2.40 63.09
C GLY V 20 41.02 -3.91 63.26
N VAL V 21 41.81 -4.66 62.51
CA VAL V 21 41.77 -6.11 62.60
C VAL V 21 43.11 -6.65 63.10
N LYS V 22 43.07 -7.39 64.20
CA LYS V 22 44.30 -7.97 64.75
C LYS V 22 44.59 -9.27 64.00
N LYS V 23 45.87 -9.61 63.87
CA LYS V 23 46.26 -10.82 63.16
C LYS V 23 45.61 -12.10 63.67
N GLU V 24 45.00 -12.04 64.85
CA GLU V 24 44.34 -13.22 65.41
C GLU V 24 42.92 -13.35 64.86
N GLU V 25 42.47 -12.33 64.15
CA GLU V 25 41.13 -12.31 63.58
C GLU V 25 41.13 -12.54 62.06
N VAL V 26 42.32 -12.66 61.49
CA VAL V 26 42.47 -12.87 60.06
C VAL V 26 43.00 -14.28 59.77
N LYS V 27 42.51 -14.88 58.71
CA LYS V 27 42.95 -16.21 58.31
C LYS V 27 43.35 -16.18 56.84
N VAL V 28 44.52 -16.72 56.53
CA VAL V 28 44.99 -16.78 55.15
C VAL V 28 45.21 -18.24 54.77
N GLU V 29 44.46 -18.73 53.78
CA GLU V 29 44.60 -20.12 53.39
C GLU V 29 44.56 -20.34 51.88
N VAL V 30 44.76 -21.60 51.52
CA VAL V 30 44.73 -22.05 50.13
C VAL V 30 43.81 -23.27 50.10
N GLU V 31 42.63 -23.09 49.53
CA GLU V 31 41.64 -24.16 49.43
C GLU V 31 41.75 -24.83 48.07
N ASP V 32 41.12 -25.99 47.96
CA ASP V 32 41.09 -26.76 46.72
C ASP V 32 42.41 -26.80 45.97
N GLY V 33 43.51 -26.62 46.69
CA GLY V 33 44.82 -26.65 46.07
C GLY V 33 45.31 -25.38 45.42
N ASN V 34 44.39 -24.56 44.89
CA ASN V 34 44.83 -23.33 44.24
C ASN V 34 43.93 -22.12 44.41
N VAL V 35 43.18 -22.06 45.50
CA VAL V 35 42.31 -20.91 45.74
C VAL V 35 42.71 -20.19 47.02
N LEU V 36 43.24 -18.99 46.87
CA LEU V 36 43.65 -18.17 48.01
C LEU V 36 42.40 -17.67 48.73
N VAL V 37 42.31 -17.92 50.03
CA VAL V 37 41.15 -17.47 50.80
C VAL V 37 41.56 -16.58 51.97
N VAL V 38 41.14 -15.33 51.90
CA VAL V 38 41.43 -14.37 52.95
C VAL V 38 40.11 -14.09 53.66
N SER V 39 40.03 -14.41 54.95
CA SER V 39 38.81 -14.18 55.68
C SER V 39 39.09 -13.85 57.14
N GLY V 40 38.07 -13.32 57.80
CA GLY V 40 38.21 -12.95 59.20
C GLY V 40 37.02 -12.11 59.62
N GLU V 41 37.13 -11.45 60.77
CA GLU V 41 36.03 -10.63 61.26
C GLU V 41 36.52 -9.30 61.81
N ARG V 42 35.73 -8.27 61.56
CA ARG V 42 36.05 -6.93 62.04
C ARG V 42 35.08 -6.75 63.19
N THR V 43 35.48 -7.22 64.37
CA THR V 43 34.66 -7.18 65.56
C THR V 43 34.03 -5.84 65.91
N LYS V 44 32.73 -5.87 66.16
CA LYS V 44 31.98 -4.68 66.53
C LYS V 44 32.18 -4.41 68.02
N GLU V 45 32.54 -3.19 68.35
CA GLU V 45 32.79 -2.79 69.73
C GLU V 45 31.50 -2.36 70.41
N LYS V 46 30.57 -3.30 70.59
CA LYS V 46 29.28 -3.02 71.19
C LYS V 46 29.25 -2.09 72.41
N GLU V 47 30.14 -2.31 73.36
CA GLU V 47 30.23 -1.46 74.55
C GLU V 47 29.01 -1.42 75.47
N ASP V 48 28.84 -0.30 76.18
CA ASP V 48 27.76 -0.11 77.12
C ASP V 48 26.72 0.93 76.70
N LYS V 49 25.57 0.91 77.38
CA LYS V 49 24.47 1.83 77.10
C LYS V 49 24.72 3.24 77.61
N ASN V 50 25.78 3.41 78.39
CA ASN V 50 26.12 4.73 78.91
C ASN V 50 26.55 5.59 77.72
N ASP V 51 27.06 4.92 76.69
CA ASP V 51 27.54 5.59 75.49
C ASP V 51 26.44 6.13 74.61
N LYS V 52 26.82 7.01 73.69
CA LYS V 52 25.88 7.66 72.78
C LYS V 52 26.55 7.78 71.41
N TRP V 53 25.89 7.31 70.37
CA TRP V 53 26.47 7.38 69.03
C TRP V 53 25.94 8.52 68.18
N HIS V 54 26.84 9.41 67.76
CA HIS V 54 26.45 10.55 66.94
C HIS V 54 26.67 10.29 65.46
N ARG V 55 27.54 9.34 65.15
CA ARG V 55 27.81 9.02 63.76
C ARG V 55 28.40 7.62 63.67
N VAL V 56 27.98 6.87 62.67
CA VAL V 56 28.48 5.52 62.47
C VAL V 56 28.58 5.25 60.98
N GLU V 57 29.81 5.15 60.48
CA GLU V 57 30.04 4.90 59.06
C GLU V 57 30.92 3.68 58.85
N ARG V 58 31.65 3.30 59.89
CA ARG V 58 32.53 2.17 59.77
C ARG V 58 31.79 0.84 59.86
N SER V 59 32.16 -0.10 59.00
CA SER V 59 31.51 -1.40 58.98
C SER V 59 32.18 -2.39 59.93
N SER V 60 31.47 -3.48 60.22
CA SER V 60 32.00 -4.52 61.08
C SER V 60 31.39 -5.84 60.63
N GLY V 61 31.93 -6.94 61.14
CA GLY V 61 31.41 -8.24 60.76
C GLY V 61 32.42 -9.10 60.03
N LYS V 62 31.91 -10.11 59.34
CA LYS V 62 32.75 -11.04 58.61
C LYS V 62 33.08 -10.57 57.20
N PHE V 63 34.26 -10.97 56.71
CA PHE V 63 34.69 -10.65 55.36
C PHE V 63 35.32 -11.90 54.75
N VAL V 64 35.14 -12.09 53.45
CA VAL V 64 35.68 -13.24 52.75
C VAL V 64 36.16 -12.86 51.35
N ARG V 65 37.41 -13.23 51.03
CA ARG V 65 37.94 -12.93 49.71
C ARG V 65 38.67 -14.11 49.10
N ARG V 66 38.34 -14.42 47.85
CA ARG V 66 38.94 -15.55 47.17
C ARG V 66 39.54 -15.23 45.79
N PHE V 67 40.76 -15.69 45.56
CA PHE V 67 41.42 -15.48 44.28
C PHE V 67 41.92 -16.84 43.84
N ARG V 68 41.84 -17.12 42.54
CA ARG V 68 42.32 -18.39 42.03
C ARG V 68 43.76 -18.25 41.57
N LEU V 69 44.66 -18.94 42.28
CA LEU V 69 46.08 -18.91 41.96
C LEU V 69 46.35 -19.84 40.78
N LEU V 70 47.59 -19.83 40.29
CA LEU V 70 47.97 -20.69 39.17
C LEU V 70 48.12 -22.14 39.63
N GLU V 71 47.75 -23.07 38.75
CA GLU V 71 47.87 -24.50 39.04
C GLU V 71 49.32 -24.85 39.37
N ASP V 72 50.22 -23.91 39.09
CA ASP V 72 51.65 -24.10 39.36
C ASP V 72 52.21 -22.90 40.13
N ALA V 73 51.78 -22.75 41.37
CA ALA V 73 52.24 -21.65 42.21
C ALA V 73 52.83 -22.23 43.49
N LYS V 74 53.84 -21.57 44.01
CA LYS V 74 54.50 -22.02 45.23
C LYS V 74 53.54 -21.96 46.43
N VAL V 75 52.51 -22.79 46.39
CA VAL V 75 51.50 -22.84 47.45
C VAL V 75 52.10 -23.01 48.85
N GLU V 76 53.26 -23.65 48.95
CA GLU V 76 53.91 -23.84 50.24
C GLU V 76 54.78 -22.66 50.60
N GLU V 77 54.94 -21.72 49.68
CA GLU V 77 55.78 -20.55 49.92
C GLU V 77 55.03 -19.23 50.01
N VAL V 78 53.73 -19.30 50.23
CA VAL V 78 52.91 -18.09 50.35
C VAL V 78 53.13 -17.43 51.70
N LYS V 79 53.44 -16.13 51.68
CA LYS V 79 53.67 -15.41 52.93
C LYS V 79 52.49 -14.45 53.13
N ALA V 80 52.28 -14.04 54.38
CA ALA V 80 51.19 -13.14 54.69
C ALA V 80 51.63 -12.19 55.80
N GLY V 81 51.64 -10.90 55.50
CA GLY V 81 52.02 -9.91 56.48
C GLY V 81 50.90 -8.94 56.75
N LEU V 82 50.83 -8.43 57.97
CA LEU V 82 49.80 -7.48 58.35
C LEU V 82 50.40 -6.30 59.08
N GLU V 83 50.26 -5.11 58.51
CA GLU V 83 50.81 -3.91 59.11
C GLU V 83 50.01 -2.67 58.73
N ASN V 84 49.77 -1.81 59.71
CA ASN V 84 49.03 -0.57 59.49
C ASN V 84 47.69 -0.78 58.78
N GLY V 85 46.94 -1.79 59.23
CA GLY V 85 45.66 -2.07 58.66
C GLY V 85 45.66 -2.61 57.24
N VAL V 86 46.83 -2.98 56.72
CA VAL V 86 46.91 -3.53 55.37
C VAL V 86 47.55 -4.92 55.37
N LEU V 87 46.84 -5.88 54.79
CA LEU V 87 47.31 -7.25 54.71
C LEU V 87 48.00 -7.47 53.36
N THR V 88 49.13 -8.15 53.38
CA THR V 88 49.86 -8.42 52.14
C THR V 88 50.17 -9.90 52.02
N VAL V 89 49.75 -10.50 50.91
CA VAL V 89 49.98 -11.91 50.67
C VAL V 89 50.87 -12.05 49.45
N THR V 90 51.97 -12.79 49.60
CA THR V 90 52.92 -12.97 48.51
C THR V 90 52.92 -14.40 48.01
N VAL V 91 52.40 -14.60 46.80
CA VAL V 91 52.35 -15.93 46.22
C VAL V 91 53.44 -16.09 45.17
N PRO V 92 54.56 -16.74 45.54
CA PRO V 92 55.70 -16.98 44.65
C PRO V 92 55.31 -17.69 43.35
N LYS V 93 55.91 -17.26 42.25
CA LYS V 93 55.62 -17.86 40.95
C LYS V 93 56.58 -19.00 40.67
N ALA W 1 -46.88 27.26 -38.51
CA ALA W 1 -47.30 28.29 -39.45
C ALA W 1 -46.18 29.23 -39.87
N ARG W 2 -45.20 28.71 -40.60
CA ARG W 2 -44.11 29.53 -41.10
C ARG W 2 -44.75 30.61 -41.96
N MET W 3 -44.41 31.87 -41.72
CA MET W 3 -45.01 32.96 -42.48
C MET W 3 -44.04 33.98 -43.05
N ASP W 4 -44.43 34.55 -44.18
CA ASP W 4 -43.65 35.59 -44.84
C ASP W 4 -44.49 36.85 -44.87
N TRP W 5 -43.83 37.99 -44.85
CA TRP W 5 -44.51 39.26 -44.89
C TRP W 5 -43.78 40.13 -45.89
N LYS W 6 -44.45 40.43 -47.00
CA LYS W 6 -43.88 41.25 -48.04
C LYS W 6 -44.67 42.54 -48.18
N GLU W 7 -43.97 43.64 -48.45
CA GLU W 7 -44.65 44.91 -48.63
C GLU W 7 -44.42 45.47 -50.01
N THR W 8 -45.35 45.21 -50.91
CA THR W 8 -45.26 45.73 -52.26
C THR W 8 -45.79 47.14 -52.10
N PRO W 9 -45.56 48.03 -53.08
CA PRO W 9 -46.07 49.39 -52.95
C PRO W 9 -47.59 49.44 -52.77
N GLU W 10 -48.29 48.48 -53.38
CA GLU W 10 -49.74 48.42 -53.34
C GLU W 10 -50.37 47.82 -52.08
N ALA W 11 -49.70 46.87 -51.44
CA ALA W 11 -50.27 46.25 -50.25
C ALA W 11 -49.29 45.39 -49.46
N HIS W 12 -49.73 44.94 -48.28
CA HIS W 12 -48.93 44.06 -47.44
C HIS W 12 -49.41 42.65 -47.74
N VAL W 13 -48.51 41.76 -48.11
CA VAL W 13 -48.89 40.38 -48.43
C VAL W 13 -48.25 39.38 -47.47
N PHE W 14 -49.09 38.63 -46.76
CA PHE W 14 -48.62 37.62 -45.82
C PHE W 14 -48.88 36.24 -46.38
N LYS W 15 -47.94 35.33 -46.17
CA LYS W 15 -48.07 33.96 -46.64
C LYS W 15 -47.88 33.05 -45.43
N ALA W 16 -48.64 31.96 -45.38
CA ALA W 16 -48.52 31.04 -44.28
C ALA W 16 -48.64 29.61 -44.78
N ASP W 17 -47.64 28.79 -44.48
CA ASP W 17 -47.71 27.41 -44.91
C ASP W 17 -48.60 26.67 -43.94
N LEU W 18 -49.77 26.30 -44.43
CA LEU W 18 -50.75 25.57 -43.64
C LEU W 18 -51.23 24.37 -44.43
N PRO W 19 -50.30 23.46 -44.76
CA PRO W 19 -50.66 22.27 -45.54
C PRO W 19 -51.73 21.40 -44.89
N GLY W 20 -52.66 20.93 -45.72
CA GLY W 20 -53.74 20.07 -45.24
C GLY W 20 -54.74 20.70 -44.29
N VAL W 21 -54.76 22.03 -44.25
CA VAL W 21 -55.67 22.73 -43.36
C VAL W 21 -56.90 23.23 -44.13
N LYS W 22 -58.06 23.11 -43.49
CA LYS W 22 -59.31 23.55 -44.11
C LYS W 22 -59.69 24.90 -43.52
N LYS W 23 -60.27 25.77 -44.34
CA LYS W 23 -60.68 27.10 -43.91
C LYS W 23 -61.45 27.16 -42.59
N GLU W 24 -62.19 26.10 -42.28
CA GLU W 24 -62.95 26.07 -41.03
C GLU W 24 -62.01 25.89 -39.83
N GLU W 25 -60.73 25.69 -40.12
CA GLU W 25 -59.72 25.47 -39.09
C GLU W 25 -58.74 26.63 -38.93
N VAL W 26 -58.83 27.62 -39.82
CA VAL W 26 -57.96 28.78 -39.79
C VAL W 26 -58.76 30.06 -39.54
N LYS W 27 -58.14 31.04 -38.95
CA LYS W 27 -58.84 32.28 -38.65
C LYS W 27 -57.96 33.50 -38.86
N VAL W 28 -58.46 34.45 -39.65
CA VAL W 28 -57.74 35.68 -39.93
C VAL W 28 -58.58 36.83 -39.38
N GLU W 29 -58.08 37.50 -38.35
CA GLU W 29 -58.82 38.59 -37.75
C GLU W 29 -57.96 39.85 -37.69
N VAL W 30 -58.57 40.95 -37.29
CA VAL W 30 -57.87 42.21 -37.15
C VAL W 30 -58.23 42.77 -35.78
N GLU W 31 -57.22 43.13 -35.00
CA GLU W 31 -57.44 43.65 -33.65
C GLU W 31 -56.87 45.04 -33.49
N ASP W 32 -57.52 45.81 -32.61
CA ASP W 32 -57.09 47.16 -32.32
C ASP W 32 -56.64 47.95 -33.54
N GLY W 33 -57.43 47.85 -34.61
CA GLY W 33 -57.13 48.58 -35.84
C GLY W 33 -55.92 48.23 -36.68
N ASN W 34 -54.79 47.88 -36.05
CA ASN W 34 -53.60 47.57 -36.84
C ASN W 34 -52.87 46.27 -36.51
N VAL W 35 -53.59 45.25 -36.04
CA VAL W 35 -52.93 43.99 -35.71
C VAL W 35 -53.54 42.79 -36.41
N LEU W 36 -52.82 42.28 -37.41
CA LEU W 36 -53.29 41.13 -38.15
C LEU W 36 -53.08 39.93 -37.24
N VAL W 37 -54.08 39.05 -37.19
CA VAL W 37 -53.97 37.87 -36.35
C VAL W 37 -54.32 36.61 -37.14
N VAL W 38 -53.41 35.65 -37.12
CA VAL W 38 -53.62 34.38 -37.83
C VAL W 38 -53.51 33.25 -36.81
N SER W 39 -54.55 32.43 -36.72
CA SER W 39 -54.57 31.32 -35.79
C SER W 39 -55.34 30.13 -36.33
N GLY W 40 -55.24 28.99 -35.66
CA GLY W 40 -55.95 27.81 -36.11
C GLY W 40 -55.45 26.52 -35.49
N GLU W 41 -55.83 25.40 -36.10
CA GLU W 41 -55.42 24.09 -35.63
C GLU W 41 -55.89 23.02 -36.62
N ARG W 42 -54.94 22.37 -37.27
CA ARG W 42 -55.26 21.32 -38.24
C ARG W 42 -55.99 20.20 -37.52
N THR W 43 -57.15 19.83 -38.05
CA THR W 43 -57.98 18.78 -37.45
C THR W 43 -57.35 17.41 -37.58
N LYS W 44 -57.82 16.48 -36.76
CA LYS W 44 -57.33 15.12 -36.80
C LYS W 44 -57.83 14.50 -38.09
N GLU W 45 -56.94 13.81 -38.80
CA GLU W 45 -57.32 13.17 -40.04
C GLU W 45 -58.25 12.01 -39.67
N LYS W 46 -59.52 12.16 -40.01
CA LYS W 46 -60.52 11.14 -39.73
C LYS W 46 -60.25 9.91 -40.59
N GLU W 47 -58.98 9.53 -40.65
CA GLU W 47 -58.56 8.39 -41.45
C GLU W 47 -58.63 7.09 -40.65
N ASP W 48 -58.79 6.00 -41.38
CA ASP W 48 -58.92 4.66 -40.84
C ASP W 48 -58.40 4.46 -39.43
N LYS W 49 -59.33 4.37 -38.48
CA LYS W 49 -58.97 4.14 -37.07
C LYS W 49 -58.50 2.68 -37.11
N ASN W 50 -57.29 2.42 -36.63
CA ASN W 50 -56.67 1.10 -36.58
C ASN W 50 -55.42 1.01 -37.45
N ASP W 51 -55.20 2.00 -38.31
CA ASP W 51 -54.04 1.99 -39.19
C ASP W 51 -52.75 1.89 -38.42
N LYS W 52 -51.71 1.36 -39.07
CA LYS W 52 -50.41 1.25 -38.42
C LYS W 52 -49.57 2.44 -38.81
N TRP W 53 -49.05 3.16 -37.82
CA TRP W 53 -48.23 4.32 -38.07
C TRP W 53 -46.74 3.98 -38.05
N HIS W 54 -46.15 3.81 -39.22
CA HIS W 54 -44.73 3.50 -39.33
C HIS W 54 -43.88 4.72 -38.99
N ARG W 55 -44.22 5.86 -39.58
CA ARG W 55 -43.47 7.07 -39.36
C ARG W 55 -44.40 8.30 -39.41
N VAL W 56 -44.23 9.19 -38.46
CA VAL W 56 -45.06 10.40 -38.39
C VAL W 56 -44.23 11.65 -38.15
N GLU W 57 -44.04 12.45 -39.20
CA GLU W 57 -43.28 13.68 -39.08
C GLU W 57 -44.25 14.86 -39.04
N ARG W 58 -45.28 14.79 -39.87
CA ARG W 58 -46.28 15.85 -39.94
C ARG W 58 -47.02 15.83 -38.61
N SER W 59 -46.70 16.80 -37.76
CA SER W 59 -47.33 16.87 -36.46
C SER W 59 -47.65 18.33 -36.13
N SER W 60 -48.79 18.81 -36.61
CA SER W 60 -49.21 20.19 -36.40
C SER W 60 -50.18 20.36 -35.22
N GLY W 61 -50.20 21.55 -34.63
CA GLY W 61 -51.08 21.83 -33.52
C GLY W 61 -51.64 23.24 -33.53
N LYS W 62 -52.20 23.66 -32.40
CA LYS W 62 -52.77 24.99 -32.27
C LYS W 62 -51.68 26.05 -32.35
N PHE W 63 -52.06 27.27 -32.76
CA PHE W 63 -51.10 28.36 -32.88
C PHE W 63 -51.79 29.70 -33.14
N VAL W 64 -51.16 30.79 -32.72
CA VAL W 64 -51.68 32.13 -32.96
C VAL W 64 -50.51 33.07 -33.27
N ARG W 65 -50.67 33.87 -34.32
CA ARG W 65 -49.64 34.81 -34.75
C ARG W 65 -50.20 36.22 -34.95
N ARG W 66 -49.40 37.22 -34.61
CA ARG W 66 -49.82 38.60 -34.76
C ARG W 66 -48.75 39.50 -35.37
N PHE W 67 -49.17 40.42 -36.22
CA PHE W 67 -48.26 41.37 -36.86
C PHE W 67 -48.78 42.79 -36.70
N ARG W 68 -47.88 43.74 -36.45
CA ARG W 68 -48.31 45.11 -36.30
C ARG W 68 -48.22 45.83 -37.64
N LEU W 69 -49.38 46.11 -38.22
CA LEU W 69 -49.45 46.80 -39.50
C LEU W 69 -48.91 48.21 -39.33
N LEU W 70 -48.36 48.78 -40.40
CA LEU W 70 -47.81 50.13 -40.34
C LEU W 70 -48.92 51.16 -40.30
N GLU W 71 -50.09 50.79 -40.80
CA GLU W 71 -51.24 51.69 -40.84
C GLU W 71 -52.53 50.91 -40.56
N ASP W 72 -53.49 51.55 -39.91
CA ASP W 72 -54.76 50.92 -39.64
C ASP W 72 -55.33 50.41 -40.95
N ALA W 73 -55.74 49.15 -40.97
CA ALA W 73 -56.26 48.54 -42.20
C ALA W 73 -57.77 48.70 -42.35
N LYS W 74 -58.21 48.80 -43.60
CA LYS W 74 -59.62 48.91 -43.90
C LYS W 74 -60.12 47.47 -44.00
N VAL W 75 -60.47 46.91 -42.85
CA VAL W 75 -60.92 45.54 -42.75
C VAL W 75 -61.81 44.99 -43.88
N GLU W 76 -62.61 45.83 -44.52
CA GLU W 76 -63.47 45.32 -45.58
C GLU W 76 -62.72 45.12 -46.88
N GLU W 77 -61.48 45.61 -46.91
CA GLU W 77 -60.64 45.49 -48.10
C GLU W 77 -59.61 44.37 -47.99
N VAL W 78 -59.48 43.80 -46.81
CA VAL W 78 -58.54 42.71 -46.57
C VAL W 78 -59.03 41.42 -47.22
N LYS W 79 -58.20 40.83 -48.07
CA LYS W 79 -58.54 39.58 -48.76
C LYS W 79 -57.73 38.42 -48.18
N ALA W 80 -58.38 37.26 -48.03
CA ALA W 80 -57.72 36.07 -47.49
C ALA W 80 -58.12 34.83 -48.27
N GLY W 81 -57.14 34.14 -48.85
CA GLY W 81 -57.43 32.95 -49.61
C GLY W 81 -56.56 31.78 -49.22
N LEU W 82 -57.13 30.59 -49.28
CA LEU W 82 -56.40 29.37 -48.94
C LEU W 82 -56.30 28.52 -50.19
N GLU W 83 -55.08 28.15 -50.57
CA GLU W 83 -54.89 27.35 -51.76
C GLU W 83 -53.57 26.58 -51.76
N ASN W 84 -53.63 25.29 -52.09
CA ASN W 84 -52.45 24.43 -52.11
C ASN W 84 -51.65 24.53 -50.82
N GLY W 85 -52.37 24.51 -49.70
CA GLY W 85 -51.75 24.56 -48.39
C GLY W 85 -51.17 25.89 -47.98
N VAL W 86 -51.35 26.92 -48.80
CA VAL W 86 -50.81 28.25 -48.50
C VAL W 86 -51.87 29.31 -48.26
N LEU W 87 -51.86 29.89 -47.06
CA LEU W 87 -52.80 30.94 -46.72
C LEU W 87 -52.19 32.25 -47.20
N THR W 88 -53.01 33.11 -47.78
CA THR W 88 -52.52 34.39 -48.27
C THR W 88 -53.43 35.50 -47.80
N VAL W 89 -52.84 36.48 -47.12
CA VAL W 89 -53.61 37.60 -46.60
C VAL W 89 -53.07 38.89 -47.22
N THR W 90 -53.89 39.54 -48.03
CA THR W 90 -53.47 40.78 -48.67
C THR W 90 -54.13 41.97 -47.98
N VAL W 91 -53.32 42.95 -47.59
CA VAL W 91 -53.83 44.14 -46.92
C VAL W 91 -53.51 45.38 -47.74
N PRO W 92 -54.52 45.94 -48.44
CA PRO W 92 -54.38 47.13 -49.28
C PRO W 92 -53.94 48.36 -48.50
N LYS W 93 -52.89 49.01 -48.97
CA LYS W 93 -52.42 50.23 -48.32
C LYS W 93 -53.07 51.42 -49.00
N ALA X 1 -39.32 18.24 -46.76
CA ALA X 1 -40.72 17.88 -46.96
C ALA X 1 -41.08 16.84 -45.90
N ARG X 2 -41.99 17.20 -45.00
CA ARG X 2 -42.42 16.30 -43.93
C ARG X 2 -43.35 15.22 -44.46
N MET X 3 -43.04 13.98 -44.13
CA MET X 3 -43.82 12.85 -44.60
C MET X 3 -44.20 11.83 -43.54
N ASP X 4 -45.41 11.30 -43.66
CA ASP X 4 -45.93 10.29 -42.75
C ASP X 4 -45.95 9.00 -43.55
N TRP X 5 -45.82 7.88 -42.85
CA TRP X 5 -45.85 6.57 -43.46
C TRP X 5 -46.77 5.67 -42.63
N LYS X 6 -47.98 5.47 -43.13
CA LYS X 6 -48.98 4.64 -42.49
C LYS X 6 -49.25 3.39 -43.32
N GLU X 7 -49.74 2.34 -42.66
CA GLU X 7 -50.04 1.10 -43.35
C GLU X 7 -51.47 0.67 -43.12
N THR X 8 -52.18 0.41 -44.21
CA THR X 8 -53.56 -0.04 -44.14
C THR X 8 -53.53 -1.52 -44.53
N PRO X 9 -54.63 -2.24 -44.27
CA PRO X 9 -54.63 -3.65 -44.63
C PRO X 9 -54.37 -3.83 -46.13
N GLU X 10 -54.78 -2.82 -46.91
CA GLU X 10 -54.65 -2.86 -48.36
C GLU X 10 -53.36 -2.25 -48.93
N ALA X 11 -52.81 -1.25 -48.27
CA ALA X 11 -51.60 -0.61 -48.79
C ALA X 11 -50.84 0.29 -47.81
N HIS X 12 -49.62 0.62 -48.20
CA HIS X 12 -48.78 1.51 -47.41
C HIS X 12 -49.07 2.89 -47.99
N VAL X 13 -49.45 3.82 -47.12
CA VAL X 13 -49.79 5.17 -47.54
C VAL X 13 -48.79 6.20 -47.05
N PHE X 14 -48.31 7.03 -47.96
CA PHE X 14 -47.36 8.07 -47.63
C PHE X 14 -47.99 9.45 -47.81
N LYS X 15 -47.72 10.35 -46.88
CA LYS X 15 -48.25 11.72 -46.94
C LYS X 15 -47.07 12.68 -46.92
N ALA X 16 -47.19 13.81 -47.62
CA ALA X 16 -46.10 14.78 -47.65
C ALA X 16 -46.64 16.20 -47.68
N ASP X 17 -46.17 17.05 -46.77
CA ASP X 17 -46.59 18.44 -46.75
C ASP X 17 -45.82 19.13 -47.85
N LEU X 18 -46.53 19.68 -48.84
CA LEU X 18 -45.90 20.37 -49.95
C LEU X 18 -46.67 21.65 -50.25
N PRO X 19 -46.84 22.51 -49.24
CA PRO X 19 -47.58 23.75 -49.49
C PRO X 19 -46.96 24.58 -50.62
N GLY X 20 -47.81 25.20 -51.43
CA GLY X 20 -47.35 26.03 -52.52
C GLY X 20 -46.66 25.33 -53.67
N VAL X 21 -46.91 24.04 -53.83
CA VAL X 21 -46.29 23.29 -54.92
C VAL X 21 -47.36 22.78 -55.88
N LYS X 22 -47.21 23.14 -57.16
CA LYS X 22 -48.17 22.69 -58.17
C LYS X 22 -47.75 21.29 -58.63
N LYS X 23 -48.72 20.47 -59.01
CA LYS X 23 -48.44 19.11 -59.45
C LYS X 23 -47.43 19.01 -60.58
N GLU X 24 -47.12 20.13 -61.23
CA GLU X 24 -46.15 20.12 -62.32
C GLU X 24 -44.74 20.24 -61.78
N GLU X 25 -44.62 20.51 -60.49
CA GLU X 25 -43.33 20.67 -59.84
C GLU X 25 -42.96 19.48 -58.96
N VAL X 26 -43.86 18.51 -58.87
CA VAL X 26 -43.64 17.32 -58.07
C VAL X 26 -43.48 16.09 -58.96
N LYS X 27 -42.59 15.19 -58.56
CA LYS X 27 -42.36 13.97 -59.31
C LYS X 27 -42.45 12.78 -58.36
N VAL X 28 -43.22 11.77 -58.75
CA VAL X 28 -43.35 10.56 -57.93
C VAL X 28 -42.87 9.37 -58.74
N GLU X 29 -41.82 8.70 -58.27
CA GLU X 29 -41.29 7.56 -59.00
C GLU X 29 -40.89 6.39 -58.12
N VAL X 30 -40.48 5.32 -58.80
CA VAL X 30 -40.01 4.10 -58.16
C VAL X 30 -38.68 3.76 -58.82
N GLU X 31 -37.59 3.95 -58.09
CA GLU X 31 -36.26 3.67 -58.59
C GLU X 31 -35.82 2.28 -58.15
N ASP X 32 -34.76 1.79 -58.78
CA ASP X 32 -34.18 0.49 -58.47
C ASP X 32 -35.21 -0.61 -58.23
N GLY X 33 -36.39 -0.45 -58.80
CA GLY X 33 -37.43 -1.45 -58.64
C GLY X 33 -38.27 -1.38 -57.38
N ASN X 34 -37.70 -0.90 -56.28
CA ASN X 34 -38.48 -0.83 -55.04
C ASN X 34 -38.21 0.35 -54.14
N VAL X 35 -37.77 1.47 -54.71
CA VAL X 35 -37.51 2.66 -53.90
C VAL X 35 -38.40 3.82 -54.34
N LEU X 36 -39.35 4.18 -53.49
CA LEU X 36 -40.26 5.29 -53.78
C LEU X 36 -39.49 6.61 -53.68
N VAL X 37 -39.55 7.41 -54.73
CA VAL X 37 -38.84 8.69 -54.73
C VAL X 37 -39.79 9.86 -54.98
N VAL X 38 -39.92 10.70 -53.97
CA VAL X 38 -40.78 11.88 -54.06
C VAL X 38 -39.85 13.09 -54.11
N SER X 39 -39.88 13.84 -55.20
CA SER X 39 -39.02 15.00 -55.32
C SER X 39 -39.68 16.10 -56.13
N GLY X 40 -39.12 17.29 -56.02
CA GLY X 40 -39.65 18.44 -56.75
C GLY X 40 -39.02 19.71 -56.22
N GLU X 41 -39.60 20.85 -56.56
CA GLU X 41 -39.05 22.12 -56.12
C GLU X 41 -40.14 23.08 -55.65
N ARG X 42 -39.82 23.82 -54.60
CA ARG X 42 -40.75 24.79 -54.05
C ARG X 42 -40.18 26.11 -54.53
N THR X 43 -40.55 26.50 -55.74
CA THR X 43 -40.06 27.70 -56.38
C THR X 43 -40.11 28.99 -55.55
N LYS X 44 -38.99 29.69 -55.51
CA LYS X 44 -38.89 30.95 -54.78
C LYS X 44 -39.45 32.07 -55.65
N GLU X 45 -40.35 32.85 -55.08
CA GLU X 45 -40.98 33.95 -55.79
C GLU X 45 -40.14 35.21 -55.71
N LYS X 46 -38.96 35.18 -56.33
CA LYS X 46 -38.03 36.31 -56.31
C LYS X 46 -38.62 37.70 -56.48
N GLU X 47 -39.50 37.89 -57.45
CA GLU X 47 -40.15 39.17 -57.68
C GLU X 47 -39.24 40.35 -58.06
N ASP X 48 -39.69 41.56 -57.72
CA ASP X 48 -38.98 42.79 -58.03
C ASP X 48 -38.41 43.52 -56.81
N LYS X 49 -37.51 44.46 -57.09
CA LYS X 49 -36.85 45.25 -56.04
C LYS X 49 -37.76 46.32 -55.44
N ASN X 50 -38.92 46.53 -56.06
CA ASN X 50 -39.86 47.51 -55.54
C ASN X 50 -40.38 46.99 -54.20
N ASP X 51 -40.37 45.67 -54.06
CA ASP X 51 -40.85 45.01 -52.86
C ASP X 51 -39.93 45.16 -51.67
N LYS X 52 -40.47 44.86 -50.49
CA LYS X 52 -39.72 44.98 -49.24
C LYS X 52 -40.12 43.81 -48.34
N TRP X 53 -39.14 43.07 -47.83
CA TRP X 53 -39.44 41.93 -46.97
C TRP X 53 -39.28 42.21 -45.49
N HIS X 54 -40.37 42.05 -44.74
CA HIS X 54 -40.35 42.29 -43.30
C HIS X 54 -40.16 41.01 -42.52
N ARG X 55 -40.49 39.88 -43.13
CA ARG X 55 -40.34 38.61 -42.46
C ARG X 55 -40.27 37.49 -43.49
N VAL X 56 -39.40 36.53 -43.25
CA VAL X 56 -39.24 35.40 -44.17
C VAL X 56 -38.95 34.16 -43.35
N GLU X 57 -39.91 33.23 -43.31
CA GLU X 57 -39.74 31.99 -42.56
C GLU X 57 -39.98 30.78 -43.43
N ARG X 58 -40.67 31.00 -44.55
CA ARG X 58 -40.96 29.90 -45.43
C ARG X 58 -39.77 29.50 -46.29
N SER X 59 -39.55 28.20 -46.43
CA SER X 59 -38.42 27.71 -47.22
C SER X 59 -38.79 27.53 -48.69
N SER X 60 -37.76 27.39 -49.52
CA SER X 60 -37.96 27.19 -50.94
C SER X 60 -36.79 26.36 -51.45
N GLY X 61 -36.90 25.86 -52.67
CA GLY X 61 -35.84 25.06 -53.23
C GLY X 61 -36.24 23.64 -53.52
N LYS X 62 -35.24 22.78 -53.67
CA LYS X 62 -35.47 21.38 -53.98
C LYS X 62 -35.70 20.52 -52.75
N PHE X 63 -36.49 19.46 -52.91
CA PHE X 63 -36.76 18.51 -51.84
C PHE X 63 -36.69 17.10 -52.43
N VAL X 64 -36.21 16.15 -51.64
CA VAL X 64 -36.08 14.77 -52.06
C VAL X 64 -36.41 13.80 -50.93
N ARG X 65 -37.31 12.85 -51.20
CA ARG X 65 -37.66 11.87 -50.18
C ARG X 65 -37.70 10.46 -50.74
N ARG X 66 -37.06 9.54 -50.04
CA ARG X 66 -36.99 8.15 -50.48
C ARG X 66 -37.41 7.12 -49.42
N PHE X 67 -38.26 6.19 -49.81
CA PHE X 67 -38.70 5.13 -48.91
C PHE X 67 -38.50 3.83 -49.66
N ARG X 68 -38.07 2.79 -48.95
CA ARG X 68 -37.87 1.49 -49.59
C ARG X 68 -39.13 0.66 -49.44
N LEU X 69 -39.78 0.39 -50.58
CA LEU X 69 -41.00 -0.41 -50.60
C LEU X 69 -40.64 -1.89 -50.50
N LEU X 70 -41.65 -2.74 -50.39
CA LEU X 70 -41.43 -4.18 -50.30
C LEU X 70 -41.05 -4.76 -51.66
N GLU X 71 -40.16 -5.76 -51.64
CA GLU X 71 -39.73 -6.43 -52.87
C GLU X 71 -40.94 -7.00 -53.61
N ASP X 72 -42.09 -7.03 -52.93
CA ASP X 72 -43.33 -7.54 -53.51
C ASP X 72 -44.46 -6.54 -53.29
N ALA X 73 -44.38 -5.40 -53.97
CA ALA X 73 -45.40 -4.36 -53.85
C ALA X 73 -45.92 -4.04 -55.24
N LYS X 74 -47.19 -3.71 -55.32
CA LYS X 74 -47.82 -3.38 -56.60
C LYS X 74 -47.21 -2.11 -57.20
N VAL X 75 -45.94 -2.19 -57.56
CA VAL X 75 -45.22 -1.05 -58.14
C VAL X 75 -45.94 -0.41 -59.32
N GLU X 76 -46.73 -1.19 -60.06
CA GLU X 76 -47.46 -0.66 -61.20
C GLU X 76 -48.80 -0.09 -60.77
N GLU X 77 -49.16 -0.26 -59.51
CA GLU X 77 -50.44 0.24 -59.00
C GLU X 77 -50.33 1.37 -58.00
N VAL X 78 -49.18 2.03 -57.96
CA VAL X 78 -48.98 3.14 -57.04
C VAL X 78 -49.70 4.38 -57.54
N LYS X 79 -50.51 4.99 -56.67
CA LYS X 79 -51.24 6.19 -57.05
C LYS X 79 -50.63 7.37 -56.30
N ALA X 80 -50.84 8.58 -56.82
CA ALA X 80 -50.31 9.77 -56.20
C ALA X 80 -51.30 10.91 -56.37
N GLY X 81 -51.78 11.44 -55.26
CA GLY X 81 -52.71 12.54 -55.30
C GLY X 81 -52.16 13.75 -54.60
N LEU X 82 -52.55 14.94 -55.06
CA LEU X 82 -52.08 16.18 -54.46
C LEU X 82 -53.24 17.13 -54.24
N GLU X 83 -53.51 17.47 -52.98
CA GLU X 83 -54.61 18.36 -52.65
C GLU X 83 -54.34 19.13 -51.36
N ASN X 84 -54.67 20.41 -51.38
CA ASN X 84 -54.48 21.28 -50.22
C ASN X 84 -53.06 21.21 -49.64
N GLY X 85 -52.07 21.26 -50.52
CA GLY X 85 -50.69 21.23 -50.09
C GLY X 85 -50.21 19.92 -49.49
N VAL X 86 -51.00 18.86 -49.63
CA VAL X 86 -50.60 17.56 -49.10
C VAL X 86 -50.59 16.49 -50.20
N LEU X 87 -49.45 15.82 -50.35
CA LEU X 87 -49.29 14.78 -51.34
C LEU X 87 -49.56 13.42 -50.70
N THR X 88 -50.30 12.57 -51.40
CA THR X 88 -50.61 11.24 -50.88
C THR X 88 -50.24 10.17 -51.90
N VAL X 89 -49.41 9.22 -51.48
CA VAL X 89 -48.99 8.14 -52.36
C VAL X 89 -49.50 6.83 -51.78
N THR X 90 -50.20 6.06 -52.61
CA THR X 90 -50.77 4.79 -52.17
C THR X 90 -50.08 3.61 -52.83
N VAL X 91 -49.31 2.86 -52.05
CA VAL X 91 -48.61 1.71 -52.58
C VAL X 91 -49.33 0.43 -52.18
N PRO X 92 -50.11 -0.16 -53.10
CA PRO X 92 -50.87 -1.39 -52.87
C PRO X 92 -49.98 -2.55 -52.40
N LYS X 93 -50.49 -3.33 -51.46
CA LYS X 93 -49.74 -4.47 -50.94
C LYS X 93 -50.08 -5.73 -51.73
#